data_7KE0
# 
_entry.id   7KE0 
# 
_audit_conform.dict_name       mmcif_pdbx.dic 
_audit_conform.dict_version    5.398 
_audit_conform.dict_location   http://mmcif.pdb.org/dictionaries/ascii/mmcif_pdbx.dic 
# 
loop_
_database_2.database_id 
_database_2.database_code 
_database_2.pdbx_database_accession 
_database_2.pdbx_DOI 
PDB   7KE0         pdb_00007ke0 10.2210/pdb7ke0/pdb 
WWPDB D_1000252285 ?            ?                   
# 
loop_
_pdbx_audit_revision_history.ordinal 
_pdbx_audit_revision_history.data_content_type 
_pdbx_audit_revision_history.major_revision 
_pdbx_audit_revision_history.minor_revision 
_pdbx_audit_revision_history.revision_date 
1 'Structure model' 1 0 2021-09-22 
2 'Structure model' 1 1 2022-04-06 
3 'Structure model' 1 2 2023-10-18 
4 'Structure model' 1 3 2024-11-06 
# 
_pdbx_audit_revision_details.ordinal             1 
_pdbx_audit_revision_details.revision_ordinal    1 
_pdbx_audit_revision_details.data_content_type   'Structure model' 
_pdbx_audit_revision_details.provider            repository 
_pdbx_audit_revision_details.type                'Initial release' 
_pdbx_audit_revision_details.description         ? 
_pdbx_audit_revision_details.details             ? 
# 
loop_
_pdbx_audit_revision_group.ordinal 
_pdbx_audit_revision_group.revision_ordinal 
_pdbx_audit_revision_group.data_content_type 
_pdbx_audit_revision_group.group 
1 2 'Structure model' 'Database references'    
2 3 'Structure model' 'Data collection'        
3 3 'Structure model' 'Refinement description' 
4 3 'Structure model' 'Structure summary'      
5 4 'Structure model' 'Structure summary'      
# 
loop_
_pdbx_audit_revision_category.ordinal 
_pdbx_audit_revision_category.revision_ordinal 
_pdbx_audit_revision_category.data_content_type 
_pdbx_audit_revision_category.category 
1 2 'Structure model' citation                      
2 2 'Structure model' citation_author               
3 3 'Structure model' chem_comp                     
4 3 'Structure model' chem_comp_atom                
5 3 'Structure model' chem_comp_bond                
6 3 'Structure model' pdbx_initial_refinement_model 
7 4 'Structure model' pdbx_entry_details            
8 4 'Structure model' pdbx_modification_feature     
# 
loop_
_pdbx_audit_revision_item.ordinal 
_pdbx_audit_revision_item.revision_ordinal 
_pdbx_audit_revision_item.data_content_type 
_pdbx_audit_revision_item.item 
1  2 'Structure model' '_citation.country'                            
2  2 'Structure model' '_citation.journal_abbrev'                     
3  2 'Structure model' '_citation.journal_id_CSD'                     
4  2 'Structure model' '_citation.journal_id_ISSN'                    
5  2 'Structure model' '_citation.journal_volume'                     
6  2 'Structure model' '_citation.page_first'                         
7  2 'Structure model' '_citation.page_last'                          
8  2 'Structure model' '_citation.pdbx_database_id_DOI'               
9  2 'Structure model' '_citation.pdbx_database_id_PubMed'            
10 2 'Structure model' '_citation.title'                              
11 2 'Structure model' '_citation.year'                               
12 3 'Structure model' '_chem_comp.pdbx_synonyms'                     
13 4 'Structure model' '_pdbx_entry_details.has_protein_modification' 
# 
_pdbx_database_status.status_code                     REL 
_pdbx_database_status.status_code_sf                  REL 
_pdbx_database_status.status_code_mr                  ? 
_pdbx_database_status.entry_id                        7KE0 
_pdbx_database_status.recvd_initial_deposition_date   2020-10-09 
_pdbx_database_status.SG_entry                        N 
_pdbx_database_status.deposit_site                    RCSB 
_pdbx_database_status.process_site                    RCSB 
_pdbx_database_status.status_code_cs                  ? 
_pdbx_database_status.status_code_nmr_data            ? 
_pdbx_database_status.methods_development_category    ? 
_pdbx_database_status.pdb_format_compatible           Y 
# 
loop_
_audit_author.name 
_audit_author.pdbx_ordinal 
_audit_author.identifier_ORCID 
'Lindenberger, J.J.' 1 0000-0003-2044-6715 
'Kvaratskhelia, M.'  2 0000-0003-3800-0033 
# 
_citation.abstract                  ? 
_citation.abstract_id_CAS           ? 
_citation.book_id_ISBN              ? 
_citation.book_publisher            ? 
_citation.book_publisher_city       ? 
_citation.book_title                ? 
_citation.coordinate_linkage        ? 
_citation.country                   US 
_citation.database_id_Medline       ? 
_citation.details                   ? 
_citation.id                        primary 
_citation.journal_abbrev            'Plos Pathog.' 
_citation.journal_id_ASTM           ? 
_citation.journal_id_CSD            ? 
_citation.journal_id_ISSN           1553-7374 
_citation.journal_full              ? 
_citation.journal_issue             ? 
_citation.journal_volume            17 
_citation.language                  ? 
_citation.page_first                e1009671 
_citation.page_last                 e1009671 
_citation.title                     
;A highly potent and safe pyrrolopyridine-based allosteric HIV-1 integrase inhibitor targeting host LEDGF/p75-integrase interaction site.
;
_citation.year                      2021 
_citation.database_id_CSD           ? 
_citation.pdbx_database_id_DOI      10.1371/journal.ppat.1009671 
_citation.pdbx_database_id_PubMed   34293041 
_citation.unpublished_flag          ? 
# 
loop_
_citation_author.citation_id 
_citation_author.name 
_citation_author.ordinal 
_citation_author.identifier_ORCID 
primary 'Maehigashi, T.'    1  0000-0002-9639-2250 
primary 'Ahn, S.'           2  0000-0003-4899-975X 
primary 'Kim, U.I.'         3  ?                   
primary 'Lindenberger, J.'  4  ?                   
primary 'Oo, A.'            5  0000-0002-2469-5391 
primary 'Koneru, P.C.'      6  ?                   
primary 'Mahboubi, B.'      7  ?                   
primary 'Engelman, A.N.'    8  0000-0002-9709-2591 
primary 'Kvaratskhelia, M.' 9  ?                   
primary 'Kim, K.'           10 0000-0002-8271-7640 
primary 'Kim, B.'           11 0000-0001-7986-4335 
# 
loop_
_entity.id 
_entity.type 
_entity.src_method 
_entity.pdbx_description 
_entity.formula_weight 
_entity.pdbx_number_of_molecules 
_entity.pdbx_ec 
_entity.pdbx_mutation 
_entity.pdbx_fragment 
_entity.details 
1 polymer     man Integrase 18443.689 1  2.7.7.49 F185H ? ? 
2 non-polymer nat 
'(2S)-tert-butoxy{4-(4-chlorophenyl)-2,3,6-trimethyl-1-[(1-methyl-1H-pyrazol-4-yl)methyl]-1H-pyrrolo[2,3-b]pyridin-5-yl}acetic acid' 
495.013   1  ?        ?     ? ? 
3 water       nat water 18.015    29 ?        ?     ? ? 
# 
_entity_poly.entity_id                      1 
_entity_poly.type                           'polypeptide(L)' 
_entity_poly.nstd_linkage                   no 
_entity_poly.nstd_monomer                   yes 
_entity_poly.pdbx_seq_one_letter_code       
;GSHMHGQVDCSPGIWQLD(CAF)THLEGKVILVAVHVASGYIEAEVIPAETGQETAYFLLKLAGRWPVKTVHTDNGSNFT
STTVKAA(CAF)WWAGIKQEFGIPYNPQSQGVIESMNKELKKIIGQVRDQAEHLKTAVQMAVFIHNHKRKGGIGGYSAGE
RIVDIIATDIQTKE
;
_entity_poly.pdbx_seq_one_letter_code_can   
;GSHMHGQVDCSPGIWQLDCTHLEGKVILVAVHVASGYIEAEVIPAETGQETAYFLLKLAGRWPVKTVHTDNGSNFTSTTV
KAACWWAGIKQEFGIPYNPQSQGVIESMNKELKKIIGQVRDQAEHLKTAVQMAVFIHNHKRKGGIGGYSAGERIVDIIAT
DIQTKE
;
_entity_poly.pdbx_strand_id                 A 
_entity_poly.pdbx_target_identifier         ? 
# 
loop_
_pdbx_entity_nonpoly.entity_id 
_pdbx_entity_nonpoly.name 
_pdbx_entity_nonpoly.comp_id 
2 
'(2S)-tert-butoxy{4-(4-chlorophenyl)-2,3,6-trimethyl-1-[(1-methyl-1H-pyrazol-4-yl)methyl]-1H-pyrrolo[2,3-b]pyridin-5-yl}acetic acid' 
WBV 
3 water HOH 
# 
loop_
_entity_poly_seq.entity_id 
_entity_poly_seq.num 
_entity_poly_seq.mon_id 
_entity_poly_seq.hetero 
1 1   GLY n 
1 2   SER n 
1 3   HIS n 
1 4   MET n 
1 5   HIS n 
1 6   GLY n 
1 7   GLN n 
1 8   VAL n 
1 9   ASP n 
1 10  CYS n 
1 11  SER n 
1 12  PRO n 
1 13  GLY n 
1 14  ILE n 
1 15  TRP n 
1 16  GLN n 
1 17  LEU n 
1 18  ASP n 
1 19  CAF n 
1 20  THR n 
1 21  HIS n 
1 22  LEU n 
1 23  GLU n 
1 24  GLY n 
1 25  LYS n 
1 26  VAL n 
1 27  ILE n 
1 28  LEU n 
1 29  VAL n 
1 30  ALA n 
1 31  VAL n 
1 32  HIS n 
1 33  VAL n 
1 34  ALA n 
1 35  SER n 
1 36  GLY n 
1 37  TYR n 
1 38  ILE n 
1 39  GLU n 
1 40  ALA n 
1 41  GLU n 
1 42  VAL n 
1 43  ILE n 
1 44  PRO n 
1 45  ALA n 
1 46  GLU n 
1 47  THR n 
1 48  GLY n 
1 49  GLN n 
1 50  GLU n 
1 51  THR n 
1 52  ALA n 
1 53  TYR n 
1 54  PHE n 
1 55  LEU n 
1 56  LEU n 
1 57  LYS n 
1 58  LEU n 
1 59  ALA n 
1 60  GLY n 
1 61  ARG n 
1 62  TRP n 
1 63  PRO n 
1 64  VAL n 
1 65  LYS n 
1 66  THR n 
1 67  VAL n 
1 68  HIS n 
1 69  THR n 
1 70  ASP n 
1 71  ASN n 
1 72  GLY n 
1 73  SER n 
1 74  ASN n 
1 75  PHE n 
1 76  THR n 
1 77  SER n 
1 78  THR n 
1 79  THR n 
1 80  VAL n 
1 81  LYS n 
1 82  ALA n 
1 83  ALA n 
1 84  CAF n 
1 85  TRP n 
1 86  TRP n 
1 87  ALA n 
1 88  GLY n 
1 89  ILE n 
1 90  LYS n 
1 91  GLN n 
1 92  GLU n 
1 93  PHE n 
1 94  GLY n 
1 95  ILE n 
1 96  PRO n 
1 97  TYR n 
1 98  ASN n 
1 99  PRO n 
1 100 GLN n 
1 101 SER n 
1 102 GLN n 
1 103 GLY n 
1 104 VAL n 
1 105 ILE n 
1 106 GLU n 
1 107 SER n 
1 108 MET n 
1 109 ASN n 
1 110 LYS n 
1 111 GLU n 
1 112 LEU n 
1 113 LYS n 
1 114 LYS n 
1 115 ILE n 
1 116 ILE n 
1 117 GLY n 
1 118 GLN n 
1 119 VAL n 
1 120 ARG n 
1 121 ASP n 
1 122 GLN n 
1 123 ALA n 
1 124 GLU n 
1 125 HIS n 
1 126 LEU n 
1 127 LYS n 
1 128 THR n 
1 129 ALA n 
1 130 VAL n 
1 131 GLN n 
1 132 MET n 
1 133 ALA n 
1 134 VAL n 
1 135 PHE n 
1 136 ILE n 
1 137 HIS n 
1 138 ASN n 
1 139 HIS n 
1 140 LYS n 
1 141 ARG n 
1 142 LYS n 
1 143 GLY n 
1 144 GLY n 
1 145 ILE n 
1 146 GLY n 
1 147 GLY n 
1 148 TYR n 
1 149 SER n 
1 150 ALA n 
1 151 GLY n 
1 152 GLU n 
1 153 ARG n 
1 154 ILE n 
1 155 VAL n 
1 156 ASP n 
1 157 ILE n 
1 158 ILE n 
1 159 ALA n 
1 160 THR n 
1 161 ASP n 
1 162 ILE n 
1 163 GLN n 
1 164 THR n 
1 165 LYS n 
1 166 GLU n 
# 
_entity_src_gen.entity_id                          1 
_entity_src_gen.pdbx_src_id                        1 
_entity_src_gen.pdbx_alt_source_flag               sample 
_entity_src_gen.pdbx_seq_type                      'Biological sequence' 
_entity_src_gen.pdbx_beg_seq_num                   1 
_entity_src_gen.pdbx_end_seq_num                   166 
_entity_src_gen.gene_src_common_name               HIV-1 
_entity_src_gen.gene_src_genus                     ? 
_entity_src_gen.pdbx_gene_src_gene                 pol 
_entity_src_gen.gene_src_species                   ? 
_entity_src_gen.gene_src_strain                    ? 
_entity_src_gen.gene_src_tissue                    ? 
_entity_src_gen.gene_src_tissue_fraction           ? 
_entity_src_gen.gene_src_details                   ? 
_entity_src_gen.pdbx_gene_src_fragment             ? 
_entity_src_gen.pdbx_gene_src_scientific_name      'Human immunodeficiency virus 1' 
_entity_src_gen.pdbx_gene_src_ncbi_taxonomy_id     11676 
_entity_src_gen.pdbx_gene_src_variant              ? 
_entity_src_gen.pdbx_gene_src_cell_line            ? 
_entity_src_gen.pdbx_gene_src_atcc                 ? 
_entity_src_gen.pdbx_gene_src_organ                ? 
_entity_src_gen.pdbx_gene_src_organelle            ? 
_entity_src_gen.pdbx_gene_src_cell                 ? 
_entity_src_gen.pdbx_gene_src_cellular_location    ? 
_entity_src_gen.host_org_common_name               ? 
_entity_src_gen.pdbx_host_org_scientific_name      'Escherichia coli BL21' 
_entity_src_gen.pdbx_host_org_ncbi_taxonomy_id     511693 
_entity_src_gen.host_org_genus                     ? 
_entity_src_gen.pdbx_host_org_gene                 ? 
_entity_src_gen.pdbx_host_org_organ                ? 
_entity_src_gen.host_org_species                   ? 
_entity_src_gen.pdbx_host_org_tissue               ? 
_entity_src_gen.pdbx_host_org_tissue_fraction      ? 
_entity_src_gen.pdbx_host_org_strain               ? 
_entity_src_gen.pdbx_host_org_variant              ? 
_entity_src_gen.pdbx_host_org_cell_line            ? 
_entity_src_gen.pdbx_host_org_atcc                 ? 
_entity_src_gen.pdbx_host_org_culture_collection   ? 
_entity_src_gen.pdbx_host_org_cell                 ? 
_entity_src_gen.pdbx_host_org_organelle            ? 
_entity_src_gen.pdbx_host_org_cellular_location    ? 
_entity_src_gen.pdbx_host_org_vector_type          ? 
_entity_src_gen.pdbx_host_org_vector               ? 
_entity_src_gen.host_org_details                   ? 
_entity_src_gen.expression_system_id               ? 
_entity_src_gen.plasmid_name                       ? 
_entity_src_gen.plasmid_details                    ? 
_entity_src_gen.pdbx_description                   ? 
# 
loop_
_chem_comp.id 
_chem_comp.type 
_chem_comp.mon_nstd_flag 
_chem_comp.name 
_chem_comp.pdbx_synonyms 
_chem_comp.formula 
_chem_comp.formula_weight 
ALA 'L-peptide linking' y ALANINE ?                         'C3 H7 N O2'       89.093  
ARG 'L-peptide linking' y ARGININE ?                         'C6 H15 N4 O2 1'   175.209 
ASN 'L-peptide linking' y ASPARAGINE ?                         'C4 H8 N2 O3'      132.118 
ASP 'L-peptide linking' y 'ASPARTIC ACID' ?                         'C4 H7 N O4'       133.103 
CAF 'L-peptide linking' n S-DIMETHYLARSINOYL-CYSTEINE 'CYSTEIN-S-YL CACODYLATE' 'C5 H12 As N O3 S' 241.140 
CYS 'L-peptide linking' y CYSTEINE ?                         'C3 H7 N O2 S'     121.158 
GLN 'L-peptide linking' y GLUTAMINE ?                         'C5 H10 N2 O3'     146.144 
GLU 'L-peptide linking' y 'GLUTAMIC ACID' ?                         'C5 H9 N O4'       147.129 
GLY 'peptide linking'   y GLYCINE ?                         'C2 H5 N O2'       75.067  
HIS 'L-peptide linking' y HISTIDINE ?                         'C6 H10 N3 O2 1'   156.162 
HOH non-polymer         . WATER ?                         'H2 O'             18.015  
ILE 'L-peptide linking' y ISOLEUCINE ?                         'C6 H13 N O2'      131.173 
LEU 'L-peptide linking' y LEUCINE ?                         'C6 H13 N O2'      131.173 
LYS 'L-peptide linking' y LYSINE ?                         'C6 H15 N2 O2 1'   147.195 
MET 'L-peptide linking' y METHIONINE ?                         'C5 H11 N O2 S'    149.211 
PHE 'L-peptide linking' y PHENYLALANINE ?                         'C9 H11 N O2'      165.189 
PRO 'L-peptide linking' y PROLINE ?                         'C5 H9 N O2'       115.130 
SER 'L-peptide linking' y SERINE ?                         'C3 H7 N O3'       105.093 
THR 'L-peptide linking' y THREONINE ?                         'C4 H9 N O3'       119.119 
TRP 'L-peptide linking' y TRYPTOPHAN ?                         'C11 H12 N2 O2'    204.225 
TYR 'L-peptide linking' y TYROSINE ?                         'C9 H11 N O3'      181.189 
VAL 'L-peptide linking' y VALINE ?                         'C5 H11 N O2'      117.146 
WBV non-polymer         . 
'(2S)-tert-butoxy{4-(4-chlorophenyl)-2,3,6-trimethyl-1-[(1-methyl-1H-pyrazol-4-yl)methyl]-1H-pyrrolo[2,3-b]pyridin-5-yl}acetic acid' 
Pirmitegravir             'C27 H31 Cl N4 O3' 495.013 
# 
loop_
_pdbx_poly_seq_scheme.asym_id 
_pdbx_poly_seq_scheme.entity_id 
_pdbx_poly_seq_scheme.seq_id 
_pdbx_poly_seq_scheme.mon_id 
_pdbx_poly_seq_scheme.ndb_seq_num 
_pdbx_poly_seq_scheme.pdb_seq_num 
_pdbx_poly_seq_scheme.auth_seq_num 
_pdbx_poly_seq_scheme.pdb_mon_id 
_pdbx_poly_seq_scheme.auth_mon_id 
_pdbx_poly_seq_scheme.pdb_strand_id 
_pdbx_poly_seq_scheme.pdb_ins_code 
_pdbx_poly_seq_scheme.hetero 
A 1 1   GLY 1   47  ?   ?   ?   A . n 
A 1 2   SER 2   48  ?   ?   ?   A . n 
A 1 3   HIS 3   49  ?   ?   ?   A . n 
A 1 4   MET 4   50  ?   ?   ?   A . n 
A 1 5   HIS 5   51  ?   ?   ?   A . n 
A 1 6   GLY 6   52  ?   ?   ?   A . n 
A 1 7   GLN 7   53  ?   ?   ?   A . n 
A 1 8   VAL 8   54  ?   ?   ?   A . n 
A 1 9   ASP 9   55  ?   ?   ?   A . n 
A 1 10  CYS 10  56  ?   ?   ?   A . n 
A 1 11  SER 11  57  57  SER SER A . n 
A 1 12  PRO 12  58  58  PRO PRO A . n 
A 1 13  GLY 13  59  59  GLY GLY A . n 
A 1 14  ILE 14  60  60  ILE ILE A . n 
A 1 15  TRP 15  61  61  TRP TRP A . n 
A 1 16  GLN 16  62  62  GLN GLN A . n 
A 1 17  LEU 17  63  63  LEU LEU A . n 
A 1 18  ASP 18  64  64  ASP ASP A . n 
A 1 19  CAF 19  65  65  CAF CAF A . n 
A 1 20  THR 20  66  66  THR THR A . n 
A 1 21  HIS 21  67  67  HIS HIS A . n 
A 1 22  LEU 22  68  68  LEU LEU A . n 
A 1 23  GLU 23  69  69  GLU GLU A . n 
A 1 24  GLY 24  70  70  GLY GLY A . n 
A 1 25  LYS 25  71  71  LYS LYS A . n 
A 1 26  VAL 26  72  72  VAL VAL A . n 
A 1 27  ILE 27  73  73  ILE ILE A . n 
A 1 28  LEU 28  74  74  LEU LEU A . n 
A 1 29  VAL 29  75  75  VAL VAL A . n 
A 1 30  ALA 30  76  76  ALA ALA A . n 
A 1 31  VAL 31  77  77  VAL VAL A . n 
A 1 32  HIS 32  78  78  HIS HIS A . n 
A 1 33  VAL 33  79  79  VAL VAL A . n 
A 1 34  ALA 34  80  80  ALA ALA A . n 
A 1 35  SER 35  81  81  SER SER A . n 
A 1 36  GLY 36  82  82  GLY GLY A . n 
A 1 37  TYR 37  83  83  TYR TYR A . n 
A 1 38  ILE 38  84  84  ILE ILE A . n 
A 1 39  GLU 39  85  85  GLU GLU A . n 
A 1 40  ALA 40  86  86  ALA ALA A . n 
A 1 41  GLU 41  87  87  GLU GLU A . n 
A 1 42  VAL 42  88  88  VAL VAL A . n 
A 1 43  ILE 43  89  89  ILE ILE A . n 
A 1 44  PRO 44  90  90  PRO PRO A . n 
A 1 45  ALA 45  91  91  ALA ALA A . n 
A 1 46  GLU 46  92  92  GLU GLU A . n 
A 1 47  THR 47  93  93  THR THR A . n 
A 1 48  GLY 48  94  94  GLY GLY A . n 
A 1 49  GLN 49  95  95  GLN GLN A . n 
A 1 50  GLU 50  96  96  GLU GLU A . n 
A 1 51  THR 51  97  97  THR THR A . n 
A 1 52  ALA 52  98  98  ALA ALA A . n 
A 1 53  TYR 53  99  99  TYR TYR A . n 
A 1 54  PHE 54  100 100 PHE PHE A . n 
A 1 55  LEU 55  101 101 LEU LEU A . n 
A 1 56  LEU 56  102 102 LEU LEU A . n 
A 1 57  LYS 57  103 103 LYS LYS A . n 
A 1 58  LEU 58  104 104 LEU LEU A . n 
A 1 59  ALA 59  105 105 ALA ALA A . n 
A 1 60  GLY 60  106 106 GLY GLY A . n 
A 1 61  ARG 61  107 107 ARG ARG A . n 
A 1 62  TRP 62  108 108 TRP TRP A . n 
A 1 63  PRO 63  109 109 PRO PRO A . n 
A 1 64  VAL 64  110 110 VAL VAL A . n 
A 1 65  LYS 65  111 111 LYS LYS A . n 
A 1 66  THR 66  112 112 THR THR A . n 
A 1 67  VAL 67  113 113 VAL VAL A . n 
A 1 68  HIS 68  114 114 HIS HIS A . n 
A 1 69  THR 69  115 115 THR THR A . n 
A 1 70  ASP 70  116 116 ASP ASP A . n 
A 1 71  ASN 71  117 117 ASN ASN A . n 
A 1 72  GLY 72  118 118 GLY GLY A . n 
A 1 73  SER 73  119 119 SER SER A . n 
A 1 74  ASN 74  120 120 ASN ASN A . n 
A 1 75  PHE 75  121 121 PHE PHE A . n 
A 1 76  THR 76  122 122 THR THR A . n 
A 1 77  SER 77  123 123 SER SER A . n 
A 1 78  THR 78  124 124 THR THR A . n 
A 1 79  THR 79  125 125 THR THR A . n 
A 1 80  VAL 80  126 126 VAL VAL A . n 
A 1 81  LYS 81  127 127 LYS LYS A . n 
A 1 82  ALA 82  128 128 ALA ALA A . n 
A 1 83  ALA 83  129 129 ALA ALA A . n 
A 1 84  CAF 84  130 130 CAF CAF A . n 
A 1 85  TRP 85  131 131 TRP TRP A . n 
A 1 86  TRP 86  132 132 TRP TRP A . n 
A 1 87  ALA 87  133 133 ALA ALA A . n 
A 1 88  GLY 88  134 134 GLY GLY A . n 
A 1 89  ILE 89  135 135 ILE ILE A . n 
A 1 90  LYS 90  136 136 LYS LYS A . n 
A 1 91  GLN 91  137 137 GLN GLN A . n 
A 1 92  GLU 92  138 138 GLU GLU A . n 
A 1 93  PHE 93  139 ?   ?   ?   A . n 
A 1 94  GLY 94  140 ?   ?   ?   A . n 
A 1 95  ILE 95  141 ?   ?   ?   A . n 
A 1 96  PRO 96  142 ?   ?   ?   A . n 
A 1 97  TYR 97  143 ?   ?   ?   A . n 
A 1 98  ASN 98  144 ?   ?   ?   A . n 
A 1 99  PRO 99  145 ?   ?   ?   A . n 
A 1 100 GLN 100 146 ?   ?   ?   A . n 
A 1 101 SER 101 147 ?   ?   ?   A . n 
A 1 102 GLN 102 148 ?   ?   ?   A . n 
A 1 103 GLY 103 149 ?   ?   ?   A . n 
A 1 104 VAL 104 150 ?   ?   ?   A . n 
A 1 105 ILE 105 151 ?   ?   ?   A . n 
A 1 106 GLU 106 152 ?   ?   ?   A . n 
A 1 107 SER 107 153 153 SER SER A . n 
A 1 108 MET 108 154 154 MET MET A . n 
A 1 109 ASN 109 155 155 ASN ASN A . n 
A 1 110 LYS 110 156 156 LYS LYS A . n 
A 1 111 GLU 111 157 157 GLU GLU A . n 
A 1 112 LEU 112 158 158 LEU LEU A . n 
A 1 113 LYS 113 159 159 LYS LYS A . n 
A 1 114 LYS 114 160 160 LYS LYS A . n 
A 1 115 ILE 115 161 161 ILE ILE A . n 
A 1 116 ILE 116 162 162 ILE ILE A . n 
A 1 117 GLY 117 163 163 GLY GLY A . n 
A 1 118 GLN 118 164 164 GLN GLN A . n 
A 1 119 VAL 119 165 165 VAL VAL A . n 
A 1 120 ARG 120 166 166 ARG ARG A . n 
A 1 121 ASP 121 167 167 ASP ASP A . n 
A 1 122 GLN 122 168 168 GLN GLN A . n 
A 1 123 ALA 123 169 169 ALA ALA A . n 
A 1 124 GLU 124 170 170 GLU GLU A . n 
A 1 125 HIS 125 171 171 HIS HIS A . n 
A 1 126 LEU 126 172 172 LEU LEU A . n 
A 1 127 LYS 127 173 173 LYS LYS A . n 
A 1 128 THR 128 174 174 THR THR A . n 
A 1 129 ALA 129 175 175 ALA ALA A . n 
A 1 130 VAL 130 176 176 VAL VAL A . n 
A 1 131 GLN 131 177 177 GLN GLN A . n 
A 1 132 MET 132 178 178 MET MET A . n 
A 1 133 ALA 133 179 179 ALA ALA A . n 
A 1 134 VAL 134 180 180 VAL VAL A . n 
A 1 135 PHE 135 181 181 PHE PHE A . n 
A 1 136 ILE 136 182 182 ILE ILE A . n 
A 1 137 HIS 137 183 183 HIS HIS A . n 
A 1 138 ASN 138 184 184 ASN ASN A . n 
A 1 139 HIS 139 185 185 HIS HIS A . n 
A 1 140 LYS 140 186 186 LYS LYS A . n 
A 1 141 ARG 141 187 187 ARG ARG A . n 
A 1 142 LYS 142 188 ?   ?   ?   A . n 
A 1 143 GLY 143 189 ?   ?   ?   A . n 
A 1 144 GLY 144 190 ?   ?   ?   A . n 
A 1 145 ILE 145 191 ?   ?   ?   A . n 
A 1 146 GLY 146 192 ?   ?   ?   A . n 
A 1 147 GLY 147 193 193 GLY GLY A . n 
A 1 148 TYR 148 194 194 TYR TYR A . n 
A 1 149 SER 149 195 195 SER SER A . n 
A 1 150 ALA 150 196 196 ALA ALA A . n 
A 1 151 GLY 151 197 197 GLY GLY A . n 
A 1 152 GLU 152 198 198 GLU GLU A . n 
A 1 153 ARG 153 199 199 ARG ARG A . n 
A 1 154 ILE 154 200 200 ILE ILE A . n 
A 1 155 VAL 155 201 201 VAL VAL A . n 
A 1 156 ASP 156 202 202 ASP ASP A . n 
A 1 157 ILE 157 203 203 ILE ILE A . n 
A 1 158 ILE 158 204 204 ILE ILE A . n 
A 1 159 ALA 159 205 205 ALA ALA A . n 
A 1 160 THR 160 206 206 THR THR A . n 
A 1 161 ASP 161 207 207 ASP ASP A . n 
A 1 162 ILE 162 208 ?   ?   ?   A . n 
A 1 163 GLN 163 209 ?   ?   ?   A . n 
A 1 164 THR 164 210 ?   ?   ?   A . n 
A 1 165 LYS 165 211 ?   ?   ?   A . n 
A 1 166 GLU 166 212 ?   ?   ?   A . n 
# 
_pdbx_entity_instance_feature.ordinal        1 
_pdbx_entity_instance_feature.comp_id        WBV 
_pdbx_entity_instance_feature.asym_id        ? 
_pdbx_entity_instance_feature.seq_num        ? 
_pdbx_entity_instance_feature.auth_comp_id   WBV 
_pdbx_entity_instance_feature.auth_asym_id   ? 
_pdbx_entity_instance_feature.auth_seq_num   ? 
_pdbx_entity_instance_feature.feature_type   'SUBJECT OF INVESTIGATION' 
_pdbx_entity_instance_feature.details        ? 
# 
loop_
_pdbx_nonpoly_scheme.asym_id 
_pdbx_nonpoly_scheme.entity_id 
_pdbx_nonpoly_scheme.mon_id 
_pdbx_nonpoly_scheme.ndb_seq_num 
_pdbx_nonpoly_scheme.pdb_seq_num 
_pdbx_nonpoly_scheme.auth_seq_num 
_pdbx_nonpoly_scheme.pdb_mon_id 
_pdbx_nonpoly_scheme.auth_mon_id 
_pdbx_nonpoly_scheme.pdb_strand_id 
_pdbx_nonpoly_scheme.pdb_ins_code 
B 2 WBV 1  301 210 WBV DRG A . 
C 3 HOH 1  401 8   HOH HOH A . 
C 3 HOH 2  402 19  HOH HOH A . 
C 3 HOH 3  403 21  HOH HOH A . 
C 3 HOH 4  404 20  HOH HOH A . 
C 3 HOH 5  405 9   HOH HOH A . 
C 3 HOH 6  406 29  HOH HOH A . 
C 3 HOH 7  407 2   HOH HOH A . 
C 3 HOH 8  408 4   HOH HOH A . 
C 3 HOH 9  409 22  HOH HOH A . 
C 3 HOH 10 410 28  HOH HOH A . 
C 3 HOH 11 411 11  HOH HOH A . 
C 3 HOH 12 412 7   HOH HOH A . 
C 3 HOH 13 413 15  HOH HOH A . 
C 3 HOH 14 414 6   HOH HOH A . 
C 3 HOH 15 415 30  HOH HOH A . 
C 3 HOH 16 416 17  HOH HOH A . 
C 3 HOH 17 417 1   HOH HOH A . 
C 3 HOH 18 418 10  HOH HOH A . 
C 3 HOH 19 419 3   HOH HOH A . 
C 3 HOH 20 420 18  HOH HOH A . 
C 3 HOH 21 421 25  HOH HOH A . 
C 3 HOH 22 422 14  HOH HOH A . 
C 3 HOH 23 423 26  HOH HOH A . 
C 3 HOH 24 424 32  HOH HOH A . 
C 3 HOH 25 425 16  HOH HOH A . 
C 3 HOH 26 426 24  HOH HOH A . 
C 3 HOH 27 427 23  HOH HOH A . 
C 3 HOH 28 428 31  HOH HOH A . 
C 3 HOH 29 429 27  HOH HOH A . 
# 
loop_
_software.citation_id 
_software.classification 
_software.compiler_name 
_software.compiler_version 
_software.contact_author 
_software.contact_author_email 
_software.date 
_software.description 
_software.dependencies 
_software.hardware 
_software.language 
_software.location 
_software.mods 
_software.name 
_software.os 
_software.os_version 
_software.type 
_software.version 
_software.pdbx_ordinal 
? refinement       ? ? ? ? ? ? ? ? ? ? ? PHENIX    ? ? ? 1.14_3260   1 
? 'data reduction' ? ? ? ? ? ? ? ? ? ? ? HKL-3000  ? ? ? 1.10.1_2155 2 
? 'data scaling'   ? ? ? ? ? ? ? ? ? ? ? SCALEPACK ? ? ? .           3 
? phasing          ? ? ? ? ? ? ? ? ? ? ? PHASER    ? ? ? .           4 
# 
_cell.angle_alpha                  90.000 
_cell.angle_alpha_esd              ? 
_cell.angle_beta                   90.000 
_cell.angle_beta_esd               ? 
_cell.angle_gamma                  120.000 
_cell.angle_gamma_esd              ? 
_cell.entry_id                     7KE0 
_cell.details                      ? 
_cell.formula_units_Z              ? 
_cell.length_a                     71.932 
_cell.length_a_esd                 ? 
_cell.length_b                     71.932 
_cell.length_b_esd                 ? 
_cell.length_c                     65.870 
_cell.length_c_esd                 ? 
_cell.volume                       295163.442 
_cell.volume_esd                   ? 
_cell.Z_PDB                        6 
_cell.reciprocal_angle_alpha       ? 
_cell.reciprocal_angle_beta        ? 
_cell.reciprocal_angle_gamma       ? 
_cell.reciprocal_angle_alpha_esd   ? 
_cell.reciprocal_angle_beta_esd    ? 
_cell.reciprocal_angle_gamma_esd   ? 
_cell.reciprocal_length_a          ? 
_cell.reciprocal_length_b          ? 
_cell.reciprocal_length_c          ? 
_cell.reciprocal_length_a_esd      ? 
_cell.reciprocal_length_b_esd      ? 
_cell.reciprocal_length_c_esd      ? 
_cell.pdbx_unique_axis             ? 
# 
_symmetry.entry_id                         7KE0 
_symmetry.cell_setting                     ? 
_symmetry.Int_Tables_number                152 
_symmetry.space_group_name_Hall            
;P 31 2"
;
_symmetry.space_group_name_H-M             'P 31 2 1' 
_symmetry.pdbx_full_space_group_name_H-M   ? 
# 
_exptl.absorpt_coefficient_mu     ? 
_exptl.absorpt_correction_T_max   ? 
_exptl.absorpt_correction_T_min   ? 
_exptl.absorpt_correction_type    ? 
_exptl.absorpt_process_details    ? 
_exptl.entry_id                   7KE0 
_exptl.crystals_number            1 
_exptl.details                    ? 
_exptl.method                     'X-RAY DIFFRACTION' 
_exptl.method_details             ? 
# 
_exptl_crystal.colour                      ? 
_exptl_crystal.density_diffrn              ? 
_exptl_crystal.density_Matthews            2.67 
_exptl_crystal.density_method              ? 
_exptl_crystal.density_percent_sol         53.89 
_exptl_crystal.description                 ? 
_exptl_crystal.F_000                       ? 
_exptl_crystal.id                          1 
_exptl_crystal.preparation                 ? 
_exptl_crystal.size_max                    ? 
_exptl_crystal.size_mid                    ? 
_exptl_crystal.size_min                    ? 
_exptl_crystal.size_rad                    ? 
_exptl_crystal.colour_lustre               ? 
_exptl_crystal.colour_modifier             ? 
_exptl_crystal.colour_primary              ? 
_exptl_crystal.density_meas                ? 
_exptl_crystal.density_meas_esd            ? 
_exptl_crystal.density_meas_gt             ? 
_exptl_crystal.density_meas_lt             ? 
_exptl_crystal.density_meas_temp           ? 
_exptl_crystal.density_meas_temp_esd       ? 
_exptl_crystal.density_meas_temp_gt        ? 
_exptl_crystal.density_meas_temp_lt        ? 
_exptl_crystal.pdbx_crystal_image_url      ? 
_exptl_crystal.pdbx_crystal_image_format   ? 
_exptl_crystal.pdbx_mosaicity              ? 
_exptl_crystal.pdbx_mosaicity_esd          ? 
# 
_exptl_crystal_grow.apparatus       ? 
_exptl_crystal_grow.atmosphere      ? 
_exptl_crystal_grow.crystal_id      1 
_exptl_crystal_grow.details         ? 
_exptl_crystal_grow.method          'VAPOR DIFFUSION, HANGING DROP' 
_exptl_crystal_grow.method_ref      ? 
_exptl_crystal_grow.pH              6.5 
_exptl_crystal_grow.pressure        ? 
_exptl_crystal_grow.pressure_esd    ? 
_exptl_crystal_grow.seeding         ? 
_exptl_crystal_grow.seeding_ref     ? 
_exptl_crystal_grow.temp            277 
_exptl_crystal_grow.temp_details    ? 
_exptl_crystal_grow.temp_esd        ? 
_exptl_crystal_grow.time            ? 
_exptl_crystal_grow.pdbx_details    '0.1 M sodiuim cacodylate trihydrate, 0.1 M ammonium sulfate, 10% PEG8000' 
_exptl_crystal_grow.pdbx_pH_range   ? 
# 
_diffrn.ambient_environment              ? 
_diffrn.ambient_temp                     100 
_diffrn.ambient_temp_details             ? 
_diffrn.ambient_temp_esd                 ? 
_diffrn.crystal_id                       1 
_diffrn.crystal_support                  ? 
_diffrn.crystal_treatment                ? 
_diffrn.details                          ? 
_diffrn.id                               1 
_diffrn.ambient_pressure                 ? 
_diffrn.ambient_pressure_esd             ? 
_diffrn.ambient_pressure_gt              ? 
_diffrn.ambient_pressure_lt              ? 
_diffrn.ambient_temp_gt                  ? 
_diffrn.ambient_temp_lt                  ? 
_diffrn.pdbx_serial_crystal_experiment   N 
# 
_diffrn_detector.details                      ? 
_diffrn_detector.detector                     PIXEL 
_diffrn_detector.diffrn_id                    1 
_diffrn_detector.type                         'DECTRIS PILATUS 200K' 
_diffrn_detector.area_resol_mean              ? 
_diffrn_detector.dtime                        ? 
_diffrn_detector.pdbx_frames_total            ? 
_diffrn_detector.pdbx_collection_time_total   ? 
_diffrn_detector.pdbx_collection_date         2018-10-04 
_diffrn_detector.pdbx_frequency               ? 
# 
_diffrn_radiation.collimation                      ? 
_diffrn_radiation.diffrn_id                        1 
_diffrn_radiation.filter_edge                      ? 
_diffrn_radiation.inhomogeneity                    ? 
_diffrn_radiation.monochromator                    ? 
_diffrn_radiation.polarisn_norm                    ? 
_diffrn_radiation.polarisn_ratio                   ? 
_diffrn_radiation.probe                            ? 
_diffrn_radiation.type                             ? 
_diffrn_radiation.xray_symbol                      ? 
_diffrn_radiation.wavelength_id                    1 
_diffrn_radiation.pdbx_monochromatic_or_laue_m_l   M 
_diffrn_radiation.pdbx_wavelength_list             ? 
_diffrn_radiation.pdbx_wavelength                  ? 
_diffrn_radiation.pdbx_diffrn_protocol             'SINGLE WAVELENGTH' 
_diffrn_radiation.pdbx_analyzer                    ? 
_diffrn_radiation.pdbx_scattering_type             x-ray 
# 
_diffrn_radiation_wavelength.id           1 
_diffrn_radiation_wavelength.wavelength   1.54178 
_diffrn_radiation_wavelength.wt           1.0 
# 
_diffrn_source.current                     ? 
_diffrn_source.details                     ? 
_diffrn_source.diffrn_id                   1 
_diffrn_source.power                       ? 
_diffrn_source.size                        ? 
_diffrn_source.source                      'ROTATING ANODE' 
_diffrn_source.target                      ? 
_diffrn_source.type                        'RIGAKU MICROMAX-007 HF' 
_diffrn_source.voltage                     ? 
_diffrn_source.take-off_angle              ? 
_diffrn_source.pdbx_wavelength_list        1.54178 
_diffrn_source.pdbx_wavelength             ? 
_diffrn_source.pdbx_synchrotron_beamline   ? 
_diffrn_source.pdbx_synchrotron_site       ? 
# 
_reflns.B_iso_Wilson_estimate            34.83 
_reflns.entry_id                         7KE0 
_reflns.data_reduction_details           ? 
_reflns.data_reduction_method            ? 
_reflns.d_resolution_high                2.187 
_reflns.d_resolution_low                 24.00 
_reflns.details                          ? 
_reflns.limit_h_max                      ? 
_reflns.limit_h_min                      ? 
_reflns.limit_k_max                      ? 
_reflns.limit_k_min                      ? 
_reflns.limit_l_max                      ? 
_reflns.limit_l_min                      ? 
_reflns.number_all                       ? 
_reflns.number_obs                       17510 
_reflns.observed_criterion               ? 
_reflns.observed_criterion_F_max         ? 
_reflns.observed_criterion_F_min         ? 
_reflns.observed_criterion_I_max         ? 
_reflns.observed_criterion_I_min         ? 
_reflns.observed_criterion_sigma_F       ? 
_reflns.observed_criterion_sigma_I       ? 
_reflns.percent_possible_obs             99.7 
_reflns.R_free_details                   ? 
_reflns.Rmerge_F_all                     ? 
_reflns.Rmerge_F_obs                     ? 
_reflns.Friedel_coverage                 ? 
_reflns.number_gt                        ? 
_reflns.threshold_expression             ? 
_reflns.pdbx_redundancy                  8.8 
_reflns.pdbx_Rmerge_I_obs                ? 
_reflns.pdbx_Rmerge_I_all                ? 
_reflns.pdbx_Rsym_value                  ? 
_reflns.pdbx_netI_over_av_sigmaI         ? 
_reflns.pdbx_netI_over_sigmaI            22.0 
_reflns.pdbx_res_netI_over_av_sigmaI_2   ? 
_reflns.pdbx_res_netI_over_sigmaI_2      ? 
_reflns.pdbx_chi_squared                 ? 
_reflns.pdbx_scaling_rejects             ? 
_reflns.pdbx_d_res_high_opt              ? 
_reflns.pdbx_d_res_low_opt               ? 
_reflns.pdbx_d_res_opt_method            ? 
_reflns.phase_calculation_details        ? 
_reflns.pdbx_Rrim_I_all                  0.103 
_reflns.pdbx_Rpim_I_all                  0.034 
_reflns.pdbx_d_opt                       ? 
_reflns.pdbx_number_measured_all         ? 
_reflns.pdbx_diffrn_id                   1 
_reflns.pdbx_ordinal                     1 
_reflns.pdbx_CC_half                     ? 
_reflns.pdbx_CC_star                     ? 
_reflns.pdbx_R_split                     ? 
# 
_reflns_shell.d_res_high                  2.187 
_reflns_shell.d_res_low                   2.28 
_reflns_shell.meanI_over_sigI_all         ? 
_reflns_shell.meanI_over_sigI_obs         ? 
_reflns_shell.number_measured_all         ? 
_reflns_shell.number_measured_obs         ? 
_reflns_shell.number_possible             ? 
_reflns_shell.number_unique_all           ? 
_reflns_shell.number_unique_obs           1029 
_reflns_shell.percent_possible_all        ? 
_reflns_shell.percent_possible_obs        ? 
_reflns_shell.Rmerge_F_all                ? 
_reflns_shell.Rmerge_F_obs                ? 
_reflns_shell.Rmerge_I_all                ? 
_reflns_shell.Rmerge_I_obs                ? 
_reflns_shell.meanI_over_sigI_gt          ? 
_reflns_shell.meanI_over_uI_all           ? 
_reflns_shell.meanI_over_uI_gt            ? 
_reflns_shell.number_measured_gt          ? 
_reflns_shell.number_unique_gt            ? 
_reflns_shell.percent_possible_gt         ? 
_reflns_shell.Rmerge_F_gt                 ? 
_reflns_shell.Rmerge_I_gt                 ? 
_reflns_shell.pdbx_redundancy             ? 
_reflns_shell.pdbx_Rsym_value             ? 
_reflns_shell.pdbx_chi_squared            ? 
_reflns_shell.pdbx_netI_over_sigmaI_all   ? 
_reflns_shell.pdbx_netI_over_sigmaI_obs   ? 
_reflns_shell.pdbx_Rrim_I_all             ? 
_reflns_shell.pdbx_Rpim_I_all             ? 
_reflns_shell.pdbx_rejects                ? 
_reflns_shell.pdbx_ordinal                1 
_reflns_shell.pdbx_diffrn_id              1 
_reflns_shell.pdbx_CC_half                0.918 
_reflns_shell.pdbx_CC_star                ? 
_reflns_shell.pdbx_R_split                ? 
# 
_refine.aniso_B[1][1]                            ? 
_refine.aniso_B[1][2]                            ? 
_refine.aniso_B[1][3]                            ? 
_refine.aniso_B[2][2]                            ? 
_refine.aniso_B[2][3]                            ? 
_refine.aniso_B[3][3]                            ? 
_refine.B_iso_max                                ? 
_refine.B_iso_mean                               38.00 
_refine.B_iso_min                                ? 
_refine.correlation_coeff_Fo_to_Fc               ? 
_refine.correlation_coeff_Fo_to_Fc_free          ? 
_refine.details                                  ? 
_refine.diff_density_max                         ? 
_refine.diff_density_max_esd                     ? 
_refine.diff_density_min                         ? 
_refine.diff_density_min_esd                     ? 
_refine.diff_density_rms                         ? 
_refine.diff_density_rms_esd                     ? 
_refine.entry_id                                 7KE0 
_refine.pdbx_refine_id                           'X-RAY DIFFRACTION' 
_refine.ls_abs_structure_details                 ? 
_refine.ls_abs_structure_Flack                   ? 
_refine.ls_abs_structure_Flack_esd               ? 
_refine.ls_abs_structure_Rogers                  ? 
_refine.ls_abs_structure_Rogers_esd              ? 
_refine.ls_d_res_high                            2.19 
_refine.ls_d_res_low                             23.55 
_refine.ls_extinction_coef                       ? 
_refine.ls_extinction_coef_esd                   ? 
_refine.ls_extinction_expression                 ? 
_refine.ls_extinction_method                     ? 
_refine.ls_goodness_of_fit_all                   ? 
_refine.ls_goodness_of_fit_all_esd               ? 
_refine.ls_goodness_of_fit_obs                   ? 
_refine.ls_goodness_of_fit_obs_esd               ? 
_refine.ls_hydrogen_treatment                    ? 
_refine.ls_matrix_type                           ? 
_refine.ls_number_constraints                    ? 
_refine.ls_number_parameters                     ? 
_refine.ls_number_reflns_all                     ? 
_refine.ls_number_reflns_obs                     17510 
_refine.ls_number_reflns_R_free                  1719 
_refine.ls_number_reflns_R_work                  15791 
_refine.ls_number_restraints                     ? 
_refine.ls_percent_reflns_obs                    89.00 
_refine.ls_percent_reflns_R_free                 9.82 
_refine.ls_R_factor_all                          ? 
_refine.ls_R_factor_obs                          0.2522 
_refine.ls_R_factor_R_free                       0.2690 
_refine.ls_R_factor_R_free_error                 ? 
_refine.ls_R_factor_R_free_error_details         ? 
_refine.ls_R_factor_R_work                       0.2503 
_refine.ls_R_Fsqd_factor_obs                     ? 
_refine.ls_R_I_factor_obs                        ? 
_refine.ls_redundancy_reflns_all                 ? 
_refine.ls_redundancy_reflns_obs                 ? 
_refine.ls_restrained_S_all                      ? 
_refine.ls_restrained_S_obs                      ? 
_refine.ls_shift_over_esd_max                    ? 
_refine.ls_shift_over_esd_mean                   ? 
_refine.ls_structure_factor_coef                 ? 
_refine.ls_weighting_details                     ? 
_refine.ls_weighting_scheme                      ? 
_refine.ls_wR_factor_all                         ? 
_refine.ls_wR_factor_obs                         ? 
_refine.ls_wR_factor_R_free                      ? 
_refine.ls_wR_factor_R_work                      ? 
_refine.occupancy_max                            ? 
_refine.occupancy_min                            ? 
_refine.solvent_model_details                    'FLAT BULK SOLVENT MODEL' 
_refine.solvent_model_param_bsol                 ? 
_refine.solvent_model_param_ksol                 ? 
_refine.pdbx_R_complete                          ? 
_refine.ls_R_factor_gt                           ? 
_refine.ls_goodness_of_fit_gt                    ? 
_refine.ls_goodness_of_fit_ref                   ? 
_refine.ls_shift_over_su_max                     ? 
_refine.ls_shift_over_su_max_lt                  ? 
_refine.ls_shift_over_su_mean                    ? 
_refine.ls_shift_over_su_mean_lt                 ? 
_refine.pdbx_ls_sigma_I                          ? 
_refine.pdbx_ls_sigma_F                          1.33 
_refine.pdbx_ls_sigma_Fsqd                       ? 
_refine.pdbx_data_cutoff_high_absF               ? 
_refine.pdbx_data_cutoff_high_rms_absF           ? 
_refine.pdbx_data_cutoff_low_absF                ? 
_refine.pdbx_isotropic_thermal_model             ? 
_refine.pdbx_ls_cross_valid_method               'FREE R-VALUE' 
_refine.pdbx_method_to_determine_struct          'MOLECULAR REPLACEMENT' 
_refine.pdbx_starting_model                      'PDB entry 6EB2' 
_refine.pdbx_stereochemistry_target_values       'CDL v1.2' 
_refine.pdbx_R_Free_selection_details            ? 
_refine.pdbx_stereochem_target_val_spec_case     ? 
_refine.pdbx_overall_ESU_R                       ? 
_refine.pdbx_overall_ESU_R_Free                  ? 
_refine.pdbx_solvent_vdw_probe_radii             1.1100 
_refine.pdbx_solvent_ion_probe_radii             ? 
_refine.pdbx_solvent_shrinkage_radii             0.9000 
_refine.pdbx_real_space_R                        ? 
_refine.pdbx_density_correlation                 ? 
_refine.pdbx_pd_number_of_powder_patterns        ? 
_refine.pdbx_pd_number_of_points                 ? 
_refine.pdbx_pd_meas_number_of_points            ? 
_refine.pdbx_pd_proc_ls_prof_R_factor            ? 
_refine.pdbx_pd_proc_ls_prof_wR_factor           ? 
_refine.pdbx_pd_Marquardt_correlation_coeff      ? 
_refine.pdbx_pd_Fsqrd_R_factor                   ? 
_refine.pdbx_pd_ls_matrix_band_width             ? 
_refine.pdbx_overall_phase_error                 31.8475 
_refine.pdbx_overall_SU_R_free_Cruickshank_DPI   ? 
_refine.pdbx_overall_SU_R_free_Blow_DPI          ? 
_refine.pdbx_overall_SU_R_Blow_DPI               ? 
_refine.pdbx_TLS_residual_ADP_flag               ? 
_refine.pdbx_diffrn_id                           1 
_refine.overall_SU_B                             ? 
_refine.overall_SU_ML                            0.3547 
_refine.overall_SU_R_Cruickshank_DPI             ? 
_refine.overall_SU_R_free                        ? 
_refine.overall_FOM_free_R_set                   ? 
_refine.overall_FOM_work_R_set                   ? 
_refine.pdbx_average_fsc_overall                 ? 
_refine.pdbx_average_fsc_work                    ? 
_refine.pdbx_average_fsc_free                    ? 
# 
_refine_hist.pdbx_refine_id                   'X-RAY DIFFRACTION' 
_refine_hist.cycle_id                         LAST 
_refine_hist.details                          ? 
_refine_hist.d_res_high                       2.19 
_refine_hist.d_res_low                        23.55 
_refine_hist.number_atoms_solvent             29 
_refine_hist.number_atoms_total               1099 
_refine_hist.number_reflns_all                ? 
_refine_hist.number_reflns_obs                ? 
_refine_hist.number_reflns_R_free             ? 
_refine_hist.number_reflns_R_work             ? 
_refine_hist.R_factor_all                     ? 
_refine_hist.R_factor_obs                     ? 
_refine_hist.R_factor_R_free                  ? 
_refine_hist.R_factor_R_work                  ? 
_refine_hist.pdbx_number_residues_total       ? 
_refine_hist.pdbx_B_iso_mean_ligand           ? 
_refine_hist.pdbx_B_iso_mean_solvent          ? 
_refine_hist.pdbx_number_atoms_protein        1035 
_refine_hist.pdbx_number_atoms_nucleic_acid   0 
_refine_hist.pdbx_number_atoms_ligand         35 
_refine_hist.pdbx_number_atoms_lipid          ? 
_refine_hist.pdbx_number_atoms_carb           ? 
_refine_hist.pdbx_pseudo_atom_details         ? 
# 
loop_
_refine_ls_restr.pdbx_refine_id 
_refine_ls_restr.criterion 
_refine_ls_restr.dev_ideal 
_refine_ls_restr.dev_ideal_target 
_refine_ls_restr.number 
_refine_ls_restr.rejects 
_refine_ls_restr.type 
_refine_ls_restr.weight 
_refine_ls_restr.pdbx_restraint_function 
'X-RAY DIFFRACTION' ? 0.0030 ? 1093 ? f_bond_d           ? ? 
'X-RAY DIFFRACTION' ? 0.6551 ? 1489 ? f_angle_d          ? ? 
'X-RAY DIFFRACTION' ? 0.0421 ? 164  ? f_chiral_restr     ? ? 
'X-RAY DIFFRACTION' ? 0.0021 ? 180  ? f_plane_restr      ? ? 
'X-RAY DIFFRACTION' ? 3.5823 ? 618  ? f_dihedral_angle_d ? ? 
# 
loop_
_refine_ls_shell.pdbx_refine_id 
_refine_ls_shell.d_res_high 
_refine_ls_shell.d_res_low 
_refine_ls_shell.number_reflns_all 
_refine_ls_shell.number_reflns_obs 
_refine_ls_shell.number_reflns_R_free 
_refine_ls_shell.number_reflns_R_work 
_refine_ls_shell.percent_reflns_obs 
_refine_ls_shell.percent_reflns_R_free 
_refine_ls_shell.R_factor_all 
_refine_ls_shell.R_factor_obs 
_refine_ls_shell.R_factor_R_free 
_refine_ls_shell.R_factor_R_free_error 
_refine_ls_shell.R_factor_R_work 
_refine_ls_shell.redundancy_reflns_all 
_refine_ls_shell.redundancy_reflns_obs 
_refine_ls_shell.wR_factor_all 
_refine_ls_shell.wR_factor_obs 
_refine_ls_shell.wR_factor_R_free 
_refine_ls_shell.wR_factor_R_work 
_refine_ls_shell.pdbx_R_complete 
_refine_ls_shell.pdbx_total_number_of_bins_used 
_refine_ls_shell.pdbx_phase_error 
_refine_ls_shell.pdbx_fsc_work 
_refine_ls_shell.pdbx_fsc_free 
'X-RAY DIFFRACTION' 2.19 2.25  . . 92  994  67.62 . . . 0.4053 . 0.3036 . . . . . . . . . . . 
'X-RAY DIFFRACTION' 2.25 2.32  . . 134 1267 84.25 . . . 0.3461 . 0.3308 . . . . . . . . . . . 
'X-RAY DIFFRACTION' 2.32 2.41  . . 155 1387 94.54 . . . 0.4455 . 0.3461 . . . . . . . . . . . 
'X-RAY DIFFRACTION' 2.41 2.50  . . 153 1389 92.45 . . . 0.4667 . 0.3401 . . . . . . . . . . . 
'X-RAY DIFFRACTION' 2.50 2.62  . . 150 1311 91.37 . . . 0.3796 . 0.3365 . . . . . . . . . . . 
'X-RAY DIFFRACTION' 2.62 2.76  . . 145 1314 87.05 . . . 0.3696 . 0.3397 . . . . . . . . . . . 
'X-RAY DIFFRACTION' 2.76 2.93  . . 147 1241 85.63 . . . 0.3777 . 0.3076 . . . . . . . . . . . 
'X-RAY DIFFRACTION' 2.93 3.15  . . 142 1288 87.14 . . . 0.2677 . 0.2855 . . . . . . . . . . . 
'X-RAY DIFFRACTION' 3.15 3.47  . . 147 1322 89.57 . . . 0.3183 . 0.2630 . . . . . . . . . . . 
'X-RAY DIFFRACTION' 3.47 3.97  . . 159 1444 98.04 . . . 0.2343 . 0.1995 . . . . . . . . . . . 
'X-RAY DIFFRACTION' 3.97 4.99  . . 148 1398 94.04 . . . 0.1809 . 0.1913 . . . . . . . . . . . 
'X-RAY DIFFRACTION' 4.99 23.55 . . 147 1436 96.06 . . . 0.1925 . 0.2141 . . . . . . . . . . . 
# 
_struct.entry_id                     7KE0 
_struct.title                        'HIV-1 Integrase catalytic core domain complexed with allosteric inhibitor STP03-0404' 
_struct.pdbx_model_details           ? 
_struct.pdbx_formula_weight          ? 
_struct.pdbx_formula_weight_method   ? 
_struct.pdbx_model_type_details      ? 
_struct.pdbx_CASP_flag               N 
# 
_struct_keywords.entry_id        7KE0 
_struct_keywords.text            'Integrase, inhibitor, HIV, TRANSFERASE-INHIBITOR complex' 
_struct_keywords.pdbx_keywords   TRANSFERASE/INHIBITOR 
# 
loop_
_struct_asym.id 
_struct_asym.pdbx_blank_PDB_chainid_flag 
_struct_asym.pdbx_modified 
_struct_asym.entity_id 
_struct_asym.details 
A N N 1 ? 
B N N 2 ? 
C N N 3 ? 
# 
_struct_ref.id                         1 
_struct_ref.db_name                    UNP 
_struct_ref.db_code                    F2WR52_9HIV1 
_struct_ref.pdbx_db_accession          F2WR52 
_struct_ref.pdbx_db_isoform            ? 
_struct_ref.entity_id                  1 
_struct_ref.pdbx_seq_one_letter_code   
;MHGQVDCSPGIWQLDCTHLEGKVILVAVHVASGYIEAEVIPAETGQETAYFLLKLAGRWPVKTVHTDNGSNFTSTTVKAA
CWWAGIKQEFGIPYNPQSQGVIESMNKELKKIIGQVRDQAEHLKTAVQMAVFIHNFKRKGGIGGYSAGERIVDIIATDIQ
TKE
;
_struct_ref.pdbx_align_begin           50 
# 
_struct_ref_seq.align_id                      1 
_struct_ref_seq.ref_id                        1 
_struct_ref_seq.pdbx_PDB_id_code              7KE0 
_struct_ref_seq.pdbx_strand_id                A 
_struct_ref_seq.seq_align_beg                 4 
_struct_ref_seq.pdbx_seq_align_beg_ins_code   ? 
_struct_ref_seq.seq_align_end                 166 
_struct_ref_seq.pdbx_seq_align_end_ins_code   ? 
_struct_ref_seq.pdbx_db_accession             F2WR52 
_struct_ref_seq.db_align_beg                  50 
_struct_ref_seq.pdbx_db_align_beg_ins_code    ? 
_struct_ref_seq.db_align_end                  212 
_struct_ref_seq.pdbx_db_align_end_ins_code    ? 
_struct_ref_seq.pdbx_auth_seq_align_beg       50 
_struct_ref_seq.pdbx_auth_seq_align_end       212 
# 
loop_
_struct_ref_seq_dif.align_id 
_struct_ref_seq_dif.pdbx_pdb_id_code 
_struct_ref_seq_dif.mon_id 
_struct_ref_seq_dif.pdbx_pdb_strand_id 
_struct_ref_seq_dif.seq_num 
_struct_ref_seq_dif.pdbx_pdb_ins_code 
_struct_ref_seq_dif.pdbx_seq_db_name 
_struct_ref_seq_dif.pdbx_seq_db_accession_code 
_struct_ref_seq_dif.db_mon_id 
_struct_ref_seq_dif.pdbx_seq_db_seq_num 
_struct_ref_seq_dif.details 
_struct_ref_seq_dif.pdbx_auth_seq_num 
_struct_ref_seq_dif.pdbx_ordinal 
1 7KE0 GLY A 1   ? UNP F2WR52 ?   ?   'expression tag'      47  1 
1 7KE0 SER A 2   ? UNP F2WR52 ?   ?   'expression tag'      48  2 
1 7KE0 HIS A 3   ? UNP F2WR52 ?   ?   'expression tag'      49  3 
1 7KE0 HIS A 139 ? UNP F2WR52 PHE 185 'engineered mutation' 185 4 
# 
_pdbx_struct_assembly.id                   1 
_pdbx_struct_assembly.details              author_and_software_defined_assembly 
_pdbx_struct_assembly.method_details       PISA 
_pdbx_struct_assembly.oligomeric_details   dimeric 
_pdbx_struct_assembly.oligomeric_count     2 
# 
loop_
_pdbx_struct_assembly_prop.biol_id 
_pdbx_struct_assembly_prop.type 
_pdbx_struct_assembly_prop.value 
_pdbx_struct_assembly_prop.details 
1 'ABSA (A^2)' 3030  ? 
1 MORE         -18   ? 
1 'SSA (A^2)'  11790 ? 
# 
_pdbx_struct_assembly_gen.assembly_id       1 
_pdbx_struct_assembly_gen.oper_expression   1,2 
_pdbx_struct_assembly_gen.asym_id_list      A,B,C 
# 
_pdbx_struct_assembly_auth_evidence.id                     1 
_pdbx_struct_assembly_auth_evidence.assembly_id            1 
_pdbx_struct_assembly_auth_evidence.experimental_support   'gel filtration' 
_pdbx_struct_assembly_auth_evidence.details                'molecule forms dimer in solution' 
# 
loop_
_pdbx_struct_oper_list.id 
_pdbx_struct_oper_list.type 
_pdbx_struct_oper_list.name 
_pdbx_struct_oper_list.symmetry_operation 
_pdbx_struct_oper_list.matrix[1][1] 
_pdbx_struct_oper_list.matrix[1][2] 
_pdbx_struct_oper_list.matrix[1][3] 
_pdbx_struct_oper_list.vector[1] 
_pdbx_struct_oper_list.matrix[2][1] 
_pdbx_struct_oper_list.matrix[2][2] 
_pdbx_struct_oper_list.matrix[2][3] 
_pdbx_struct_oper_list.vector[2] 
_pdbx_struct_oper_list.matrix[3][1] 
_pdbx_struct_oper_list.matrix[3][2] 
_pdbx_struct_oper_list.matrix[3][3] 
_pdbx_struct_oper_list.vector[3] 
1 'identity operation'         1_555 x,y,z          1.0000000000 0.0000000000  0.0000000000 0.0000000000  0.0000000000  1.0000000000  0.0000000000  0.0000000000 0.0000000000 0.0000000000  1.0000000000  0.0000000000  
2 'crystal symmetry operation' 6_554 -x,-x+y,-z-2/3 0.0815150268 -0.7768188308 0.6244259801 -6.2521419563 -0.7768188308 -0.4420350334 -0.4485058901 4.9441860292 0.6244259801 -0.4485058901 -0.6394799934 16.9796302924 
# 
loop_
_struct_conf.conf_type_id 
_struct_conf.id 
_struct_conf.pdbx_PDB_helix_id 
_struct_conf.beg_label_comp_id 
_struct_conf.beg_label_asym_id 
_struct_conf.beg_label_seq_id 
_struct_conf.pdbx_beg_PDB_ins_code 
_struct_conf.end_label_comp_id 
_struct_conf.end_label_asym_id 
_struct_conf.end_label_seq_id 
_struct_conf.pdbx_end_PDB_ins_code 
_struct_conf.beg_auth_comp_id 
_struct_conf.beg_auth_asym_id 
_struct_conf.beg_auth_seq_id 
_struct_conf.end_auth_comp_id 
_struct_conf.end_auth_asym_id 
_struct_conf.end_auth_seq_id 
_struct_conf.pdbx_PDB_helix_class 
_struct_conf.details 
_struct_conf.pdbx_PDB_helix_length 
HELX_P HELX_P1 AA1 THR A 47  ? TRP A 62  ? THR A 93  TRP A 108 1 ? 16 
HELX_P HELX_P2 AA2 ASN A 71  ? THR A 76  ? ASN A 117 THR A 122 5 ? 6  
HELX_P HELX_P3 AA3 SER A 77  ? GLY A 88  ? SER A 123 GLY A 134 1 ? 12 
HELX_P HELX_P4 AA4 MET A 108 ? ARG A 120 ? MET A 154 ARG A 166 1 ? 13 
HELX_P HELX_P5 AA5 ASP A 121 ? ALA A 123 ? ASP A 167 ALA A 169 5 ? 3  
HELX_P HELX_P6 AA6 HIS A 125 ? LYS A 140 ? HIS A 171 LYS A 186 1 ? 16 
HELX_P HELX_P7 AA7 SER A 149 ? ASP A 161 ? SER A 195 ASP A 207 1 ? 13 
# 
_struct_conf_type.id          HELX_P 
_struct_conf_type.criteria    ? 
_struct_conf_type.reference   ? 
# 
loop_
_struct_conn.id 
_struct_conn.conn_type_id 
_struct_conn.pdbx_leaving_atom_flag 
_struct_conn.pdbx_PDB_id 
_struct_conn.ptnr1_label_asym_id 
_struct_conn.ptnr1_label_comp_id 
_struct_conn.ptnr1_label_seq_id 
_struct_conn.ptnr1_label_atom_id 
_struct_conn.pdbx_ptnr1_label_alt_id 
_struct_conn.pdbx_ptnr1_PDB_ins_code 
_struct_conn.pdbx_ptnr1_standard_comp_id 
_struct_conn.ptnr1_symmetry 
_struct_conn.ptnr2_label_asym_id 
_struct_conn.ptnr2_label_comp_id 
_struct_conn.ptnr2_label_seq_id 
_struct_conn.ptnr2_label_atom_id 
_struct_conn.pdbx_ptnr2_label_alt_id 
_struct_conn.pdbx_ptnr2_PDB_ins_code 
_struct_conn.ptnr1_auth_asym_id 
_struct_conn.ptnr1_auth_comp_id 
_struct_conn.ptnr1_auth_seq_id 
_struct_conn.ptnr2_auth_asym_id 
_struct_conn.ptnr2_auth_comp_id 
_struct_conn.ptnr2_auth_seq_id 
_struct_conn.ptnr2_symmetry 
_struct_conn.pdbx_ptnr3_label_atom_id 
_struct_conn.pdbx_ptnr3_label_seq_id 
_struct_conn.pdbx_ptnr3_label_comp_id 
_struct_conn.pdbx_ptnr3_label_asym_id 
_struct_conn.pdbx_ptnr3_label_alt_id 
_struct_conn.pdbx_ptnr3_PDB_ins_code 
_struct_conn.details 
_struct_conn.pdbx_dist_value 
_struct_conn.pdbx_value_order 
_struct_conn.pdbx_role 
covale1 covale both ? A ASP 18 C ? ? ? 1_555 A CAF 19 N ? ? A ASP 64  A CAF 65  1_555 ? ? ? ? ? ? ? 1.328 ? ? 
covale2 covale both ? A CAF 19 C ? ? ? 1_555 A THR 20 N ? ? A CAF 65  A THR 66  1_555 ? ? ? ? ? ? ? 1.325 ? ? 
covale3 covale both ? A ALA 83 C ? ? ? 1_555 A CAF 84 N ? ? A ALA 129 A CAF 130 1_555 ? ? ? ? ? ? ? 1.329 ? ? 
covale4 covale both ? A CAF 84 C ? ? ? 1_555 A TRP 85 N ? ? A CAF 130 A TRP 131 1_555 ? ? ? ? ? ? ? 1.326 ? ? 
# 
_struct_conn_type.id          covale 
_struct_conn_type.criteria    ? 
_struct_conn_type.reference   ? 
# 
loop_
_pdbx_modification_feature.ordinal 
_pdbx_modification_feature.label_comp_id 
_pdbx_modification_feature.label_asym_id 
_pdbx_modification_feature.label_seq_id 
_pdbx_modification_feature.label_alt_id 
_pdbx_modification_feature.modified_residue_label_comp_id 
_pdbx_modification_feature.modified_residue_label_asym_id 
_pdbx_modification_feature.modified_residue_label_seq_id 
_pdbx_modification_feature.modified_residue_label_alt_id 
_pdbx_modification_feature.auth_comp_id 
_pdbx_modification_feature.auth_asym_id 
_pdbx_modification_feature.auth_seq_id 
_pdbx_modification_feature.PDB_ins_code 
_pdbx_modification_feature.symmetry 
_pdbx_modification_feature.modified_residue_auth_comp_id 
_pdbx_modification_feature.modified_residue_auth_asym_id 
_pdbx_modification_feature.modified_residue_auth_seq_id 
_pdbx_modification_feature.modified_residue_PDB_ins_code 
_pdbx_modification_feature.modified_residue_symmetry 
_pdbx_modification_feature.comp_id_linking_atom 
_pdbx_modification_feature.modified_residue_id_linking_atom 
_pdbx_modification_feature.modified_residue_id 
_pdbx_modification_feature.ref_pcm_id 
_pdbx_modification_feature.ref_comp_id 
_pdbx_modification_feature.type 
_pdbx_modification_feature.category 
1 CAF A 19 ? . . . . CAF A 65  ? 1_555 . . . . . . . CYS 1 CAF None 'Non-standard residue' 
2 CAF A 84 ? . . . . CAF A 130 ? 1_555 . . . . . . . CYS 1 CAF None 'Non-standard residue' 
# 
_struct_sheet.id               AA1 
_struct_sheet.type             ? 
_struct_sheet.number_strands   5 
_struct_sheet.details          ? 
# 
loop_
_struct_sheet_order.sheet_id 
_struct_sheet_order.range_id_1 
_struct_sheet_order.range_id_2 
_struct_sheet_order.offset 
_struct_sheet_order.sense 
AA1 1 2 ? anti-parallel 
AA1 2 3 ? anti-parallel 
AA1 3 4 ? parallel      
AA1 4 5 ? parallel      
# 
loop_
_struct_sheet_range.sheet_id 
_struct_sheet_range.id 
_struct_sheet_range.beg_label_comp_id 
_struct_sheet_range.beg_label_asym_id 
_struct_sheet_range.beg_label_seq_id 
_struct_sheet_range.pdbx_beg_PDB_ins_code 
_struct_sheet_range.end_label_comp_id 
_struct_sheet_range.end_label_asym_id 
_struct_sheet_range.end_label_seq_id 
_struct_sheet_range.pdbx_end_PDB_ins_code 
_struct_sheet_range.beg_auth_comp_id 
_struct_sheet_range.beg_auth_asym_id 
_struct_sheet_range.beg_auth_seq_id 
_struct_sheet_range.end_auth_comp_id 
_struct_sheet_range.end_auth_asym_id 
_struct_sheet_range.end_auth_seq_id 
AA1 1 ILE A 38 ? ILE A 43 ? ILE A 84  ILE A 89  
AA1 2 LYS A 25 ? HIS A 32 ? LYS A 71  HIS A 78  
AA1 3 ILE A 14 ? LEU A 22 ? ILE A 60  LEU A 68  
AA1 4 THR A 66 ? HIS A 68 ? THR A 112 HIS A 114 
AA1 5 LYS A 90 ? GLN A 91 ? LYS A 136 GLN A 137 
# 
loop_
_pdbx_struct_sheet_hbond.sheet_id 
_pdbx_struct_sheet_hbond.range_id_1 
_pdbx_struct_sheet_hbond.range_id_2 
_pdbx_struct_sheet_hbond.range_1_label_atom_id 
_pdbx_struct_sheet_hbond.range_1_label_comp_id 
_pdbx_struct_sheet_hbond.range_1_label_asym_id 
_pdbx_struct_sheet_hbond.range_1_label_seq_id 
_pdbx_struct_sheet_hbond.range_1_PDB_ins_code 
_pdbx_struct_sheet_hbond.range_1_auth_atom_id 
_pdbx_struct_sheet_hbond.range_1_auth_comp_id 
_pdbx_struct_sheet_hbond.range_1_auth_asym_id 
_pdbx_struct_sheet_hbond.range_1_auth_seq_id 
_pdbx_struct_sheet_hbond.range_2_label_atom_id 
_pdbx_struct_sheet_hbond.range_2_label_comp_id 
_pdbx_struct_sheet_hbond.range_2_label_asym_id 
_pdbx_struct_sheet_hbond.range_2_label_seq_id 
_pdbx_struct_sheet_hbond.range_2_PDB_ins_code 
_pdbx_struct_sheet_hbond.range_2_auth_atom_id 
_pdbx_struct_sheet_hbond.range_2_auth_comp_id 
_pdbx_struct_sheet_hbond.range_2_auth_asym_id 
_pdbx_struct_sheet_hbond.range_2_auth_seq_id 
AA1 1 2 O GLU A 39 ? O GLU A 85  N ALA A 30 ? N ALA A 76  
AA1 2 3 O VAL A 29 ? O VAL A 75  N ASP A 18 ? N ASP A 64  
AA1 3 4 N TRP A 15 ? N TRP A 61  O HIS A 68 ? O HIS A 114 
AA1 4 5 N VAL A 67 ? N VAL A 113 O LYS A 90 ? O LYS A 136 
# 
_pdbx_entry_details.entry_id                   7KE0 
_pdbx_entry_details.has_ligand_of_interest     Y 
_pdbx_entry_details.compound_details           ? 
_pdbx_entry_details.source_details             ? 
_pdbx_entry_details.nonpolymer_details         ? 
_pdbx_entry_details.sequence_details           ? 
_pdbx_entry_details.has_protein_modification   Y 
# 
_pdbx_validate_torsion.id              1 
_pdbx_validate_torsion.PDB_model_num   1 
_pdbx_validate_torsion.auth_comp_id    PRO 
_pdbx_validate_torsion.auth_asym_id    A 
_pdbx_validate_torsion.auth_seq_id     109 
_pdbx_validate_torsion.PDB_ins_code    ? 
_pdbx_validate_torsion.label_alt_id    ? 
_pdbx_validate_torsion.phi             -69.37 
_pdbx_validate_torsion.psi             86.32 
# 
loop_
_pdbx_struct_mod_residue.id 
_pdbx_struct_mod_residue.label_asym_id 
_pdbx_struct_mod_residue.label_comp_id 
_pdbx_struct_mod_residue.label_seq_id 
_pdbx_struct_mod_residue.auth_asym_id 
_pdbx_struct_mod_residue.auth_comp_id 
_pdbx_struct_mod_residue.auth_seq_id 
_pdbx_struct_mod_residue.PDB_ins_code 
_pdbx_struct_mod_residue.parent_comp_id 
_pdbx_struct_mod_residue.details 
1 A CAF 19 A CAF 65  ? CYS 'modified residue' 
2 A CAF 84 A CAF 130 ? CYS 'modified residue' 
# 
loop_
_pdbx_unobs_or_zero_occ_residues.id 
_pdbx_unobs_or_zero_occ_residues.PDB_model_num 
_pdbx_unobs_or_zero_occ_residues.polymer_flag 
_pdbx_unobs_or_zero_occ_residues.occupancy_flag 
_pdbx_unobs_or_zero_occ_residues.auth_asym_id 
_pdbx_unobs_or_zero_occ_residues.auth_comp_id 
_pdbx_unobs_or_zero_occ_residues.auth_seq_id 
_pdbx_unobs_or_zero_occ_residues.PDB_ins_code 
_pdbx_unobs_or_zero_occ_residues.label_asym_id 
_pdbx_unobs_or_zero_occ_residues.label_comp_id 
_pdbx_unobs_or_zero_occ_residues.label_seq_id 
1  1 Y 1 A GLY 47  ? A GLY 1   
2  1 Y 1 A SER 48  ? A SER 2   
3  1 Y 1 A HIS 49  ? A HIS 3   
4  1 Y 1 A MET 50  ? A MET 4   
5  1 Y 1 A HIS 51  ? A HIS 5   
6  1 Y 1 A GLY 52  ? A GLY 6   
7  1 Y 1 A GLN 53  ? A GLN 7   
8  1 Y 1 A VAL 54  ? A VAL 8   
9  1 Y 1 A ASP 55  ? A ASP 9   
10 1 Y 1 A CYS 56  ? A CYS 10  
11 1 Y 1 A PHE 139 ? A PHE 93  
12 1 Y 1 A GLY 140 ? A GLY 94  
13 1 Y 1 A ILE 141 ? A ILE 95  
14 1 Y 1 A PRO 142 ? A PRO 96  
15 1 Y 1 A TYR 143 ? A TYR 97  
16 1 Y 1 A ASN 144 ? A ASN 98  
17 1 Y 1 A PRO 145 ? A PRO 99  
18 1 Y 1 A GLN 146 ? A GLN 100 
19 1 Y 1 A SER 147 ? A SER 101 
20 1 Y 1 A GLN 148 ? A GLN 102 
21 1 Y 1 A GLY 149 ? A GLY 103 
22 1 Y 1 A VAL 150 ? A VAL 104 
23 1 Y 1 A ILE 151 ? A ILE 105 
24 1 Y 1 A GLU 152 ? A GLU 106 
25 1 Y 1 A LYS 188 ? A LYS 142 
26 1 Y 1 A GLY 189 ? A GLY 143 
27 1 Y 1 A GLY 190 ? A GLY 144 
28 1 Y 1 A ILE 191 ? A ILE 145 
29 1 Y 1 A GLY 192 ? A GLY 146 
30 1 Y 1 A ILE 208 ? A ILE 162 
31 1 Y 1 A GLN 209 ? A GLN 163 
32 1 Y 1 A THR 210 ? A THR 164 
33 1 Y 1 A LYS 211 ? A LYS 165 
34 1 Y 1 A GLU 212 ? A GLU 166 
# 
loop_
_chem_comp_atom.comp_id 
_chem_comp_atom.atom_id 
_chem_comp_atom.type_symbol 
_chem_comp_atom.pdbx_aromatic_flag 
_chem_comp_atom.pdbx_stereo_config 
_chem_comp_atom.pdbx_ordinal 
ALA N    N  N N 1   
ALA CA   C  N S 2   
ALA C    C  N N 3   
ALA O    O  N N 4   
ALA CB   C  N N 5   
ALA OXT  O  N N 6   
ALA H    H  N N 7   
ALA H2   H  N N 8   
ALA HA   H  N N 9   
ALA HB1  H  N N 10  
ALA HB2  H  N N 11  
ALA HB3  H  N N 12  
ALA HXT  H  N N 13  
ARG N    N  N N 14  
ARG CA   C  N S 15  
ARG C    C  N N 16  
ARG O    O  N N 17  
ARG CB   C  N N 18  
ARG CG   C  N N 19  
ARG CD   C  N N 20  
ARG NE   N  N N 21  
ARG CZ   C  N N 22  
ARG NH1  N  N N 23  
ARG NH2  N  N N 24  
ARG OXT  O  N N 25  
ARG H    H  N N 26  
ARG H2   H  N N 27  
ARG HA   H  N N 28  
ARG HB2  H  N N 29  
ARG HB3  H  N N 30  
ARG HG2  H  N N 31  
ARG HG3  H  N N 32  
ARG HD2  H  N N 33  
ARG HD3  H  N N 34  
ARG HE   H  N N 35  
ARG HH11 H  N N 36  
ARG HH12 H  N N 37  
ARG HH21 H  N N 38  
ARG HH22 H  N N 39  
ARG HXT  H  N N 40  
ASN N    N  N N 41  
ASN CA   C  N S 42  
ASN C    C  N N 43  
ASN O    O  N N 44  
ASN CB   C  N N 45  
ASN CG   C  N N 46  
ASN OD1  O  N N 47  
ASN ND2  N  N N 48  
ASN OXT  O  N N 49  
ASN H    H  N N 50  
ASN H2   H  N N 51  
ASN HA   H  N N 52  
ASN HB2  H  N N 53  
ASN HB3  H  N N 54  
ASN HD21 H  N N 55  
ASN HD22 H  N N 56  
ASN HXT  H  N N 57  
ASP N    N  N N 58  
ASP CA   C  N S 59  
ASP C    C  N N 60  
ASP O    O  N N 61  
ASP CB   C  N N 62  
ASP CG   C  N N 63  
ASP OD1  O  N N 64  
ASP OD2  O  N N 65  
ASP OXT  O  N N 66  
ASP H    H  N N 67  
ASP H2   H  N N 68  
ASP HA   H  N N 69  
ASP HB2  H  N N 70  
ASP HB3  H  N N 71  
ASP HD2  H  N N 72  
ASP HXT  H  N N 73  
CAF N    N  N N 74  
CAF CA   C  N R 75  
CAF CB   C  N N 76  
CAF C    C  N N 77  
CAF O    O  N N 78  
CAF OXT  O  N N 79  
CAF SG   S  N N 80  
CAF AS   AS N N 81  
CAF CE1  C  N N 82  
CAF CE2  C  N N 83  
CAF O1   O  N N 84  
CAF H    H  N N 85  
CAF H2   H  N N 86  
CAF HA   H  N N 87  
CAF HB2  H  N N 88  
CAF HB3  H  N N 89  
CAF HXT  H  N N 90  
CAF HE11 H  N N 91  
CAF HE12 H  N N 92  
CAF HE13 H  N N 93  
CAF HE21 H  N N 94  
CAF HE22 H  N N 95  
CAF HE23 H  N N 96  
CYS N    N  N N 97  
CYS CA   C  N R 98  
CYS C    C  N N 99  
CYS O    O  N N 100 
CYS CB   C  N N 101 
CYS SG   S  N N 102 
CYS OXT  O  N N 103 
CYS H    H  N N 104 
CYS H2   H  N N 105 
CYS HA   H  N N 106 
CYS HB2  H  N N 107 
CYS HB3  H  N N 108 
CYS HG   H  N N 109 
CYS HXT  H  N N 110 
GLN N    N  N N 111 
GLN CA   C  N S 112 
GLN C    C  N N 113 
GLN O    O  N N 114 
GLN CB   C  N N 115 
GLN CG   C  N N 116 
GLN CD   C  N N 117 
GLN OE1  O  N N 118 
GLN NE2  N  N N 119 
GLN OXT  O  N N 120 
GLN H    H  N N 121 
GLN H2   H  N N 122 
GLN HA   H  N N 123 
GLN HB2  H  N N 124 
GLN HB3  H  N N 125 
GLN HG2  H  N N 126 
GLN HG3  H  N N 127 
GLN HE21 H  N N 128 
GLN HE22 H  N N 129 
GLN HXT  H  N N 130 
GLU N    N  N N 131 
GLU CA   C  N S 132 
GLU C    C  N N 133 
GLU O    O  N N 134 
GLU CB   C  N N 135 
GLU CG   C  N N 136 
GLU CD   C  N N 137 
GLU OE1  O  N N 138 
GLU OE2  O  N N 139 
GLU OXT  O  N N 140 
GLU H    H  N N 141 
GLU H2   H  N N 142 
GLU HA   H  N N 143 
GLU HB2  H  N N 144 
GLU HB3  H  N N 145 
GLU HG2  H  N N 146 
GLU HG3  H  N N 147 
GLU HE2  H  N N 148 
GLU HXT  H  N N 149 
GLY N    N  N N 150 
GLY CA   C  N N 151 
GLY C    C  N N 152 
GLY O    O  N N 153 
GLY OXT  O  N N 154 
GLY H    H  N N 155 
GLY H2   H  N N 156 
GLY HA2  H  N N 157 
GLY HA3  H  N N 158 
GLY HXT  H  N N 159 
HIS N    N  N N 160 
HIS CA   C  N S 161 
HIS C    C  N N 162 
HIS O    O  N N 163 
HIS CB   C  N N 164 
HIS CG   C  Y N 165 
HIS ND1  N  Y N 166 
HIS CD2  C  Y N 167 
HIS CE1  C  Y N 168 
HIS NE2  N  Y N 169 
HIS OXT  O  N N 170 
HIS H    H  N N 171 
HIS H2   H  N N 172 
HIS HA   H  N N 173 
HIS HB2  H  N N 174 
HIS HB3  H  N N 175 
HIS HD1  H  N N 176 
HIS HD2  H  N N 177 
HIS HE1  H  N N 178 
HIS HE2  H  N N 179 
HIS HXT  H  N N 180 
HOH O    O  N N 181 
HOH H1   H  N N 182 
HOH H2   H  N N 183 
ILE N    N  N N 184 
ILE CA   C  N S 185 
ILE C    C  N N 186 
ILE O    O  N N 187 
ILE CB   C  N S 188 
ILE CG1  C  N N 189 
ILE CG2  C  N N 190 
ILE CD1  C  N N 191 
ILE OXT  O  N N 192 
ILE H    H  N N 193 
ILE H2   H  N N 194 
ILE HA   H  N N 195 
ILE HB   H  N N 196 
ILE HG12 H  N N 197 
ILE HG13 H  N N 198 
ILE HG21 H  N N 199 
ILE HG22 H  N N 200 
ILE HG23 H  N N 201 
ILE HD11 H  N N 202 
ILE HD12 H  N N 203 
ILE HD13 H  N N 204 
ILE HXT  H  N N 205 
LEU N    N  N N 206 
LEU CA   C  N S 207 
LEU C    C  N N 208 
LEU O    O  N N 209 
LEU CB   C  N N 210 
LEU CG   C  N N 211 
LEU CD1  C  N N 212 
LEU CD2  C  N N 213 
LEU OXT  O  N N 214 
LEU H    H  N N 215 
LEU H2   H  N N 216 
LEU HA   H  N N 217 
LEU HB2  H  N N 218 
LEU HB3  H  N N 219 
LEU HG   H  N N 220 
LEU HD11 H  N N 221 
LEU HD12 H  N N 222 
LEU HD13 H  N N 223 
LEU HD21 H  N N 224 
LEU HD22 H  N N 225 
LEU HD23 H  N N 226 
LEU HXT  H  N N 227 
LYS N    N  N N 228 
LYS CA   C  N S 229 
LYS C    C  N N 230 
LYS O    O  N N 231 
LYS CB   C  N N 232 
LYS CG   C  N N 233 
LYS CD   C  N N 234 
LYS CE   C  N N 235 
LYS NZ   N  N N 236 
LYS OXT  O  N N 237 
LYS H    H  N N 238 
LYS H2   H  N N 239 
LYS HA   H  N N 240 
LYS HB2  H  N N 241 
LYS HB3  H  N N 242 
LYS HG2  H  N N 243 
LYS HG3  H  N N 244 
LYS HD2  H  N N 245 
LYS HD3  H  N N 246 
LYS HE2  H  N N 247 
LYS HE3  H  N N 248 
LYS HZ1  H  N N 249 
LYS HZ2  H  N N 250 
LYS HZ3  H  N N 251 
LYS HXT  H  N N 252 
MET N    N  N N 253 
MET CA   C  N S 254 
MET C    C  N N 255 
MET O    O  N N 256 
MET CB   C  N N 257 
MET CG   C  N N 258 
MET SD   S  N N 259 
MET CE   C  N N 260 
MET OXT  O  N N 261 
MET H    H  N N 262 
MET H2   H  N N 263 
MET HA   H  N N 264 
MET HB2  H  N N 265 
MET HB3  H  N N 266 
MET HG2  H  N N 267 
MET HG3  H  N N 268 
MET HE1  H  N N 269 
MET HE2  H  N N 270 
MET HE3  H  N N 271 
MET HXT  H  N N 272 
PHE N    N  N N 273 
PHE CA   C  N S 274 
PHE C    C  N N 275 
PHE O    O  N N 276 
PHE CB   C  N N 277 
PHE CG   C  Y N 278 
PHE CD1  C  Y N 279 
PHE CD2  C  Y N 280 
PHE CE1  C  Y N 281 
PHE CE2  C  Y N 282 
PHE CZ   C  Y N 283 
PHE OXT  O  N N 284 
PHE H    H  N N 285 
PHE H2   H  N N 286 
PHE HA   H  N N 287 
PHE HB2  H  N N 288 
PHE HB3  H  N N 289 
PHE HD1  H  N N 290 
PHE HD2  H  N N 291 
PHE HE1  H  N N 292 
PHE HE2  H  N N 293 
PHE HZ   H  N N 294 
PHE HXT  H  N N 295 
PRO N    N  N N 296 
PRO CA   C  N S 297 
PRO C    C  N N 298 
PRO O    O  N N 299 
PRO CB   C  N N 300 
PRO CG   C  N N 301 
PRO CD   C  N N 302 
PRO OXT  O  N N 303 
PRO H    H  N N 304 
PRO HA   H  N N 305 
PRO HB2  H  N N 306 
PRO HB3  H  N N 307 
PRO HG2  H  N N 308 
PRO HG3  H  N N 309 
PRO HD2  H  N N 310 
PRO HD3  H  N N 311 
PRO HXT  H  N N 312 
SER N    N  N N 313 
SER CA   C  N S 314 
SER C    C  N N 315 
SER O    O  N N 316 
SER CB   C  N N 317 
SER OG   O  N N 318 
SER OXT  O  N N 319 
SER H    H  N N 320 
SER H2   H  N N 321 
SER HA   H  N N 322 
SER HB2  H  N N 323 
SER HB3  H  N N 324 
SER HG   H  N N 325 
SER HXT  H  N N 326 
THR N    N  N N 327 
THR CA   C  N S 328 
THR C    C  N N 329 
THR O    O  N N 330 
THR CB   C  N R 331 
THR OG1  O  N N 332 
THR CG2  C  N N 333 
THR OXT  O  N N 334 
THR H    H  N N 335 
THR H2   H  N N 336 
THR HA   H  N N 337 
THR HB   H  N N 338 
THR HG1  H  N N 339 
THR HG21 H  N N 340 
THR HG22 H  N N 341 
THR HG23 H  N N 342 
THR HXT  H  N N 343 
TRP N    N  N N 344 
TRP CA   C  N S 345 
TRP C    C  N N 346 
TRP O    O  N N 347 
TRP CB   C  N N 348 
TRP CG   C  Y N 349 
TRP CD1  C  Y N 350 
TRP CD2  C  Y N 351 
TRP NE1  N  Y N 352 
TRP CE2  C  Y N 353 
TRP CE3  C  Y N 354 
TRP CZ2  C  Y N 355 
TRP CZ3  C  Y N 356 
TRP CH2  C  Y N 357 
TRP OXT  O  N N 358 
TRP H    H  N N 359 
TRP H2   H  N N 360 
TRP HA   H  N N 361 
TRP HB2  H  N N 362 
TRP HB3  H  N N 363 
TRP HD1  H  N N 364 
TRP HE1  H  N N 365 
TRP HE3  H  N N 366 
TRP HZ2  H  N N 367 
TRP HZ3  H  N N 368 
TRP HH2  H  N N 369 
TRP HXT  H  N N 370 
TYR N    N  N N 371 
TYR CA   C  N S 372 
TYR C    C  N N 373 
TYR O    O  N N 374 
TYR CB   C  N N 375 
TYR CG   C  Y N 376 
TYR CD1  C  Y N 377 
TYR CD2  C  Y N 378 
TYR CE1  C  Y N 379 
TYR CE2  C  Y N 380 
TYR CZ   C  Y N 381 
TYR OH   O  N N 382 
TYR OXT  O  N N 383 
TYR H    H  N N 384 
TYR H2   H  N N 385 
TYR HA   H  N N 386 
TYR HB2  H  N N 387 
TYR HB3  H  N N 388 
TYR HD1  H  N N 389 
TYR HD2  H  N N 390 
TYR HE1  H  N N 391 
TYR HE2  H  N N 392 
TYR HH   H  N N 393 
TYR HXT  H  N N 394 
VAL N    N  N N 395 
VAL CA   C  N S 396 
VAL C    C  N N 397 
VAL O    O  N N 398 
VAL CB   C  N N 399 
VAL CG1  C  N N 400 
VAL CG2  C  N N 401 
VAL OXT  O  N N 402 
VAL H    H  N N 403 
VAL H2   H  N N 404 
VAL HA   H  N N 405 
VAL HB   H  N N 406 
VAL HG11 H  N N 407 
VAL HG12 H  N N 408 
VAL HG13 H  N N 409 
VAL HG21 H  N N 410 
VAL HG22 H  N N 411 
VAL HG23 H  N N 412 
VAL HXT  H  N N 413 
WBV CAA  C  N N 414 
WBV CAB  C  N N 415 
WBV CAC  C  N N 416 
WBV CAD  C  N N 417 
WBV CAE  C  N N 418 
WBV CAF  C  N N 419 
WBV CAG  C  N N 420 
WBV CAK  C  Y N 421 
WBV CAL  C  Y N 422 
WBV CAM  C  Y N 423 
WBV CAN  C  Y N 424 
WBV CAO  C  Y N 425 
WBV CAP  C  Y N 426 
WBV CAQ  C  N N 427 
WBV CAU  C  N N 428 
WBV CAV  C  Y N 429 
WBV CAW  C  Y N 430 
WBV CAX  C  Y N 431 
WBV CAY  C  Y N 432 
WBV CAZ  C  Y N 433 
WBV CBA  C  Y N 434 
WBV CBB  C  Y N 435 
WBV CBC  C  Y N 436 
WBV CBD  C  Y N 437 
WBV CBE  C  Y N 438 
WBV CBF  C  N S 439 
WBV CBI  C  N N 440 
WBV NAR  N  Y N 441 
WBV NAS  N  Y N 442 
WBV NBG  N  Y N 443 
WBV NBH  N  Y N 444 
WBV OAH  O  N N 445 
WBV OAI  O  N N 446 
WBV OAT  O  N N 447 
WBV CLA  CL N N 448 
WBV H1   H  N N 449 
WBV H2   H  N N 450 
WBV H3   H  N N 451 
WBV H4   H  N N 452 
WBV H5   H  N N 453 
WBV H6   H  N N 454 
WBV H7   H  N N 455 
WBV H8   H  N N 456 
WBV H9   H  N N 457 
WBV H10  H  N N 458 
WBV H11  H  N N 459 
WBV H12  H  N N 460 
WBV H13  H  N N 461 
WBV H14  H  N N 462 
WBV H15  H  N N 463 
WBV H16  H  N N 464 
WBV H17  H  N N 465 
WBV H18  H  N N 466 
WBV H19  H  N N 467 
WBV H20  H  N N 468 
WBV H21  H  N N 469 
WBV H22  H  N N 470 
WBV H23  H  N N 471 
WBV H24  H  N N 472 
WBV H25  H  N N 473 
WBV H26  H  N N 474 
WBV H27  H  N N 475 
WBV H28  H  N N 476 
WBV H29  H  N N 477 
WBV H30  H  N N 478 
WBV H31  H  N N 479 
# 
loop_
_chem_comp_bond.comp_id 
_chem_comp_bond.atom_id_1 
_chem_comp_bond.atom_id_2 
_chem_comp_bond.value_order 
_chem_comp_bond.pdbx_aromatic_flag 
_chem_comp_bond.pdbx_stereo_config 
_chem_comp_bond.pdbx_ordinal 
ALA N   CA   sing N N 1   
ALA N   H    sing N N 2   
ALA N   H2   sing N N 3   
ALA CA  C    sing N N 4   
ALA CA  CB   sing N N 5   
ALA CA  HA   sing N N 6   
ALA C   O    doub N N 7   
ALA C   OXT  sing N N 8   
ALA CB  HB1  sing N N 9   
ALA CB  HB2  sing N N 10  
ALA CB  HB3  sing N N 11  
ALA OXT HXT  sing N N 12  
ARG N   CA   sing N N 13  
ARG N   H    sing N N 14  
ARG N   H2   sing N N 15  
ARG CA  C    sing N N 16  
ARG CA  CB   sing N N 17  
ARG CA  HA   sing N N 18  
ARG C   O    doub N N 19  
ARG C   OXT  sing N N 20  
ARG CB  CG   sing N N 21  
ARG CB  HB2  sing N N 22  
ARG CB  HB3  sing N N 23  
ARG CG  CD   sing N N 24  
ARG CG  HG2  sing N N 25  
ARG CG  HG3  sing N N 26  
ARG CD  NE   sing N N 27  
ARG CD  HD2  sing N N 28  
ARG CD  HD3  sing N N 29  
ARG NE  CZ   sing N N 30  
ARG NE  HE   sing N N 31  
ARG CZ  NH1  sing N N 32  
ARG CZ  NH2  doub N N 33  
ARG NH1 HH11 sing N N 34  
ARG NH1 HH12 sing N N 35  
ARG NH2 HH21 sing N N 36  
ARG NH2 HH22 sing N N 37  
ARG OXT HXT  sing N N 38  
ASN N   CA   sing N N 39  
ASN N   H    sing N N 40  
ASN N   H2   sing N N 41  
ASN CA  C    sing N N 42  
ASN CA  CB   sing N N 43  
ASN CA  HA   sing N N 44  
ASN C   O    doub N N 45  
ASN C   OXT  sing N N 46  
ASN CB  CG   sing N N 47  
ASN CB  HB2  sing N N 48  
ASN CB  HB3  sing N N 49  
ASN CG  OD1  doub N N 50  
ASN CG  ND2  sing N N 51  
ASN ND2 HD21 sing N N 52  
ASN ND2 HD22 sing N N 53  
ASN OXT HXT  sing N N 54  
ASP N   CA   sing N N 55  
ASP N   H    sing N N 56  
ASP N   H2   sing N N 57  
ASP CA  C    sing N N 58  
ASP CA  CB   sing N N 59  
ASP CA  HA   sing N N 60  
ASP C   O    doub N N 61  
ASP C   OXT  sing N N 62  
ASP CB  CG   sing N N 63  
ASP CB  HB2  sing N N 64  
ASP CB  HB3  sing N N 65  
ASP CG  OD1  doub N N 66  
ASP CG  OD2  sing N N 67  
ASP OD2 HD2  sing N N 68  
ASP OXT HXT  sing N N 69  
CAF N   CA   sing N N 70  
CAF N   H    sing N N 71  
CAF N   H2   sing N N 72  
CAF CA  CB   sing N N 73  
CAF CA  C    sing N N 74  
CAF CA  HA   sing N N 75  
CAF CB  SG   sing N N 76  
CAF CB  HB2  sing N N 77  
CAF CB  HB3  sing N N 78  
CAF C   O    doub N N 79  
CAF C   OXT  sing N N 80  
CAF OXT HXT  sing N N 81  
CAF SG  AS   sing N N 82  
CAF AS  CE1  sing N N 83  
CAF AS  CE2  sing N N 84  
CAF AS  O1   doub N N 85  
CAF CE1 HE11 sing N N 86  
CAF CE1 HE12 sing N N 87  
CAF CE1 HE13 sing N N 88  
CAF CE2 HE21 sing N N 89  
CAF CE2 HE22 sing N N 90  
CAF CE2 HE23 sing N N 91  
CYS N   CA   sing N N 92  
CYS N   H    sing N N 93  
CYS N   H2   sing N N 94  
CYS CA  C    sing N N 95  
CYS CA  CB   sing N N 96  
CYS CA  HA   sing N N 97  
CYS C   O    doub N N 98  
CYS C   OXT  sing N N 99  
CYS CB  SG   sing N N 100 
CYS CB  HB2  sing N N 101 
CYS CB  HB3  sing N N 102 
CYS SG  HG   sing N N 103 
CYS OXT HXT  sing N N 104 
GLN N   CA   sing N N 105 
GLN N   H    sing N N 106 
GLN N   H2   sing N N 107 
GLN CA  C    sing N N 108 
GLN CA  CB   sing N N 109 
GLN CA  HA   sing N N 110 
GLN C   O    doub N N 111 
GLN C   OXT  sing N N 112 
GLN CB  CG   sing N N 113 
GLN CB  HB2  sing N N 114 
GLN CB  HB3  sing N N 115 
GLN CG  CD   sing N N 116 
GLN CG  HG2  sing N N 117 
GLN CG  HG3  sing N N 118 
GLN CD  OE1  doub N N 119 
GLN CD  NE2  sing N N 120 
GLN NE2 HE21 sing N N 121 
GLN NE2 HE22 sing N N 122 
GLN OXT HXT  sing N N 123 
GLU N   CA   sing N N 124 
GLU N   H    sing N N 125 
GLU N   H2   sing N N 126 
GLU CA  C    sing N N 127 
GLU CA  CB   sing N N 128 
GLU CA  HA   sing N N 129 
GLU C   O    doub N N 130 
GLU C   OXT  sing N N 131 
GLU CB  CG   sing N N 132 
GLU CB  HB2  sing N N 133 
GLU CB  HB3  sing N N 134 
GLU CG  CD   sing N N 135 
GLU CG  HG2  sing N N 136 
GLU CG  HG3  sing N N 137 
GLU CD  OE1  doub N N 138 
GLU CD  OE2  sing N N 139 
GLU OE2 HE2  sing N N 140 
GLU OXT HXT  sing N N 141 
GLY N   CA   sing N N 142 
GLY N   H    sing N N 143 
GLY N   H2   sing N N 144 
GLY CA  C    sing N N 145 
GLY CA  HA2  sing N N 146 
GLY CA  HA3  sing N N 147 
GLY C   O    doub N N 148 
GLY C   OXT  sing N N 149 
GLY OXT HXT  sing N N 150 
HIS N   CA   sing N N 151 
HIS N   H    sing N N 152 
HIS N   H2   sing N N 153 
HIS CA  C    sing N N 154 
HIS CA  CB   sing N N 155 
HIS CA  HA   sing N N 156 
HIS C   O    doub N N 157 
HIS C   OXT  sing N N 158 
HIS CB  CG   sing N N 159 
HIS CB  HB2  sing N N 160 
HIS CB  HB3  sing N N 161 
HIS CG  ND1  sing Y N 162 
HIS CG  CD2  doub Y N 163 
HIS ND1 CE1  doub Y N 164 
HIS ND1 HD1  sing N N 165 
HIS CD2 NE2  sing Y N 166 
HIS CD2 HD2  sing N N 167 
HIS CE1 NE2  sing Y N 168 
HIS CE1 HE1  sing N N 169 
HIS NE2 HE2  sing N N 170 
HIS OXT HXT  sing N N 171 
HOH O   H1   sing N N 172 
HOH O   H2   sing N N 173 
ILE N   CA   sing N N 174 
ILE N   H    sing N N 175 
ILE N   H2   sing N N 176 
ILE CA  C    sing N N 177 
ILE CA  CB   sing N N 178 
ILE CA  HA   sing N N 179 
ILE C   O    doub N N 180 
ILE C   OXT  sing N N 181 
ILE CB  CG1  sing N N 182 
ILE CB  CG2  sing N N 183 
ILE CB  HB   sing N N 184 
ILE CG1 CD1  sing N N 185 
ILE CG1 HG12 sing N N 186 
ILE CG1 HG13 sing N N 187 
ILE CG2 HG21 sing N N 188 
ILE CG2 HG22 sing N N 189 
ILE CG2 HG23 sing N N 190 
ILE CD1 HD11 sing N N 191 
ILE CD1 HD12 sing N N 192 
ILE CD1 HD13 sing N N 193 
ILE OXT HXT  sing N N 194 
LEU N   CA   sing N N 195 
LEU N   H    sing N N 196 
LEU N   H2   sing N N 197 
LEU CA  C    sing N N 198 
LEU CA  CB   sing N N 199 
LEU CA  HA   sing N N 200 
LEU C   O    doub N N 201 
LEU C   OXT  sing N N 202 
LEU CB  CG   sing N N 203 
LEU CB  HB2  sing N N 204 
LEU CB  HB3  sing N N 205 
LEU CG  CD1  sing N N 206 
LEU CG  CD2  sing N N 207 
LEU CG  HG   sing N N 208 
LEU CD1 HD11 sing N N 209 
LEU CD1 HD12 sing N N 210 
LEU CD1 HD13 sing N N 211 
LEU CD2 HD21 sing N N 212 
LEU CD2 HD22 sing N N 213 
LEU CD2 HD23 sing N N 214 
LEU OXT HXT  sing N N 215 
LYS N   CA   sing N N 216 
LYS N   H    sing N N 217 
LYS N   H2   sing N N 218 
LYS CA  C    sing N N 219 
LYS CA  CB   sing N N 220 
LYS CA  HA   sing N N 221 
LYS C   O    doub N N 222 
LYS C   OXT  sing N N 223 
LYS CB  CG   sing N N 224 
LYS CB  HB2  sing N N 225 
LYS CB  HB3  sing N N 226 
LYS CG  CD   sing N N 227 
LYS CG  HG2  sing N N 228 
LYS CG  HG3  sing N N 229 
LYS CD  CE   sing N N 230 
LYS CD  HD2  sing N N 231 
LYS CD  HD3  sing N N 232 
LYS CE  NZ   sing N N 233 
LYS CE  HE2  sing N N 234 
LYS CE  HE3  sing N N 235 
LYS NZ  HZ1  sing N N 236 
LYS NZ  HZ2  sing N N 237 
LYS NZ  HZ3  sing N N 238 
LYS OXT HXT  sing N N 239 
MET N   CA   sing N N 240 
MET N   H    sing N N 241 
MET N   H2   sing N N 242 
MET CA  C    sing N N 243 
MET CA  CB   sing N N 244 
MET CA  HA   sing N N 245 
MET C   O    doub N N 246 
MET C   OXT  sing N N 247 
MET CB  CG   sing N N 248 
MET CB  HB2  sing N N 249 
MET CB  HB3  sing N N 250 
MET CG  SD   sing N N 251 
MET CG  HG2  sing N N 252 
MET CG  HG3  sing N N 253 
MET SD  CE   sing N N 254 
MET CE  HE1  sing N N 255 
MET CE  HE2  sing N N 256 
MET CE  HE3  sing N N 257 
MET OXT HXT  sing N N 258 
PHE N   CA   sing N N 259 
PHE N   H    sing N N 260 
PHE N   H2   sing N N 261 
PHE CA  C    sing N N 262 
PHE CA  CB   sing N N 263 
PHE CA  HA   sing N N 264 
PHE C   O    doub N N 265 
PHE C   OXT  sing N N 266 
PHE CB  CG   sing N N 267 
PHE CB  HB2  sing N N 268 
PHE CB  HB3  sing N N 269 
PHE CG  CD1  doub Y N 270 
PHE CG  CD2  sing Y N 271 
PHE CD1 CE1  sing Y N 272 
PHE CD1 HD1  sing N N 273 
PHE CD2 CE2  doub Y N 274 
PHE CD2 HD2  sing N N 275 
PHE CE1 CZ   doub Y N 276 
PHE CE1 HE1  sing N N 277 
PHE CE2 CZ   sing Y N 278 
PHE CE2 HE2  sing N N 279 
PHE CZ  HZ   sing N N 280 
PHE OXT HXT  sing N N 281 
PRO N   CA   sing N N 282 
PRO N   CD   sing N N 283 
PRO N   H    sing N N 284 
PRO CA  C    sing N N 285 
PRO CA  CB   sing N N 286 
PRO CA  HA   sing N N 287 
PRO C   O    doub N N 288 
PRO C   OXT  sing N N 289 
PRO CB  CG   sing N N 290 
PRO CB  HB2  sing N N 291 
PRO CB  HB3  sing N N 292 
PRO CG  CD   sing N N 293 
PRO CG  HG2  sing N N 294 
PRO CG  HG3  sing N N 295 
PRO CD  HD2  sing N N 296 
PRO CD  HD3  sing N N 297 
PRO OXT HXT  sing N N 298 
SER N   CA   sing N N 299 
SER N   H    sing N N 300 
SER N   H2   sing N N 301 
SER CA  C    sing N N 302 
SER CA  CB   sing N N 303 
SER CA  HA   sing N N 304 
SER C   O    doub N N 305 
SER C   OXT  sing N N 306 
SER CB  OG   sing N N 307 
SER CB  HB2  sing N N 308 
SER CB  HB3  sing N N 309 
SER OG  HG   sing N N 310 
SER OXT HXT  sing N N 311 
THR N   CA   sing N N 312 
THR N   H    sing N N 313 
THR N   H2   sing N N 314 
THR CA  C    sing N N 315 
THR CA  CB   sing N N 316 
THR CA  HA   sing N N 317 
THR C   O    doub N N 318 
THR C   OXT  sing N N 319 
THR CB  OG1  sing N N 320 
THR CB  CG2  sing N N 321 
THR CB  HB   sing N N 322 
THR OG1 HG1  sing N N 323 
THR CG2 HG21 sing N N 324 
THR CG2 HG22 sing N N 325 
THR CG2 HG23 sing N N 326 
THR OXT HXT  sing N N 327 
TRP N   CA   sing N N 328 
TRP N   H    sing N N 329 
TRP N   H2   sing N N 330 
TRP CA  C    sing N N 331 
TRP CA  CB   sing N N 332 
TRP CA  HA   sing N N 333 
TRP C   O    doub N N 334 
TRP C   OXT  sing N N 335 
TRP CB  CG   sing N N 336 
TRP CB  HB2  sing N N 337 
TRP CB  HB3  sing N N 338 
TRP CG  CD1  doub Y N 339 
TRP CG  CD2  sing Y N 340 
TRP CD1 NE1  sing Y N 341 
TRP CD1 HD1  sing N N 342 
TRP CD2 CE2  doub Y N 343 
TRP CD2 CE3  sing Y N 344 
TRP NE1 CE2  sing Y N 345 
TRP NE1 HE1  sing N N 346 
TRP CE2 CZ2  sing Y N 347 
TRP CE3 CZ3  doub Y N 348 
TRP CE3 HE3  sing N N 349 
TRP CZ2 CH2  doub Y N 350 
TRP CZ2 HZ2  sing N N 351 
TRP CZ3 CH2  sing Y N 352 
TRP CZ3 HZ3  sing N N 353 
TRP CH2 HH2  sing N N 354 
TRP OXT HXT  sing N N 355 
TYR N   CA   sing N N 356 
TYR N   H    sing N N 357 
TYR N   H2   sing N N 358 
TYR CA  C    sing N N 359 
TYR CA  CB   sing N N 360 
TYR CA  HA   sing N N 361 
TYR C   O    doub N N 362 
TYR C   OXT  sing N N 363 
TYR CB  CG   sing N N 364 
TYR CB  HB2  sing N N 365 
TYR CB  HB3  sing N N 366 
TYR CG  CD1  doub Y N 367 
TYR CG  CD2  sing Y N 368 
TYR CD1 CE1  sing Y N 369 
TYR CD1 HD1  sing N N 370 
TYR CD2 CE2  doub Y N 371 
TYR CD2 HD2  sing N N 372 
TYR CE1 CZ   doub Y N 373 
TYR CE1 HE1  sing N N 374 
TYR CE2 CZ   sing Y N 375 
TYR CE2 HE2  sing N N 376 
TYR CZ  OH   sing N N 377 
TYR OH  HH   sing N N 378 
TYR OXT HXT  sing N N 379 
VAL N   CA   sing N N 380 
VAL N   H    sing N N 381 
VAL N   H2   sing N N 382 
VAL CA  C    sing N N 383 
VAL CA  CB   sing N N 384 
VAL CA  HA   sing N N 385 
VAL C   O    doub N N 386 
VAL C   OXT  sing N N 387 
VAL CB  CG1  sing N N 388 
VAL CB  CG2  sing N N 389 
VAL CB  HB   sing N N 390 
VAL CG1 HG11 sing N N 391 
VAL CG1 HG12 sing N N 392 
VAL CG1 HG13 sing N N 393 
VAL CG2 HG21 sing N N 394 
VAL CG2 HG22 sing N N 395 
VAL CG2 HG23 sing N N 396 
VAL OXT HXT  sing N N 397 
WBV OAI CAU  doub N N 398 
WBV NAR NBG  sing Y N 399 
WBV NAR CAO  doub Y N 400 
WBV CAD NBG  sing N N 401 
WBV OAH CAU  sing N N 402 
WBV CAL CAN  doub Y N 403 
WBV CAL CAV  sing Y N 404 
WBV CAU CBF  sing N N 405 
WBV CAN CBA  sing Y N 406 
WBV NBG CAP  sing Y N 407 
WBV CAO CAX  sing Y N 408 
WBV CLA CAV  sing N N 409 
WBV CAV CAK  doub Y N 410 
WBV CBA CBB  sing N N 411 
WBV CBA CAM  doub Y N 412 
WBV CBF CBC  sing N N 413 
WBV CBF OAT  sing N N 414 
WBV CAP CAX  doub Y N 415 
WBV CAX CAQ  sing N N 416 
WBV CBB CBC  doub Y N 417 
WBV CBB CBE  sing Y N 418 
WBV CBC CAW  sing Y N 419 
WBV CAB CAY  sing N N 420 
WBV CBE CAY  sing Y N 421 
WBV CBE CBD  doub Y N 422 
WBV CAY CAZ  doub Y N 423 
WBV CAW CAA  sing N N 424 
WBV CAW NAS  doub Y N 425 
WBV CAK CAM  sing Y N 426 
WBV CBD NAS  sing Y N 427 
WBV CBD NBH  sing Y N 428 
WBV CAZ CAC  sing N N 429 
WBV CAZ NBH  sing Y N 430 
WBV OAT CBI  sing N N 431 
WBV NBH CAQ  sing N N 432 
WBV CAF CBI  sing N N 433 
WBV CBI CAG  sing N N 434 
WBV CBI CAE  sing N N 435 
WBV CAA H1   sing N N 436 
WBV CAA H2   sing N N 437 
WBV CAA H3   sing N N 438 
WBV CAB H4   sing N N 439 
WBV CAB H5   sing N N 440 
WBV CAB H6   sing N N 441 
WBV CAC H7   sing N N 442 
WBV CAC H8   sing N N 443 
WBV CAC H9   sing N N 444 
WBV CAD H10  sing N N 445 
WBV CAD H11  sing N N 446 
WBV CAD H12  sing N N 447 
WBV CAE H13  sing N N 448 
WBV CAE H14  sing N N 449 
WBV CAE H15  sing N N 450 
WBV CAF H16  sing N N 451 
WBV CAF H17  sing N N 452 
WBV CAF H18  sing N N 453 
WBV CAG H19  sing N N 454 
WBV CAG H20  sing N N 455 
WBV CAG H21  sing N N 456 
WBV CAK H22  sing N N 457 
WBV CAL H23  sing N N 458 
WBV CAM H24  sing N N 459 
WBV CAN H25  sing N N 460 
WBV CAO H26  sing N N 461 
WBV CAP H27  sing N N 462 
WBV CAQ H28  sing N N 463 
WBV CAQ H29  sing N N 464 
WBV CBF H30  sing N N 465 
WBV OAH H31  sing N N 466 
# 
_pdbx_audit_support.funding_organization   
'National Institutes of Health/National Institute Of Allergy and Infectious Diseases (NIH/NIAID)' 
_pdbx_audit_support.country                'United States' 
_pdbx_audit_support.grant_number           AI062520 
_pdbx_audit_support.ordinal                1 
# 
_pdbx_initial_refinement_model.id               1 
_pdbx_initial_refinement_model.entity_id_list   ? 
_pdbx_initial_refinement_model.type             'experimental model' 
_pdbx_initial_refinement_model.source_name      PDB 
_pdbx_initial_refinement_model.accession_code   6EB2 
_pdbx_initial_refinement_model.details          'PDB entry 6EB2' 
# 
_atom_sites.entry_id                    7KE0 
_atom_sites.Cartn_transf_matrix[1][1]   ? 
_atom_sites.Cartn_transf_matrix[1][2]   ? 
_atom_sites.Cartn_transf_matrix[1][3]   ? 
_atom_sites.Cartn_transf_matrix[2][1]   ? 
_atom_sites.Cartn_transf_matrix[2][2]   ? 
_atom_sites.Cartn_transf_matrix[2][3]   ? 
_atom_sites.Cartn_transf_matrix[3][1]   ? 
_atom_sites.Cartn_transf_matrix[3][2]   ? 
_atom_sites.Cartn_transf_matrix[3][3]   ? 
_atom_sites.Cartn_transf_vector[1]      ? 
_atom_sites.Cartn_transf_vector[2]      ? 
_atom_sites.Cartn_transf_vector[3]      ? 
_atom_sites.fract_transf_matrix[1][1]   -0.00480554 
_atom_sites.fract_transf_matrix[1][2]   -0.01308713 
_atom_sites.fract_transf_matrix[1][3]   -0.00795714 
_atom_sites.fract_transf_matrix[2][1]   -0.01262618 
_atom_sites.fract_transf_matrix[2][2]   0.00079933 
_atom_sites.fract_transf_matrix[2][3]   -0.00988127 
_atom_sites.fract_transf_matrix[3][1]   0.00922945 
_atom_sites.fract_transf_matrix[3][2]   0.00360419 
_atom_sites.fract_transf_matrix[3][3]   -0.01150174 
_atom_sites.fract_transf_vector[1]      0.084895 
_atom_sites.fract_transf_vector[2]      -0.444721 
_atom_sites.fract_transf_vector[3]      -0.215735 
_atom_sites.solution_primary            ? 
_atom_sites.solution_secondary          ? 
_atom_sites.solution_hydrogens          ? 
_atom_sites.special_details             ? 
# 
loop_
_atom_type.symbol 
AS 
C  
CL 
N  
O  
S  
# 
loop_
_atom_site.group_PDB 
_atom_site.id 
_atom_site.type_symbol 
_atom_site.label_atom_id 
_atom_site.label_alt_id 
_atom_site.label_comp_id 
_atom_site.label_asym_id 
_atom_site.label_entity_id 
_atom_site.label_seq_id 
_atom_site.pdbx_PDB_ins_code 
_atom_site.Cartn_x 
_atom_site.Cartn_y 
_atom_site.Cartn_z 
_atom_site.occupancy 
_atom_site.B_iso_or_equiv 
_atom_site.pdbx_formal_charge 
_atom_site.auth_seq_id 
_atom_site.auth_comp_id 
_atom_site.auth_asym_id 
_atom_site.auth_atom_id 
_atom_site.pdbx_PDB_model_num 
ATOM   1    N  N   . SER A 1 11  ? -12.67327 1.83325   -10.44518 1.000 44.81284 ? 57  SER A N   1 
ATOM   2    C  CA  . SER A 1 11  ? -13.58634 1.33609   -9.41925  1.000 47.45365 ? 57  SER A CA  1 
ATOM   3    C  C   . SER A 1 11  ? -13.01804 1.62825   -8.02927  1.000 45.56751 ? 57  SER A C   1 
ATOM   4    O  O   . SER A 1 11  ? -11.82181 1.45068   -7.79776  1.000 52.98913 ? 57  SER A O   1 
ATOM   5    C  CB  . SER A 1 11  ? -13.83789 -0.16377  -9.60569  1.000 53.97883 ? 57  SER A CB  1 
ATOM   6    O  OG  . SER A 1 11  ? -14.51749 -0.72547  -8.49365  1.000 54.75931 ? 57  SER A OG  1 
ATOM   7    N  N   . PRO A 1 12  ? -13.88040 2.06796   -7.10478  1.000 46.47040 ? 58  PRO A N   1 
ATOM   8    C  CA  . PRO A 1 12  ? -13.38271 2.59738   -5.82029  1.000 43.54132 ? 58  PRO A CA  1 
ATOM   9    C  C   . PRO A 1 12  ? -12.76655 1.55707   -4.89391  1.000 46.14582 ? 58  PRO A C   1 
ATOM   10   O  O   . PRO A 1 12  ? -12.02829 1.94312   -3.97731  1.000 39.15567 ? 58  PRO A O   1 
ATOM   11   C  CB  . PRO A 1 12  ? -14.63737 3.21244   -5.18878  1.000 45.62458 ? 58  PRO A CB  1 
ATOM   12   C  CG  . PRO A 1 12  ? -15.76490 2.44831   -5.79386  1.000 48.80026 ? 58  PRO A CG  1 
ATOM   13   C  CD  . PRO A 1 12  ? -15.34695 2.15506   -7.20568  1.000 47.49508 ? 58  PRO A CD  1 
ATOM   14   N  N   . GLY A 1 13  ? -13.05139 0.27056   -5.08052  1.000 36.64735 ? 59  GLY A N   1 
ATOM   15   C  CA  . GLY A 1 13  ? -12.53864 -0.77592  -4.22005  1.000 33.84135 ? 59  GLY A CA  1 
ATOM   16   C  C   . GLY A 1 13  ? -11.31029 -1.50017  -4.72450  1.000 32.87937 ? 59  GLY A C   1 
ATOM   17   O  O   . GLY A 1 13  ? -10.95254 -2.54228  -4.15607  1.000 29.43918 ? 59  GLY A O   1 
ATOM   18   N  N   . ILE A 1 14  ? -10.64158 -0.99169  -5.75569  1.000 33.99925 ? 60  ILE A N   1 
ATOM   19   C  CA  . ILE A 1 14  ? -9.49838  -1.66900  -6.35887  1.000 30.93368 ? 60  ILE A CA  1 
ATOM   20   C  C   . ILE A 1 14  ? -8.21548  -1.13330  -5.73723  1.000 31.95941 ? 60  ILE A C   1 
ATOM   21   O  O   . ILE A 1 14  ? -7.92434  0.06507   -5.82222  1.000 26.72800 ? 60  ILE A O   1 
ATOM   22   C  CB  . ILE A 1 14  ? -9.47409  -1.48544  -7.88311  1.000 34.52891 ? 60  ILE A CB  1 
ATOM   23   C  CG1 . ILE A 1 14  ? -10.75745 -2.01672  -8.52109  1.000 38.75226 ? 60  ILE A CG1 1 
ATOM   24   C  CG2 . ILE A 1 14  ? -8.25273  -2.17647  -8.47445  1.000 33.13732 ? 60  ILE A CG2 1 
ATOM   25   C  CD1 . ILE A 1 14  ? -10.73934 -1.97106  -10.03909 1.000 41.76433 ? 60  ILE A CD1 1 
ATOM   26   N  N   . TRP A 1 15  ? -7.44077  -2.02430  -5.13174  1.000 29.02119 ? 61  TRP A N   1 
ATOM   27   C  CA  . TRP A 1 15  ? -6.12955  -1.70404  -4.59272  1.000 30.34993 ? 61  TRP A CA  1 
ATOM   28   C  C   . TRP A 1 15  ? -5.08676  -2.58674  -5.25824  1.000 32.56020 ? 61  TRP A C   1 
ATOM   29   O  O   . TRP A 1 15  ? -5.35491  -3.74938  -5.57311  1.000 33.18793 ? 61  TRP A O   1 
ATOM   30   C  CB  . TRP A 1 15  ? -6.07935  -1.91219  -3.07926  1.000 27.78978 ? 61  TRP A CB  1 
ATOM   31   C  CG  . TRP A 1 15  ? -6.88543  -0.92605  -2.29931  1.000 26.85358 ? 61  TRP A CG  1 
ATOM   32   C  CD1 . TRP A 1 15  ? -8.23987  -0.91620  -2.13737  1.000 28.75938 ? 61  TRP A CD1 1 
ATOM   33   C  CD2 . TRP A 1 15  ? -6.38330  0.19523   -1.56505  1.000 28.91945 ? 61  TRP A CD2 1 
ATOM   34   N  NE1 . TRP A 1 15  ? -8.61272  0.14300   -1.34456  1.000 26.58072 ? 61  TRP A NE1 1 
ATOM   35   C  CE2 . TRP A 1 15  ? -7.49190  0.84217   -0.98109  1.000 30.11114 ? 61  TRP A CE2 1 
ATOM   36   C  CE3 . TRP A 1 15  ? -5.10245  0.71618   -1.34433  1.000 27.86483 ? 61  TRP A CE3 1 
ATOM   37   C  CZ2 . TRP A 1 15  ? -7.36005  1.98398   -0.18848  1.000 25.21254 ? 61  TRP A CZ2 1 
ATOM   38   C  CZ3 . TRP A 1 15  ? -4.97353  1.85084   -0.55766  1.000 27.21544 ? 61  TRP A CZ3 1 
ATOM   39   C  CH2 . TRP A 1 15  ? -6.09796  2.47082   0.00970   1.000 28.02478 ? 61  TRP A CH2 1 
ATOM   40   N  N   . GLN A 1 16  ? -3.90201  -2.03059  -5.47265  1.000 28.19276 ? 62  GLN A N   1 
ATOM   41   C  CA  . GLN A 1 16  ? -2.75999  -2.77910  -5.96837  1.000 32.86323 ? 62  GLN A CA  1 
ATOM   42   C  C   . GLN A 1 16  ? -1.72370  -2.87524  -4.85647  1.000 33.78382 ? 62  GLN A C   1 
ATOM   43   O  O   . GLN A 1 16  ? -1.38200  -1.86548  -4.23483  1.000 29.38502 ? 62  GLN A O   1 
ATOM   44   C  CB  . GLN A 1 16  ? -2.16666  -2.11217  -7.20987  1.000 32.18504 ? 62  GLN A CB  1 
ATOM   45   C  CG  . GLN A 1 16  ? -0.76851  -2.58811  -7.54525  1.000 34.33786 ? 62  GLN A CG  1 
ATOM   46   C  CD  . GLN A 1 16  ? -0.63750  -3.07492  -8.97300  1.000 39.87916 ? 62  GLN A CD  1 
ATOM   47   O  OE1 . GLN A 1 16  ? -1.54213  -2.89376  -9.79280  1.000 39.62583 ? 62  GLN A OE1 1 
ATOM   48   N  NE2 . GLN A 1 16  ? 0.49444   -3.70204  -9.27911  1.000 37.30113 ? 62  GLN A NE2 1 
ATOM   49   N  N   . LEU A 1 17  ? -1.24008  -4.08753  -4.59844  1.000 30.30524 ? 63  LEU A N   1 
ATOM   50   C  CA  . LEU A 1 17  ? -0.28605  -4.34937  -3.52761  1.000 32.20743 ? 63  LEU A CA  1 
ATOM   51   C  C   . LEU A 1 17  ? 0.98574   -4.95191  -4.10358  1.000 33.21316 ? 63  LEU A C   1 
ATOM   52   O  O   . LEU A 1 17  ? 0.92499   -5.87759  -4.91971  1.000 33.86144 ? 63  LEU A O   1 
ATOM   53   C  CB  . LEU A 1 17  ? -0.87546  -5.28996  -2.46837  1.000 33.64826 ? 63  LEU A CB  1 
ATOM   54   C  CG  . LEU A 1 17  ? -1.89594  -4.75293  -1.45754  1.000 39.99843 ? 63  LEU A CG  1 
ATOM   55   C  CD1 . LEU A 1 17  ? -3.20807  -4.25841  -2.08887  1.000 37.28941 ? 63  LEU A CD1 1 
ATOM   56   C  CD2 . LEU A 1 17  ? -2.16601  -5.81733  -0.40003  1.000 34.36593 ? 63  LEU A CD2 1 
ATOM   57   N  N   . ASP A 1 18  ? 2.13012   -4.43119  -3.66928  1.000 30.41043 ? 64  ASP A N   1 
ATOM   58   C  CA  . ASP A 1 18  ? 3.43380   -4.90335  -4.12408  1.000 33.37500 ? 64  ASP A CA  1 
ATOM   59   C  C   . ASP A 1 18  ? 4.48551   -4.67604  -3.04421  1.000 33.03323 ? 64  ASP A C   1 
ATOM   60   O  O   . ASP A 1 18  ? 4.28720   -3.87147  -2.13429  1.000 32.06869 ? 64  ASP A O   1 
ATOM   61   C  CB  . ASP A 1 18  ? 3.85841   -4.18911  -5.41295  1.000 32.93230 ? 64  ASP A CB  1 
ATOM   62   C  CG  . ASP A 1 18  ? 2.95220   -4.50361  -6.58144  1.000 36.61675 ? 64  ASP A CG  1 
ATOM   63   O  OD1 . ASP A 1 18  ? 3.00218   -5.64986  -7.08205  1.000 42.36413 ? 64  ASP A OD1 1 
ATOM   64   O  OD2 . ASP A 1 18  ? 2.18442   -3.60598  -6.99448  1.000 36.29066 ? 64  ASP A OD2 1 
HETATM 65   N  N   . CAF A 1 19  ? 5.60369   -5.38500  -3.14973  1.000 26.25393 ? 65  CAF A N   1 
HETATM 66   C  CA  . CAF A 1 19  ? 6.73536   -5.13518  -2.27522  1.000 34.98557 ? 65  CAF A CA  1 
HETATM 67   C  CB  . CAF A 1 19  ? 7.25399   -6.38130  -1.55640  1.000 35.50044 ? 65  CAF A CB  1 
HETATM 68   C  C   . CAF A 1 19  ? 7.86530   -4.56779  -3.11038  1.000 35.27397 ? 65  CAF A C   1 
HETATM 69   O  O   . CAF A 1 19  ? 8.04900   -4.94938  -4.29500  1.000 35.92040 ? 65  CAF A O   1 
HETATM 70   S  SG  . CAF A 1 19  ? 6.04876   -6.98352  -0.34226  1.000 32.74331 ? 65  CAF A SG  1 
HETATM 71   AS AS  . CAF A 1 19  ? 4.90134   -8.48440  -1.54788  1.000 33.98412 ? 65  CAF A AS  1 
HETATM 72   C  CE1 . CAF A 1 19  ? 5.86450   -8.64603  -3.25204  1.000 52.53461 ? 65  CAF A CE1 1 
HETATM 73   C  CE2 . CAF A 1 19  ? 4.78107   -10.19663 -0.59276  1.000 41.44500 ? 65  CAF A CE2 1 
HETATM 74   O  O1  . CAF A 1 19  ? 3.42343   -7.92316  -1.81183  1.000 42.62865 ? 65  CAF A O1  1 
ATOM   75   N  N   . THR A 1 20  ? 8.62079   -3.66062  -2.50903  1.000 35.35952 ? 66  THR A N   1 
ATOM   76   C  CA  . THR A 1 20  ? 9.83627   -3.15272  -3.11939  1.000 39.03518 ? 66  THR A CA  1 
ATOM   77   C  C   . THR A 1 20  ? 10.94170  -3.29440  -2.08937  1.000 38.62783 ? 66  THR A C   1 
ATOM   78   O  O   . THR A 1 20  ? 10.66263  -3.56559  -0.92197  1.000 36.36474 ? 66  THR A O   1 
ATOM   79   C  CB  . THR A 1 20  ? 9.68796   -1.69299  -3.57149  1.000 44.71320 ? 66  THR A CB  1 
ATOM   80   O  OG1 . THR A 1 20  ? 10.86048  -1.29934  -4.29146  1.000 44.98452 ? 66  THR A OG1 1 
ATOM   81   C  CG2 . THR A 1 20  ? 9.49088   -0.77678  -2.37059  1.000 38.46379 ? 66  THR A CG2 1 
ATOM   82   N  N   . HIS A 1 21  ? 12.19135  -3.12091  -2.50826  1.000 40.91334 ? 67  HIS A N   1 
ATOM   83   C  CA  . HIS A 1 21  ? 13.33807  -3.37274  -1.64641  1.000 41.41161 ? 67  HIS A CA  1 
ATOM   84   C  C   . HIS A 1 21  ? 14.18389  -2.11637  -1.50029  1.000 38.86540 ? 67  HIS A C   1 
ATOM   85   O  O   . HIS A 1 21  ? 14.36123  -1.35727  -2.45916  1.000 39.34485 ? 67  HIS A O   1 
ATOM   86   C  CB  . HIS A 1 21  ? 14.18924  -4.52101  -2.19222  1.000 44.08643 ? 67  HIS A CB  1 
ATOM   87   C  CG  . HIS A 1 21  ? 13.48987  -5.84463  -2.17677  1.000 47.63499 ? 67  HIS A CG  1 
ATOM   88   N  ND1 . HIS A 1 21  ? 12.60744  -6.23077  -3.16193  1.000 52.24418 ? 67  HIS A ND1 1 
ATOM   89   C  CD2 . HIS A 1 21  ? 13.53849  -6.86768  -1.29050  1.000 49.66411 ? 67  HIS A CD2 1 
ATOM   90   C  CE1 . HIS A 1 21  ? 12.14250  -7.43707  -2.88485  1.000 54.54121 ? 67  HIS A CE1 1 
ATOM   91   N  NE2 . HIS A 1 21  ? 12.69166  -7.84536  -1.75543  1.000 59.61125 ? 67  HIS A NE2 1 
ATOM   92   N  N   . LEU A 1 22  ? 14.70047  -1.90570  -0.28971  1.000 38.66258 ? 68  LEU A N   1 
ATOM   93   C  CA  . LEU A 1 22  ? 15.52986  -0.74478  0.01300   1.000 37.62638 ? 68  LEU A CA  1 
ATOM   94   C  C   . LEU A 1 22  ? 16.28803  -1.01157  1.30463   1.000 35.04568 ? 68  LEU A C   1 
ATOM   95   O  O   . LEU A 1 22  ? 15.68147  -1.40211  2.30754   1.000 34.81943 ? 68  LEU A O   1 
ATOM   96   C  CB  . LEU A 1 22  ? 14.67934  0.52769   0.14182   1.000 36.00252 ? 68  LEU A CB  1 
ATOM   97   C  CG  . LEU A 1 22  ? 15.32572  1.85334   -0.26331  1.000 40.89114 ? 68  LEU A CG  1 
ATOM   98   C  CD1 . LEU A 1 22  ? 15.51642  1.92549   -1.77241  1.000 40.14043 ? 68  LEU A CD1 1 
ATOM   99   C  CD2 . LEU A 1 22  ? 14.49407  3.02996   0.22945   1.000 46.29033 ? 68  LEU A CD2 1 
ATOM   100  N  N   . GLU A 1 23  ? 17.60588  -0.79813  1.27513   1.000 36.60621 ? 69  GLU A N   1 
ATOM   101  C  CA  . GLU A 1 23  ? 18.46418  -0.97796  2.44887   1.000 36.17045 ? 69  GLU A CA  1 
ATOM   102  C  C   . GLU A 1 23  ? 18.32168  -2.38066  3.03052   1.000 37.02609 ? 69  GLU A C   1 
ATOM   103  O  O   . GLU A 1 23  ? 18.25942  -2.57093  4.24853   1.000 37.38427 ? 69  GLU A O   1 
ATOM   104  C  CB  . GLU A 1 23  ? 18.17354  0.07896   3.51697   1.000 35.43782 ? 69  GLU A CB  1 
ATOM   105  C  CG  . GLU A 1 23  ? 18.19010  1.50080   3.01460   1.000 37.30528 ? 69  GLU A CG  1 
ATOM   106  C  CD  . GLU A 1 23  ? 17.81304  2.49614   4.09728   1.000 36.68523 ? 69  GLU A CD  1 
ATOM   107  O  OE1 . GLU A 1 23  ? 17.66622  3.69363   3.77626   1.000 36.68125 ? 69  GLU A OE1 1 
ATOM   108  O  OE2 . GLU A 1 23  ? 17.66309  2.08106   5.26773   1.000 36.78015 ? 69  GLU A OE2 1 
ATOM   109  N  N   . GLY A 1 24  ? 18.27412  -3.37461  2.14773   1.000 37.24002 ? 70  GLY A N   1 
ATOM   110  C  CA  . GLY A 1 24  ? 18.06070  -4.73748  2.58042   1.000 38.99225 ? 70  GLY A CA  1 
ATOM   111  C  C   . GLY A 1 24  ? 16.74403  -4.99454  3.27106   1.000 40.23786 ? 70  GLY A C   1 
ATOM   112  O  O   . GLY A 1 24  ? 16.58563  -6.05091  3.88930   1.000 47.34905 ? 70  GLY A O   1 
ATOM   113  N  N   . LYS A 1 25  ? 15.79216  -4.07023  3.18506   1.000 38.03386 ? 71  LYS A N   1 
ATOM   114  C  CA  . LYS A 1 25  ? 14.49585  -4.22184  3.82595   1.000 38.40970 ? 71  LYS A CA  1 
ATOM   115  C  C   . LYS A 1 25  ? 13.39583  -4.24433  2.77089   1.000 37.15947 ? 71  LYS A C   1 
ATOM   116  O  O   . LYS A 1 25  ? 13.61274  -3.89003  1.60754   1.000 37.63358 ? 71  LYS A O   1 
ATOM   117  C  CB  . LYS A 1 25  ? 14.24100  -3.09759  4.84075   1.000 38.10132 ? 71  LYS A CB  1 
ATOM   118  C  CG  . LYS A 1 25  ? 15.18896  -3.11703  6.03516   1.000 38.07617 ? 71  LYS A CG  1 
ATOM   119  C  CD  . LYS A 1 25  ? 14.86580  -1.99812  7.01080   1.000 39.61118 ? 71  LYS A CD  1 
ATOM   120  C  CE  . LYS A 1 25  ? 15.24751  -2.37481  8.42945   1.000 41.75176 ? 71  LYS A CE  1 
ATOM   121  N  NZ  . LYS A 1 25  ? 16.70422  -2.19429  8.67097   1.000 44.35290 ? 71  LYS A NZ  1 
ATOM   122  N  N   . VAL A 1 26  ? 12.20270  -4.66398  3.19017   1.000 35.67733 ? 72  VAL A N   1 
ATOM   123  C  CA  . VAL A 1 26  ? 11.06106  -4.83123  2.29554   1.000 36.94464 ? 72  VAL A CA  1 
ATOM   124  C  C   . VAL A 1 26  ? 9.99790   -3.80674  2.65842   1.000 33.76746 ? 72  VAL A C   1 
ATOM   125  O  O   . VAL A 1 26  ? 9.60483   -3.69689  3.82547   1.000 34.38465 ? 72  VAL A O   1 
ATOM   126  C  CB  . VAL A 1 26  ? 10.48437  -6.25581  2.36119   1.000 36.80205 ? 72  VAL A CB  1 
ATOM   127  C  CG1 . VAL A 1 26  ? 9.22137   -6.34841  1.51553   1.000 37.06093 ? 72  VAL A CG1 1 
ATOM   128  C  CG2 . VAL A 1 26  ? 11.52380  -7.26629  1.89329   1.000 40.35749 ? 72  VAL A CG2 1 
ATOM   129  N  N   . ILE A 1 27  ? 9.53688   -3.06167  1.65675   1.000 31.46940 ? 73  ILE A N   1 
ATOM   130  C  CA  . ILE A 1 27  ? 8.45309   -2.09956  1.81105   1.000 31.95266 ? 73  ILE A CA  1 
ATOM   131  C  C   . ILE A 1 27  ? 7.24426   -2.64173  1.06934   1.000 32.42398 ? 73  ILE A C   1 
ATOM   132  O  O   . ILE A 1 27  ? 7.29343   -2.84118  -0.14996  1.000 33.91550 ? 73  ILE A O   1 
ATOM   133  C  CB  . ILE A 1 27  ? 8.83346   -0.71009  1.27915   1.000 32.77503 ? 73  ILE A CB  1 
ATOM   134  C  CG1 . ILE A 1 27  ? 10.13975  -0.22663  1.90955   1.000 30.34511 ? 73  ILE A CG1 1 
ATOM   135  C  CG2 . ILE A 1 27  ? 7.69568   0.28257   1.53591   1.000 27.37919 ? 73  ILE A CG2 1 
ATOM   136  C  CD1 . ILE A 1 27  ? 10.86183  0.82809   1.07948   1.000 33.70467 ? 73  ILE A CD1 1 
ATOM   137  N  N   . LEU A 1 28  ? 6.16233   -2.88030  1.79884   1.000 27.33835 ? 74  LEU A N   1 
ATOM   138  C  CA  . LEU A 1 28  ? 4.90319   -3.28103  1.19015   1.000 32.38210 ? 74  LEU A CA  1 
ATOM   139  C  C   . LEU A 1 28  ? 4.12054   -2.02180  0.83361   1.000 32.17079 ? 74  LEU A C   1 
ATOM   140  O  O   . LEU A 1 28  ? 3.80633   -1.21246  1.71350   1.000 32.90010 ? 74  LEU A O   1 
ATOM   141  C  CB  . LEU A 1 28  ? 4.10725   -4.17947  2.13589   1.000 31.66457 ? 74  LEU A CB  1 
ATOM   142  C  CG  . LEU A 1 28  ? 3.21612   -5.24634  1.49390   1.000 33.07122 ? 74  LEU A CG  1 
ATOM   143  C  CD1 . LEU A 1 28  ? 2.94688   -6.37197  2.47634   1.000 31.79593 ? 74  LEU A CD1 1 
ATOM   144  C  CD2 . LEU A 1 28  ? 1.90925   -4.64200  1.00369   1.000 36.81444 ? 74  LEU A CD2 1 
ATOM   145  N  N   . VAL A 1 29  ? 3.81445   -1.85695  -0.45157  1.000 27.47122 ? 75  VAL A N   1 
ATOM   146  C  CA  . VAL A 1 29  ? 3.15883   -0.66074  -0.97321  1.000 28.98387 ? 75  VAL A CA  1 
ATOM   147  C  C   . VAL A 1 29  ? 1.78012   -1.05194  -1.48600  1.000 31.03180 ? 75  VAL A C   1 
ATOM   148  O  O   . VAL A 1 29  ? 1.65763   -1.90279  -2.37696  1.000 29.33950 ? 75  VAL A O   1 
ATOM   149  C  CB  . VAL A 1 29  ? 3.98284   -0.00325  -2.09155  1.000 29.43439 ? 75  VAL A CB  1 
ATOM   150  C  CG1 . VAL A 1 29  ? 3.25890   1.22203   -2.63357  1.000 31.81284 ? 75  VAL A CG1 1 
ATOM   151  C  CG2 . VAL A 1 29  ? 5.37046   0.35703   -1.59283  1.000 30.80538 ? 75  VAL A CG2 1 
ATOM   152  N  N   . ALA A 1 30  ? 0.74584   -0.42657  -0.93458  1.000 27.02685 ? 76  ALA A N   1 
ATOM   153  C  CA  . ALA A 1 30  ? -0.62370  -0.60246  -1.40090  1.000 30.12038 ? 76  ALA A CA  1 
ATOM   154  C  C   . ALA A 1 30  ? -1.09887  0.71452   -1.99993  1.000 31.47964 ? 76  ALA A C   1 
ATOM   155  O  O   . ALA A 1 30  ? -1.04574  1.75834   -1.33871  1.000 27.90351 ? 76  ALA A O   1 
ATOM   156  C  CB  . ALA A 1 30  ? -1.54412  -1.05280  -0.26795  1.000 25.53221 ? 76  ALA A CB  1 
ATOM   157  N  N   . VAL A 1 31  ? -1.54597  0.66742   -3.25099  1.000 29.22118 ? 77  VAL A N   1 
ATOM   158  C  CA  . VAL A 1 31  ? -1.97107  1.85545   -3.98052  1.000 29.43684 ? 77  VAL A CA  1 
ATOM   159  C  C   . VAL A 1 31  ? -3.45598  1.72608   -4.27773  1.000 29.25728 ? 77  VAL A C   1 
ATOM   160  O  O   . VAL A 1 31  ? -3.89483  0.72965   -4.86569  1.000 30.35174 ? 77  VAL A O   1 
ATOM   161  C  CB  . VAL A 1 31  ? -1.17166  2.05262   -5.27721  1.000 30.99268 ? 77  VAL A CB  1 
ATOM   162  C  CG1 . VAL A 1 31  ? -1.70226  3.25841   -6.04225  1.000 31.50191 ? 77  VAL A CG1 1 
ATOM   163  C  CG2 . VAL A 1 31  ? 0.30426   2.22496   -4.96936  1.000 31.53996 ? 77  VAL A CG2 1 
ATOM   164  N  N   . HIS A 1 32  ? -4.23099  2.71774   -3.85306  1.000 27.09140 ? 78  HIS A N   1 
ATOM   165  C  CA  . HIS A 1 32  ? -5.61582  2.81622   -4.28941  1.000 28.85084 ? 78  HIS A CA  1 
ATOM   166  C  C   . HIS A 1 32  ? -5.61602  3.31601   -5.72953  1.000 30.10517 ? 78  HIS A C   1 
ATOM   167  O  O   . HIS A 1 32  ? -5.33432  4.49172   -5.98416  1.000 31.98237 ? 78  HIS A O   1 
ATOM   168  C  CB  . HIS A 1 32  ? -6.40259  3.74382   -3.36930  1.000 28.38434 ? 78  HIS A CB  1 
ATOM   169  C  CG  . HIS A 1 32  ? -7.85621  3.83114   -3.71119  1.000 31.84655 ? 78  HIS A CG  1 
ATOM   170  N  ND1 . HIS A 1 32  ? -8.43989  4.98509   -4.18395  1.000 30.00737 ? 78  HIS A ND1 1 
ATOM   171  C  CD2 . HIS A 1 32  ? -8.84032  2.90162   -3.66291  1.000 30.14826 ? 78  HIS A CD2 1 
ATOM   172  C  CE1 . HIS A 1 32  ? -9.72498  4.76628   -4.40456  1.000 33.55492 ? 78  HIS A CE1 1 
ATOM   173  N  NE2 . HIS A 1 32  ? -9.99316  3.51028   -4.09593  1.000 33.75783 ? 78  HIS A NE2 1 
ATOM   174  N  N   . VAL A 1 33  ? -5.90244  2.41734   -6.67519  1.000 28.97931 ? 79  VAL A N   1 
ATOM   175  C  CA  . VAL A 1 33  ? -5.62107  2.69989   -8.08180  1.000 32.69247 ? 79  VAL A CA  1 
ATOM   176  C  C   . VAL A 1 33  ? -6.42302  3.90248   -8.56827  1.000 32.50639 ? 79  VAL A C   1 
ATOM   177  O  O   . VAL A 1 33  ? -5.90961  4.75132   -9.30771  1.000 33.61036 ? 79  VAL A O   1 
ATOM   178  C  CB  . VAL A 1 33  ? -5.89502  1.45209   -8.94102  1.000 34.30521 ? 79  VAL A CB  1 
ATOM   179  C  CG1 . VAL A 1 33  ? -5.28501  1.62179   -10.32902 1.000 45.11288 ? 79  VAL A CG1 1 
ATOM   180  C  CG2 . VAL A 1 33  ? -5.35320  0.20544   -8.25585  1.000 33.07816 ? 79  VAL A CG2 1 
ATOM   181  N  N   . ALA A 1 34  ? -7.68739  4.00369   -8.15289  1.000 31.38786 ? 80  ALA A N   1 
ATOM   182  C  CA  . ALA A 1 34  ? -8.54697  5.06066   -8.67574  1.000 34.40677 ? 80  ALA A CA  1 
ATOM   183  C  C   . ALA A 1 34  ? -8.06830  6.45263   -8.28781  1.000 36.77071 ? 80  ALA A C   1 
ATOM   184  O  O   . ALA A 1 34  ? -8.40221  7.42200   -8.97685  1.000 42.86884 ? 80  ALA A O   1 
ATOM   185  C  CB  . ALA A 1 34  ? -9.98547  4.85698   -8.19939  1.000 36.44506 ? 80  ALA A CB  1 
ATOM   186  N  N   . SER A 1 35  ? -7.28635  6.57888   -7.21360  1.000 34.65127 ? 81  SER A N   1 
ATOM   187  C  CA  . SER A 1 35  ? -6.87750  7.88353   -6.71544  1.000 33.76807 ? 81  SER A CA  1 
ATOM   188  C  C   . SER A 1 35  ? -5.37070  8.08691   -6.62667  1.000 33.10290 ? 81  SER A C   1 
ATOM   189  O  O   . SER A 1 35  ? -4.93200  9.23848   -6.55497  1.000 33.47034 ? 81  SER A O   1 
ATOM   190  C  CB  . SER A 1 35  ? -7.48886  8.13777   -5.32732  1.000 33.77535 ? 81  SER A CB  1 
ATOM   191  O  OG  . SER A 1 35  ? -6.92450  7.27784   -4.35174  1.000 33.03237 ? 81  SER A OG  1 
ATOM   192  N  N   . GLY A 1 36  ? -4.56969  7.02303   -6.64018  1.000 32.88870 ? 82  GLY A N   1 
ATOM   193  C  CA  . GLY A 1 36  ? -3.14670  7.14969   -6.40489  1.000 31.26400 ? 82  GLY A CA  1 
ATOM   194  C  C   . GLY A 1 36  ? -2.75100  7.24003   -4.94615  1.000 31.80533 ? 82  GLY A C   1 
ATOM   195  O  O   . GLY A 1 36  ? -1.56036  7.41034   -4.65023  1.000 31.02524 ? 82  GLY A O   1 
ATOM   196  N  N   . TYR A 1 37  ? -3.70678  7.12836   -4.02960  1.000 32.81863 ? 83  TYR A N   1 
ATOM   197  C  CA  . TYR A 1 37  ? -3.41910  7.20361   -2.60403  1.000 29.53329 ? 83  TYR A CA  1 
ATOM   198  C  C   . TYR A 1 37  ? -2.66160  5.96005   -2.15187  1.000 29.81243 ? 83  TYR A C   1 
ATOM   199  O  O   . TYR A 1 37  ? -2.94816  4.84403   -2.59328  1.000 27.92882 ? 83  TYR A O   1 
ATOM   200  C  CB  . TYR A 1 37  ? -4.73203  7.36144   -1.83861  1.000 29.86625 ? 83  TYR A CB  1 
ATOM   201  C  CG  . TYR A 1 37  ? -4.67163  7.14359   -0.34703  1.000 32.74922 ? 83  TYR A CG  1 
ATOM   202  C  CD1 . TYR A 1 37  ? -4.85212  5.87463   0.19938   1.000 31.00771 ? 83  TYR A CD1 1 
ATOM   203  C  CD2 . TYR A 1 37  ? -4.47364  8.21217   0.51862   1.000 30.63953 ? 83  TYR A CD2 1 
ATOM   204  C  CE1 . TYR A 1 37  ? -4.81831  5.67563   1.55654   1.000 31.48899 ? 83  TYR A CE1 1 
ATOM   205  C  CE2 . TYR A 1 37  ? -4.43750  8.02226   1.88121   1.000 31.23739 ? 83  TYR A CE2 1 
ATOM   206  C  CZ  . TYR A 1 37  ? -4.61180  6.75319   2.39234   1.000 38.08771 ? 83  TYR A CZ  1 
ATOM   207  O  OH  . TYR A 1 37  ? -4.58143  6.56083   3.74523   1.000 35.27647 ? 83  TYR A OH  1 
ATOM   208  N  N   . ILE A 1 38  ? -1.68806  6.15359   -1.26525  1.000 29.03073 ? 84  ILE A N   1 
ATOM   209  C  CA  . ILE A 1 38  ? -0.74517  5.10407   -0.89976  1.000 32.07846 ? 84  ILE A CA  1 
ATOM   210  C  C   . ILE A 1 38  ? -0.85366  4.80234   0.58778   1.000 35.88434 ? 84  ILE A C   1 
ATOM   211  O  O   . ILE A 1 38  ? -0.96331  5.71612   1.41432   1.000 26.70013 ? 84  ILE A O   1 
ATOM   212  C  CB  . ILE A 1 38  ? 0.70389   5.49630   -1.25488  1.000 31.68677 ? 84  ILE A CB  1 
ATOM   213  C  CG1 . ILE A 1 38  ? 0.90641   5.53632   -2.76870  1.000 34.20221 ? 84  ILE A CG1 1 
ATOM   214  C  CG2 . ILE A 1 38  ? 1.70402   4.53993   -0.61376  1.000 30.85002 ? 84  ILE A CG2 1 
ATOM   215  C  CD1 . ILE A 1 38  ? 2.30164   5.98392   -3.15490  1.000 40.31564 ? 84  ILE A CD1 1 
ATOM   216  N  N   . GLU A 1 39  ? -0.83304  3.51046   0.91487   1.000 29.03984 ? 85  GLU A N   1 
ATOM   217  C  CA  . GLU A 1 39  ? -0.47293  3.00842   2.23412   1.000 32.86826 ? 85  GLU A CA  1 
ATOM   218  C  C   . GLU A 1 39  ? 0.78021   2.15999   2.07554   1.000 35.71741 ? 85  GLU A C   1 
ATOM   219  O  O   . GLU A 1 39  ? 0.85461   1.33263   1.16104   1.000 33.78652 ? 85  GLU A O   1 
ATOM   220  C  CB  . GLU A 1 39  ? -1.60184  2.17534   2.84534   1.000 35.17495 ? 85  GLU A CB  1 
ATOM   221  C  CG  . GLU A 1 39  ? -2.76163  2.98640   3.38844   1.000 37.64250 ? 85  GLU A CG  1 
ATOM   222  C  CD  . GLU A 1 39  ? -3.08542  2.62893   4.82319   1.000 40.41556 ? 85  GLU A CD  1 
ATOM   223  O  OE1 . GLU A 1 39  ? -2.13667  2.39204   5.59961   1.000 42.67066 ? 85  GLU A OE1 1 
ATOM   224  O  OE2 . GLU A 1 39  ? -4.28429  2.57796   5.17267   1.000 50.28376 ? 85  GLU A OE2 1 
ATOM   225  N  N   . ALA A 1 40  ? 1.76466   2.36349   2.94943   1.000 30.59401 ? 86  ALA A N   1 
ATOM   226  C  CA  . ALA A 1 40  ? 3.01685   1.62824   2.83359   1.000 31.93049 ? 86  ALA A CA  1 
ATOM   227  C  C   . ALA A 1 40  ? 3.61622   1.39147   4.21077   1.000 35.25946 ? 86  ALA A C   1 
ATOM   228  O  O   . ALA A 1 40  ? 3.51938   2.24689   5.09525   1.000 32.57085 ? 86  ALA A O   1 
ATOM   229  C  CB  . ALA A 1 40  ? 4.02776   2.36262   1.94444   1.000 30.90084 ? 86  ALA A CB  1 
ATOM   230  N  N   . GLU A 1 41  ? 4.23392   0.22066   4.38031   1.000 33.65799 ? 87  GLU A N   1 
ATOM   231  C  CA  . GLU A 1 41  ? 4.85637   -0.17034  5.63656   1.000 34.99632 ? 87  GLU A CA  1 
ATOM   232  C  C   . GLU A 1 41  ? 6.13826   -0.93975  5.35333   1.000 34.22004 ? 87  GLU A C   1 
ATOM   233  O  O   . GLU A 1 41  ? 6.25958   -1.62312  4.33323   1.000 32.53470 ? 87  GLU A O   1 
ATOM   234  C  CB  . GLU A 1 41  ? 3.92690   -1.04528  6.49722   1.000 37.35807 ? 87  GLU A CB  1 
ATOM   235  C  CG  . GLU A 1 41  ? 2.56113   -0.44585  6.78675   1.000 46.98306 ? 87  GLU A CG  1 
ATOM   236  C  CD  . GLU A 1 41  ? 2.29297   -0.28763  8.26967   1.000 45.64567 ? 87  GLU A CD  1 
ATOM   237  O  OE1 . GLU A 1 41  ? 3.23683   0.04746   9.01979   1.000 45.09123 ? 87  GLU A OE1 1 
ATOM   238  O  OE2 . GLU A 1 41  ? 1.13389   -0.49745  8.68360   1.000 60.25556 ? 87  GLU A OE2 1 
ATOM   239  N  N   . VAL A 1 42  ? 7.09193   -0.82750  6.27153   1.000 33.57001 ? 88  VAL A N   1 
ATOM   240  C  CA  . VAL A 1 42  ? 8.29111   -1.65608  6.25044   1.000 35.39983 ? 88  VAL A CA  1 
ATOM   241  C  C   . VAL A 1 42  ? 7.97900   -2.93807  7.01012   1.000 37.56042 ? 88  VAL A C   1 
ATOM   242  O  O   . VAL A 1 42  ? 7.56776   -2.89167  8.17474   1.000 36.42875 ? 88  VAL A O   1 
ATOM   243  C  CB  . VAL A 1 42  ? 9.49311   -0.92638  6.86982   1.000 33.29056 ? 88  VAL A CB  1 
ATOM   244  C  CG1 . VAL A 1 42  ? 10.60048  -1.91937  7.19801   1.000 35.17663 ? 88  VAL A CG1 1 
ATOM   245  C  CG2 . VAL A 1 42  ? 10.00992  0.14324   5.92885   1.000 31.14509 ? 88  VAL A CG2 1 
ATOM   246  N  N   . ILE A 1 43  ? 8.16392   -4.07991  6.35296   1.000 38.28536 ? 89  ILE A N   1 
ATOM   247  C  CA  . ILE A 1 43  ? 7.89472   -5.37748  6.96984   1.000 41.49494 ? 89  ILE A CA  1 
ATOM   248  C  C   . ILE A 1 43  ? 9.21568   -6.11381  7.16242   1.000 44.40374 ? 89  ILE A C   1 
ATOM   249  O  O   . ILE A 1 43  ? 10.15857  -5.90743  6.38368   1.000 42.62349 ? 89  ILE A O   1 
ATOM   250  C  CB  . ILE A 1 43  ? 6.90312   -6.20414  6.13227   1.000 44.45575 ? 89  ILE A CB  1 
ATOM   251  C  CG1 . ILE A 1 43  ? 7.41427   -6.38684  4.70119   1.000 39.30236 ? 89  ILE A CG1 1 
ATOM   252  C  CG2 . ILE A 1 43  ? 5.52008   -5.55126  6.13833   1.000 39.55011 ? 89  ILE A CG2 1 
ATOM   253  C  CD1 . ILE A 1 43  ? 6.55559   -7.32205  3.86357   1.000 37.21386 ? 89  ILE A CD1 1 
ATOM   254  N  N   . PRO A 1 44  ? 9.33916   -6.96594  8.18512   1.000 50.73379 ? 90  PRO A N   1 
ATOM   255  C  CA  . PRO A 1 44  ? 10.62941  -7.64143  8.40566   1.000 48.04157 ? 90  PRO A CA  1 
ATOM   256  C  C   . PRO A 1 44  ? 11.01152  -8.58486  7.27912   1.000 50.72217 ? 90  PRO A C   1 
ATOM   257  O  O   . PRO A 1 44  ? 12.19071  -8.65174  6.90819   1.000 55.12608 ? 90  PRO A O   1 
ATOM   258  C  CB  . PRO A 1 44  ? 10.41487  -8.38307  9.73383   1.000 48.17286 ? 90  PRO A CB  1 
ATOM   259  C  CG  . PRO A 1 44  ? 8.93743   -8.52467  9.86735   1.000 49.89113 ? 90  PRO A CG  1 
ATOM   260  C  CD  . PRO A 1 44  ? 8.34279   -7.31314  9.21305   1.000 48.21282 ? 90  PRO A CD  1 
ATOM   261  N  N   . ALA A 1 45  ? 10.04779  -9.30732  6.71118   1.000 47.07686 ? 91  ALA A N   1 
ATOM   262  C  CA  . ALA A 1 45  ? 10.34282  -10.22493 5.62193   1.000 46.66943 ? 91  ALA A CA  1 
ATOM   263  C  C   . ALA A 1 45  ? 9.16844   -10.26088 4.65464   1.000 43.73249 ? 91  ALA A C   1 
ATOM   264  O  O   . ALA A 1 45  ? 8.02794   -9.96086  5.01374   1.000 42.53121 ? 91  ALA A O   1 
ATOM   265  C  CB  . ALA A 1 45  ? 10.66290  -11.63196 6.14366   1.000 46.56788 ? 91  ALA A CB  1 
ATOM   266  N  N   . GLU A 1 46  ? 9.47021   -10.63772 3.41199   1.000 44.67274 ? 92  GLU A N   1 
ATOM   267  C  CA  . GLU A 1 46  ? 8.48085   -10.70451 2.33618   1.000 42.56927 ? 92  GLU A CA  1 
ATOM   268  C  C   . GLU A 1 46  ? 7.76070   -12.05363 2.39511   1.000 43.39231 ? 92  GLU A C   1 
ATOM   269  O  O   . GLU A 1 46  ? 7.93739   -12.93925 1.55566   1.000 47.62189 ? 92  GLU A O   1 
ATOM   270  C  CB  . GLU A 1 46  ? 9.16484   -10.48354 0.99527   1.000 42.37173 ? 92  GLU A CB  1 
ATOM   271  C  CG  . GLU A 1 46  ? 8.23767   -10.26363 -0.17847  1.000 44.05101 ? 92  GLU A CG  1 
ATOM   272  C  CD  . GLU A 1 46  ? 8.98388   -9.84473  -1.43187  1.000 49.33388 ? 92  GLU A CD  1 
ATOM   273  O  OE1 . GLU A 1 46  ? 10.06020  -9.21993  -1.30547  1.000 45.39179 ? 92  GLU A OE1 1 
ATOM   274  O  OE2 . GLU A 1 46  ? 8.50183   -10.15261 -2.54210  1.000 51.93207 ? 92  GLU A OE2 1 
ATOM   275  N  N   . THR A 1 47  ? 6.93095   -12.19856 3.42291   1.000 42.64202 ? 93  THR A N   1 
ATOM   276  C  CA  . THR A 1 47  ? 6.23344   -13.44116 3.71363   1.000 39.00361 ? 93  THR A CA  1 
ATOM   277  C  C   . THR A 1 47  ? 4.73243   -13.28496 3.50495   1.000 35.83456 ? 93  THR A C   1 
ATOM   278  O  O   . THR A 1 47  ? 4.19384   -12.17374 3.47454   1.000 33.84441 ? 93  THR A O   1 
ATOM   279  C  CB  . THR A 1 47  ? 6.50377   -13.89376 5.15089   1.000 37.89182 ? 93  THR A CB  1 
ATOM   280  O  OG1 . THR A 1 47  ? 5.82406   -13.01616 6.05439   1.000 36.50368 ? 93  THR A OG1 1 
ATOM   281  C  CG2 . THR A 1 47  ? 7.99589   -13.87009 5.44940   1.000 40.47561 ? 93  THR A CG2 1 
ATOM   282  N  N   . GLY A 1 48  ? 4.06008   -14.42984 3.36087   1.000 32.93551 ? 94  GLY A N   1 
ATOM   283  C  CA  . GLY A 1 48  ? 2.61290   -14.41362 3.22985   1.000 33.27754 ? 94  GLY A CA  1 
ATOM   284  C  C   . GLY A 1 48  ? 1.92005   -13.94044 4.49348   1.000 32.36215 ? 94  GLY A C   1 
ATOM   285  O  O   . GLY A 1 48  ? 0.87021   -13.29402 4.43519   1.000 27.00306 ? 94  GLY A O   1 
ATOM   286  N  N   . GLN A 1 49  ? 2.49885   -14.25280 5.65524   1.000 29.96595 ? 95  GLN A N   1 
ATOM   287  C  CA  . GLN A 1 49  ? 1.91291   -13.80131 6.91327   1.000 32.30416 ? 95  GLN A CA  1 
ATOM   288  C  C   . GLN A 1 49  ? 1.89741   -12.27793 7.00364   1.000 30.05401 ? 95  GLN A C   1 
ATOM   289  O  O   . GLN A 1 49  ? 0.90568   -11.68590 7.44555   1.000 26.16317 ? 95  GLN A O   1 
ATOM   290  C  CB  . GLN A 1 49  ? 2.67013   -14.40925 8.09473   1.000 34.96982 ? 95  GLN A CB  1 
ATOM   291  C  CG  . GLN A 1 49  ? 2.53913   -15.92539 8.19382   1.000 38.10284 ? 95  GLN A CG  1 
ATOM   292  C  CD  . GLN A 1 49  ? 2.65989   -16.42978 9.62260   1.000 48.36928 ? 95  GLN A CD  1 
ATOM   293  O  OE1 . GLN A 1 49  ? 3.05478   -15.68697 10.52196  1.000 46.89685 ? 95  GLN A OE1 1 
ATOM   294  N  NE2 . GLN A 1 49  ? 2.31691   -17.69767 9.83798   1.000 43.79515 ? 95  GLN A NE2 1 
ATOM   295  N  N   . GLU A 1 50  ? 2.98097   -11.62452 6.57806   1.000 30.58039 ? 96  GLU A N   1 
ATOM   296  C  CA  . GLU A 1 50  ? 3.01655   -10.16486 6.61061   1.000 32.38210 ? 96  GLU A CA  1 
ATOM   297  C  C   . GLU A 1 50  ? 2.03706   -9.56600  5.60768   1.000 30.26753 ? 96  GLU A C   1 
ATOM   298  O  O   . GLU A 1 50  ? 1.42738   -8.52138  5.87368   1.000 28.85985 ? 96  GLU A O   1 
ATOM   299  C  CB  . GLU A 1 50  ? 4.43687   -9.66630  6.34304   1.000 32.96771 ? 96  GLU A CB  1 
ATOM   300  C  CG  . GLU A 1 50  ? 5.44280   -10.04403 7.42441   1.000 37.12716 ? 96  GLU A CG  1 
ATOM   301  C  CD  . GLU A 1 50  ? 5.18282   -9.33695  8.74444   1.000 39.80684 ? 96  GLU A CD  1 
ATOM   302  O  OE1 . GLU A 1 50  ? 4.57099   -8.24696  8.73000   1.000 42.51717 ? 96  GLU A OE1 1 
ATOM   303  O  OE2 . GLU A 1 50  ? 5.58825   -9.87309  9.79772   1.000 41.74183 ? 96  GLU A OE2 1 
ATOM   304  N  N   . THR A 1 51  ? 1.87816   -10.21058 4.44766   1.000 27.78069 ? 97  THR A N   1 
ATOM   305  C  CA  . THR A 1 51  ? 0.89957   -9.75071  3.46609   1.000 29.15606 ? 97  THR A CA  1 
ATOM   306  C  C   . THR A 1 51  ? -0.52154  -9.93834  3.98186   1.000 26.47252 ? 97  THR A C   1 
ATOM   307  O  O   . THR A 1 51  ? -1.37263  -9.05631  3.81447   1.000 27.44232 ? 97  THR A O   1 
ATOM   308  C  CB  . THR A 1 51  ? 1.09129   -10.49459 2.14118   1.000 28.31801 ? 97  THR A CB  1 
ATOM   309  O  OG1 . THR A 1 51  ? 2.44057   -10.33292 1.69018   1.000 26.29872 ? 97  THR A OG1 1 
ATOM   310  C  CG2 . THR A 1 51  ? 0.14978   -9.95293  1.07709   1.000 30.73667 ? 97  THR A CG2 1 
ATOM   311  N  N   . ALA A 1 52  ? -0.79379  -11.08122 4.61338   1.000 24.92779 ? 98  ALA A N   1 
ATOM   312  C  CA  . ALA A 1 52  ? -2.11283  -11.32114 5.18841   1.000 26.94667 ? 98  ALA A CA  1 
ATOM   313  C  C   . ALA A 1 52  ? -2.43830  -10.28464 6.25560   1.000 24.14849 ? 98  ALA A C   1 
ATOM   314  O  O   . ALA A 1 52  ? -3.52998  -9.70372  6.26636   1.000 22.92621 ? 98  ALA A O   1 
ATOM   315  C  CB  . ALA A 1 52  ? -2.17589  -12.73542 5.76932   1.000 27.64789 ? 98  ALA A CB  1 
ATOM   316  N  N   . TYR A 1 53  ? -1.49198  -10.03726 7.16295   1.000 25.98022 ? 99  TYR A N   1 
ATOM   317  C  CA  . TYR A 1 53  ? -1.72354  -9.07118  8.22964   1.000 27.86676 ? 99  TYR A CA  1 
ATOM   318  C  C   . TYR A 1 53  ? -1.92711  -7.66905  7.66805   1.000 26.64126 ? 99  TYR A C   1 
ATOM   319  O  O   . TYR A 1 53  ? -2.82612  -6.94055  8.10401   1.000 22.32473 ? 99  TYR A O   1 
ATOM   320  C  CB  . TYR A 1 53  ? -0.55508  -9.09359  9.21416   1.000 27.42008 ? 99  TYR A CB  1 
ATOM   321  C  CG  . TYR A 1 53  ? -0.71746  -8.10655  10.34133  1.000 30.10201 ? 99  TYR A CG  1 
ATOM   322  C  CD1 . TYR A 1 53  ? -1.65937  -8.31730  11.33811  1.000 28.07791 ? 99  TYR A CD1 1 
ATOM   323  C  CD2 . TYR A 1 53  ? 0.05748   -6.95437  10.40138  1.000 29.99368 ? 99  TYR A CD2 1 
ATOM   324  C  CE1 . TYR A 1 53  ? -1.81924  -7.41762  12.36749  1.000 29.07190 ? 99  TYR A CE1 1 
ATOM   325  C  CE2 . TYR A 1 53  ? -0.09864  -6.04640  11.43006  1.000 31.85004 ? 99  TYR A CE2 1 
ATOM   326  C  CZ  . TYR A 1 53  ? -1.03819  -6.28487  12.41011  1.000 25.94522 ? 99  TYR A CZ  1 
ATOM   327  O  OH  . TYR A 1 53  ? -1.19858  -5.39015  13.43939  1.000 30.31282 ? 99  TYR A OH  1 
ATOM   328  N  N   . PHE A 1 54  ? -1.10074  -7.27717  6.69493   1.000 23.85300 ? 100 PHE A N   1 
ATOM   329  C  CA  . PHE A 1 54  ? -1.25901  -5.97195  6.06644   1.000 24.23332 ? 100 PHE A CA  1 
ATOM   330  C  C   . PHE A 1 54  ? -2.62156  -5.84584  5.39549   1.000 27.35043 ? 100 PHE A C   1 
ATOM   331  O  O   . PHE A 1 54  ? -3.26850  -4.79340  5.47762   1.000 25.83698 ? 100 PHE A O   1 
ATOM   332  C  CB  . PHE A 1 54  ? -0.13459  -5.74848  5.05536   1.000 29.47884 ? 100 PHE A CB  1 
ATOM   333  C  CG  . PHE A 1 54  ? -0.16292  -4.40074  4.40655   1.000 30.27812 ? 100 PHE A CG  1 
ATOM   334  C  CD1 . PHE A 1 54  ? -0.92484  -4.17856  3.27049   1.000 29.63073 ? 100 PHE A CD1 1 
ATOM   335  C  CD2 . PHE A 1 54  ? 0.57450   -3.35275  4.93071   1.000 31.53067 ? 100 PHE A CD2 1 
ATOM   336  C  CE1 . PHE A 1 54  ? -0.95304  -2.93577  2.67247   1.000 30.56179 ? 100 PHE A CE1 1 
ATOM   337  C  CE2 . PHE A 1 54  ? 0.55222   -2.10983  4.33439   1.000 32.60953 ? 100 PHE A CE2 1 
ATOM   338  C  CZ  . PHE A 1 54  ? -0.21176  -1.90113  3.20281   1.000 32.01515 ? 100 PHE A CZ  1 
ATOM   339  N  N   . LEU A 1 55  ? -3.06981  -6.90998  4.72214   1.000 22.39422 ? 101 LEU A N   1 
ATOM   340  C  CA  . LEU A 1 55  ? -4.38623  -6.89665  4.09027   1.000 23.03865 ? 101 LEU A CA  1 
ATOM   341  C  C   . LEU A 1 55  ? -5.49455  -6.71735  5.12092   1.000 24.87327 ? 101 LEU A C   1 
ATOM   342  O  O   . LEU A 1 55  ? -6.43923  -5.95065  4.89999   1.000 23.38181 ? 101 LEU A O   1 
ATOM   343  C  CB  . LEU A 1 55  ? -4.59826  -8.18663  3.29358   1.000 23.51372 ? 101 LEU A CB  1 
ATOM   344  C  CG  . LEU A 1 55  ? -4.18365  -8.14788  1.81888   1.000 28.37703 ? 101 LEU A CG  1 
ATOM   345  C  CD1 . LEU A 1 55  ? -4.03437  -9.55906  1.26298   1.000 36.28362 ? 101 LEU A CD1 1 
ATOM   346  C  CD2 . LEU A 1 55  ? -5.18101  -7.33664  0.98678   1.000 28.32617 ? 101 LEU A CD2 1 
ATOM   347  N  N   . LEU A 1 56  ? -5.40135  -7.42053  6.25192   1.000 22.19136 ? 102 LEU A N   1 
ATOM   348  C  CA  . LEU A 1 56  ? -6.39721  -7.24730  7.30619   1.000 24.65082 ? 102 LEU A CA  1 
ATOM   349  C  C   . LEU A 1 56  ? -6.42664  -5.80671  7.80268   1.000 25.01233 ? 102 LEU A C   1 
ATOM   350  O  O   . LEU A 1 56  ? -7.50348  -5.23309  8.00168   1.000 26.19967 ? 102 LEU A O   1 
ATOM   351  C  CB  . LEU A 1 56  ? -6.11227  -8.20529  8.46014   1.000 26.13973 ? 102 LEU A CB  1 
ATOM   352  C  CG  . LEU A 1 56  ? -6.62547  -9.63145  8.25831   1.000 32.68511 ? 102 LEU A CG  1 
ATOM   353  C  CD1 . LEU A 1 56  ? -6.18894  -10.52438 9.41246   1.000 33.03986 ? 102 LEU A CD1 1 
ATOM   354  C  CD2 . LEU A 1 56  ? -8.14133  -9.63876  8.09983   1.000 28.03741 ? 102 LEU A CD2 1 
ATOM   355  N  N   . LYS A 1 57  ? -5.25034  -5.20587  8.00005   1.000 28.54352 ? 103 LYS A N   1 
ATOM   356  C  CA  . LYS A 1 57  ? -5.18456  -3.81179  8.42377   1.000 27.86729 ? 103 LYS A CA  1 
ATOM   357  C  C   . LYS A 1 57  ? -5.83976  -2.90279  7.39595   1.000 26.09299 ? 103 LYS A C   1 
ATOM   358  O  O   . LYS A 1 57  ? -6.69329  -2.07573  7.73389   1.000 23.29123 ? 103 LYS A O   1 
ATOM   359  C  CB  . LYS A 1 57  ? -3.72978  -3.39915  8.64694   1.000 27.37444 ? 103 LYS A CB  1 
ATOM   360  C  CG  . LYS A 1 57  ? -3.24343  -3.54996  10.07341  1.000 31.04373 ? 103 LYS A CG  1 
ATOM   361  C  CD  . LYS A 1 57  ? -1.86287  -2.93680  10.27154  1.000 31.68992 ? 103 LYS A CD  1 
ATOM   362  C  CE  . LYS A 1 57  ? -0.88573  -3.43023  9.21691   1.000 43.22550 ? 103 LYS A CE  1 
ATOM   363  N  NZ  . LYS A 1 57  ? 0.53145   -3.27501  9.65000   1.000 49.06215 ? 103 LYS A NZ  1 
ATOM   364  N  N   . LEU A 1 58  ? -5.45748  -3.05711  6.12638   1.000 26.64728 ? 104 LEU A N   1 
ATOM   365  C  CA  . LEU A 1 58  ? -5.98458  -2.19885  5.07118   1.000 24.77939 ? 104 LEU A CA  1 
ATOM   366  C  C   . LEU A 1 58  ? -7.50104  -2.31978  4.96341   1.000 25.61236 ? 104 LEU A C   1 
ATOM   367  O  O   . LEU A 1 58  ? -8.21238  -1.30971  4.87122   1.000 26.14059 ? 104 LEU A O   1 
ATOM   368  C  CB  . LEU A 1 58  ? -5.31362  -2.55167  3.74081   1.000 28.40122 ? 104 LEU A CB  1 
ATOM   369  C  CG  . LEU A 1 58  ? -5.64453  -1.68620  2.52182   1.000 28.01072 ? 104 LEU A CG  1 
ATOM   370  C  CD1 . LEU A 1 58  ? -5.01074  -0.30755  2.64480   1.000 28.60517 ? 104 LEU A CD1 1 
ATOM   371  C  CD2 . LEU A 1 58  ? -5.19688  -2.37483  1.23866   1.000 27.06687 ? 104 LEU A CD2 1 
ATOM   372  N  N   . ALA A 1 59  ? -8.01522  -3.55440  4.98435   1.000 22.84141 ? 105 ALA A N   1 
ATOM   373  C  CA  . ALA A 1 59  ? -9.44734  -3.77074  4.79249   1.000 27.05685 ? 105 ALA A CA  1 
ATOM   374  C  C   . ALA A 1 59  ? -10.27049 -3.15969  5.91898   1.000 27.72128 ? 105 ALA A C   1 
ATOM   375  O  O   . ALA A 1 59  ? -11.43405 -2.79830  5.71279   1.000 26.43889 ? 105 ALA A O   1 
ATOM   376  C  CB  . ALA A 1 59  ? -9.74440  -5.26731  4.67274   1.000 26.90815 ? 105 ALA A CB  1 
ATOM   377  N  N   . GLY A 1 60  ? -9.69566  -3.04034  7.11569   1.000 25.90042 ? 106 GLY A N   1 
ATOM   378  C  CA  . GLY A 1 60  ? -10.43176 -2.42484  8.20300   1.000 27.98343 ? 106 GLY A CA  1 
ATOM   379  C  C   . GLY A 1 60  ? -10.50932 -0.92224  8.10864   1.000 26.75620 ? 106 GLY A C   1 
ATOM   380  O  O   . GLY A 1 60  ? -11.33936 -0.30908  8.78520   1.000 28.11562 ? 106 GLY A O   1 
ATOM   381  N  N   . ARG A 1 61  ? -9.67036  -0.32040  7.26659   1.000 29.15708 ? 107 ARG A N   1 
ATOM   382  C  CA  . ARG A 1 61  ? -9.58306  1.12387   7.13703   1.000 27.26159 ? 107 ARG A CA  1 
ATOM   383  C  C   . ARG A 1 61  ? -10.20951 1.65950   5.85676   1.000 30.65158 ? 107 ARG A C   1 
ATOM   384  O  O   . ARG A 1 61  ? -10.63278 2.82031   5.83700   1.000 29.13110 ? 107 ARG A O   1 
ATOM   385  C  CB  . ARG A 1 61  ? -8.10964  1.56063   7.21577   1.000 28.65838 ? 107 ARG A CB  1 
ATOM   386  C  CG  . ARG A 1 61  ? -7.53985  1.49137   8.63808   1.000 31.15363 ? 107 ARG A CG  1 
ATOM   387  C  CD  . ARG A 1 61  ? -6.17353  0.82960   8.71494   1.000 34.74903 ? 107 ARG A CD  1 
ATOM   388  N  NE  . ARG A 1 61  ? -5.73529  0.65482   10.10284  1.000 35.58799 ? 107 ARG A NE  1 
ATOM   389  C  CZ  . ARG A 1 61  ? -6.10473  -0.35270  10.89324  1.000 42.41971 ? 107 ARG A CZ  1 
ATOM   390  N  NH1 . ARG A 1 61  ? -6.92458  -1.29694  10.44091  1.000 25.74329 ? 107 ARG A NH1 1 
ATOM   391  N  NH2 . ARG A 1 61  ? -5.65553  -0.41747  12.14363  1.000 30.86233 ? 107 ARG A NH2 1 
ATOM   392  N  N   . TRP A 1 62  ? -10.29841 0.84592   4.80736   1.000 22.24052 ? 108 TRP A N   1 
ATOM   393  C  CA  . TRP A 1 62  ? -10.83388 1.24565   3.51475   1.000 26.35095 ? 108 TRP A CA  1 
ATOM   394  C  C   . TRP A 1 62  ? -11.71872 0.13517   2.96374   1.000 31.11579 ? 108 TRP A C   1 
ATOM   395  O  O   . TRP A 1 62  ? -11.49615 -1.04446  3.26024   1.000 27.32998 ? 108 TRP A O   1 
ATOM   396  C  CB  . TRP A 1 62  ? -9.71184  1.55138   2.50679   1.000 28.85899 ? 108 TRP A CB  1 
ATOM   397  C  CG  . TRP A 1 62  ? -8.81205  2.66221   2.94378   1.000 28.11665 ? 108 TRP A CG  1 
ATOM   398  C  CD1 . TRP A 1 62  ? -7.55741  2.54390   3.46790   1.000 29.05028 ? 108 TRP A CD1 1 
ATOM   399  C  CD2 . TRP A 1 62  ? -9.10444  4.06638   2.91317   1.000 29.71396 ? 108 TRP A CD2 1 
ATOM   400  N  NE1 . TRP A 1 62  ? -7.04760  3.78733   3.76155   1.000 31.04555 ? 108 TRP A NE1 1 
ATOM   401  C  CE2 . TRP A 1 62  ? -7.97704  4.73886   3.43082   1.000 30.47165 ? 108 TRP A CE2 1 
ATOM   402  C  CE3 . TRP A 1 62  ? -10.20865 4.81949   2.49825   1.000 29.08738 ? 108 TRP A CE3 1 
ATOM   403  C  CZ2 . TRP A 1 62  ? -7.92121  6.12864   3.54207   1.000 30.45067 ? 108 TRP A CZ2 1 
ATOM   404  C  CZ3 . TRP A 1 62  ? -10.15196 6.20067   2.60956   1.000 30.60064 ? 108 TRP A CZ3 1 
ATOM   405  C  CH2 . TRP A 1 62  ? -9.01486  6.83976   3.12645   1.000 29.11178 ? 108 TRP A CH2 1 
ATOM   406  N  N   . PRO A 1 63  ? -12.73124 0.48515   2.16486   1.000 29.84807 ? 109 PRO A N   1 
ATOM   407  C  CA  . PRO A 1 63  ? -13.53224 -0.55255  1.50524   1.000 31.12701 ? 109 PRO A CA  1 
ATOM   408  C  C   . PRO A 1 63  ? -12.73000 -1.27500  0.43518   1.000 33.37648 ? 109 PRO A C   1 
ATOM   409  O  O   . PRO A 1 63  ? -12.76148 -0.89266  -0.73890  1.000 34.33956 ? 109 PRO A O   1 
ATOM   410  C  CB  . PRO A 1 63  ? -14.69931 0.23802   0.90480   1.000 31.32023 ? 109 PRO A CB  1 
ATOM   411  C  CG  . PRO A 1 63  ? -14.13655 1.59945   0.67834   1.000 31.71328 ? 109 PRO A CG  1 
ATOM   412  C  CD  . PRO A 1 63  ? -13.18231 1.84183   1.81028   1.000 30.69715 ? 109 PRO A CD  1 
ATOM   413  N  N   . VAL A 1 64  ? -11.99260 -2.30665  0.83661   1.000 31.02633 ? 110 VAL A N   1 
ATOM   414  C  CA  . VAL A 1 64  ? -11.16422 -3.08361  -0.07891  1.000 29.59038 ? 110 VAL A CA  1 
ATOM   415  C  C   . VAL A 1 64  ? -12.02895 -4.20154  -0.65108  1.000 38.35012 ? 110 VAL A C   1 
ATOM   416  O  O   . VAL A 1 64  ? -12.40140 -5.14169  0.05855   1.000 33.74732 ? 110 VAL A O   1 
ATOM   417  C  CB  . VAL A 1 64  ? -9.92025  -3.64598  0.61908   1.000 29.29327 ? 110 VAL A CB  1 
ATOM   418  C  CG1 . VAL A 1 64  ? -9.04412  -4.38338  -0.38142  1.000 31.13054 ? 110 VAL A CG1 1 
ATOM   419  C  CG2 . VAL A 1 64  ? -9.13011  -2.52825  1.29935   1.000 27.16005 ? 110 VAL A CG2 1 
ATOM   420  N  N   . LYS A 1 65  ? -12.35850 -4.09041  -1.93629  1.000 33.47116 ? 111 LYS A N   1 
ATOM   421  C  CA  . LYS A 1 65  ? -13.15347 -5.08404  -2.64391  1.000 36.43371 ? 111 LYS A CA  1 
ATOM   422  C  C   . LYS A 1 65  ? -12.28586 -6.05433  -3.43622  1.000 35.37533 ? 111 LYS A C   1 
ATOM   423  O  O   . LYS A 1 65  ? -12.39758 -7.27097  -3.26523  1.000 33.17950 ? 111 LYS A O   1 
ATOM   424  C  CB  . LYS A 1 65  ? -14.15421 -4.38587  -3.57793  1.000 39.44604 ? 111 LYS A CB  1 
ATOM   425  C  CG  . LYS A 1 65  ? -15.34040 -3.72930  -2.86546  1.000 48.61105 ? 111 LYS A CG  1 
ATOM   426  C  CD  . LYS A 1 65  ? -16.00881 -4.68521  -1.87929  1.000 56.47879 ? 111 LYS A CD  1 
ATOM   427  C  CE  . LYS A 1 65  ? -15.87765 -4.19905  -0.43540  1.000 58.25996 ? 111 LYS A CE  1 
ATOM   428  N  NZ  . LYS A 1 65  ? -16.05614 -5.31025  0.55080   1.000 48.17461 ? 111 LYS A NZ  1 
ATOM   429  N  N   . THR A 1 66  ? -11.41247 -5.53761  -4.29802  1.000 34.84253 ? 112 THR A N   1 
ATOM   430  C  CA  . THR A 1 66  ? -10.53258 -6.36598  -5.10730  1.000 36.30992 ? 112 THR A CA  1 
ATOM   431  C  C   . THR A 1 66  ? -9.09894  -5.88143  -4.95874  1.000 36.30451 ? 112 THR A C   1 
ATOM   432  O  O   . THR A 1 66  ? -8.84528  -4.69729  -4.71709  1.000 35.14497 ? 112 THR A O   1 
ATOM   433  C  CB  . THR A 1 66  ? -10.93026 -6.35181  -6.59156  1.000 37.16476 ? 112 THR A CB  1 
ATOM   434  O  OG1 . THR A 1 66  ? -10.81174 -5.02041  -7.10697  1.000 37.78347 ? 112 THR A OG1 1 
ATOM   435  C  CG2 . THR A 1 66  ? -12.36635 -6.84047  -6.77195  1.000 37.99058 ? 112 THR A CG2 1 
ATOM   436  N  N   . VAL A 1 67  ? -8.16071  -6.80969  -5.11364  1.000 35.26632 ? 113 VAL A N   1 
ATOM   437  C  CA  . VAL A 1 67  ? -6.74410  -6.53202  -4.91993  1.000 35.37049 ? 113 VAL A CA  1 
ATOM   438  C  C   . VAL A 1 67  ? -5.97504  -7.03576  -6.13280  1.000 37.28022 ? 113 VAL A C   1 
ATOM   439  O  O   . VAL A 1 67  ? -6.14015  -8.18956  -6.54459  1.000 37.83221 ? 113 VAL A O   1 
ATOM   440  C  CB  . VAL A 1 67  ? -6.21035  -7.17998  -3.62804  1.000 35.17256 ? 113 VAL A CB  1 
ATOM   441  C  CG1 . VAL A 1 67  ? -4.70926  -7.16761  -3.61640  1.000 40.90458 ? 113 VAL A CG1 1 
ATOM   442  C  CG2 . VAL A 1 67  ? -6.73185  -6.45008  -2.41491  1.000 32.72386 ? 113 VAL A CG2 1 
ATOM   443  N  N   . HIS A 1 68  ? -5.14837  -6.16873  -6.70727  1.000 35.26560 ? 114 HIS A N   1 
ATOM   444  C  CA  . HIS A 1 68  ? -4.24581  -6.52339  -7.78874  1.000 35.98771 ? 114 HIS A CA  1 
ATOM   445  C  C   . HIS A 1 68  ? -2.81325  -6.52293  -7.27466  1.000 36.70059 ? 114 HIS A C   1 
ATOM   446  O  O   . HIS A 1 68  ? -2.51569  -5.99370  -6.19977  1.000 34.21416 ? 114 HIS A O   1 
ATOM   447  C  CB  . HIS A 1 68  ? -4.38301  -5.55280  -8.96949  1.000 37.55707 ? 114 HIS A CB  1 
ATOM   448  C  CG  . HIS A 1 68  ? -3.65856  -5.99390  -10.20413 1.000 45.72528 ? 114 HIS A CG  1 
ATOM   449  N  ND1 . HIS A 1 68  ? -3.58798  -7.31552  -10.59498 1.000 46.91139 ? 114 HIS A ND1 1 
ATOM   450  C  CD2 . HIS A 1 68  ? -2.96519  -5.29077  -11.13151 1.000 45.51489 ? 114 HIS A CD2 1 
ATOM   451  C  CE1 . HIS A 1 68  ? -2.88749  -7.40548  -11.71135 1.000 45.02688 ? 114 HIS A CE1 1 
ATOM   452  N  NE2 . HIS A 1 68  ? -2.49721  -6.19118  -12.05814 1.000 42.56039 ? 114 HIS A NE2 1 
ATOM   453  N  N   . THR A 1 69  ? -1.92856  -7.13347  -8.05881  1.000 31.28724 ? 115 THR A N   1 
ATOM   454  C  CA  . THR A 1 69  ? -0.51045  -7.18005  -7.74027  1.000 33.69292 ? 115 THR A CA  1 
ATOM   455  C  C   . THR A 1 69  ? 0.26674   -7.39502  -9.02966  1.000 34.87441 ? 115 THR A C   1 
ATOM   456  O  O   . THR A 1 69  ? -0.27973  -7.85417  -10.03553 1.000 32.72957 ? 115 THR A O   1 
ATOM   457  C  CB  . THR A 1 69  ? -0.19643  -8.29106  -6.73331  1.000 32.11241 ? 115 THR A CB  1 
ATOM   458  O  OG1 . THR A 1 69  ? 1.17442   -8.20029  -6.32795  1.000 27.22903 ? 115 THR A OG1 1 
ATOM   459  C  CG2 . THR A 1 69  ? -0.44748  -9.66007  -7.35545  1.000 31.03047 ? 115 THR A CG2 1 
ATOM   460  N  N   . ASP A 1 70  ? 1.55054   -7.05164  -8.98938  1.000 31.02774 ? 116 ASP A N   1 
ATOM   461  C  CA  . ASP A 1 70  ? 2.44882   -7.34699  -10.09677 1.000 34.77150 ? 116 ASP A CA  1 
ATOM   462  C  C   . ASP A 1 70  ? 3.15789   -8.68369  -9.93089  1.000 32.70024 ? 116 ASP A C   1 
ATOM   463  O  O   . ASP A 1 70  ? 3.88987   -9.09705  -10.83471 1.000 30.45069 ? 116 ASP A O   1 
ATOM   464  C  CB  . ASP A 1 70  ? 3.48377   -6.22766  -10.26282 1.000 35.80510 ? 116 ASP A CB  1 
ATOM   465  C  CG  . ASP A 1 70  ? 2.90046   -4.98983  -10.92785 1.000 52.05254 ? 116 ASP A CG  1 
ATOM   466  O  OD1 . ASP A 1 70  ? 1.93306   -5.12937  -11.70976 1.000 43.77041 ? 116 ASP A OD1 1 
ATOM   467  O  OD2 . ASP A 1 70  ? 3.40355   -3.87677  -10.66468 1.000 48.34429 ? 116 ASP A OD2 1 
ATOM   468  N  N   . ASN A 1 71  ? 2.95964   -9.36784  -8.80545  1.000 28.85370 ? 117 ASN A N   1 
ATOM   469  C  CA  . ASN A 1 71  ? 3.53709   -10.69157 -8.57137  1.000 28.17655 ? 117 ASN A CA  1 
ATOM   470  C  C   . ASN A 1 71  ? 2.43309   -11.58052 -8.00909  1.000 30.88650 ? 117 ASN A C   1 
ATOM   471  O  O   . ASN A 1 71  ? 2.20127   -11.59675 -6.79623  1.000 25.68855 ? 117 ASN A O   1 
ATOM   472  C  CB  . ASN A 1 71  ? 4.73512   -10.62212 -7.62979  1.000 25.97158 ? 117 ASN A CB  1 
ATOM   473  C  CG  . ASN A 1 71  ? 5.44648   -11.95787 -7.49620  1.000 32.73504 ? 117 ASN A CG  1 
ATOM   474  O  OD1 . ASN A 1 71  ? 5.02082   -12.95696 -8.07696  1.000 31.53126 ? 117 ASN A OD1 1 
ATOM   475  N  ND2 . ASN A 1 71  ? 6.53845   -11.98074 -6.73554  1.000 26.23655 ? 117 ASN A ND2 1 
ATOM   476  N  N   . GLY A 1 72  ? 1.76511   -12.32557 -8.89444  1.000 29.98105 ? 118 GLY A N   1 
ATOM   477  C  CA  . GLY A 1 72  ? 0.61408   -13.12252 -8.50346  1.000 23.63355 ? 118 GLY A CA  1 
ATOM   478  C  C   . GLY A 1 72  ? 0.91331   -14.19201 -7.47746  1.000 27.65681 ? 118 GLY A C   1 
ATOM   479  O  O   . GLY A 1 72  ? 0.01201   -14.59025 -6.73161  1.000 31.50918 ? 118 GLY A O   1 
ATOM   480  N  N   . SER A 1 73  ? 2.15724   -14.67021 -7.41660  1.000 29.21127 ? 119 SER A N   1 
ATOM   481  C  CA  . SER A 1 73  ? 2.51475   -15.64253 -6.39176  1.000 31.57346 ? 119 SER A CA  1 
ATOM   482  C  C   . SER A 1 73  ? 2.52568   -15.04500 -4.98829  1.000 29.60300 ? 119 SER A C   1 
ATOM   483  O  O   . SER A 1 73  ? 2.62184   -15.80336 -4.01932  1.000 31.49311 ? 119 SER A O   1 
ATOM   484  C  CB  . SER A 1 73  ? 3.87269   -16.27050 -6.70739  1.000 29.03110 ? 119 SER A CB  1 
ATOM   485  O  OG  . SER A 1 73  ? 4.91925   -15.33076 -6.57202  1.000 26.66621 ? 119 SER A OG  1 
ATOM   486  N  N   . ASN A 1 74  ? 2.43096   -13.71564 -4.85691  1.000 32.36977 ? 120 ASN A N   1 
ATOM   487  C  CA  . ASN A 1 74  ? 2.24990   -13.10191 -3.54225  1.000 32.32427 ? 120 ASN A CA  1 
ATOM   488  C  C   . ASN A 1 74  ? 1.00445   -13.62533 -2.84292  1.000 31.48903 ? 120 ASN A C   1 
ATOM   489  O  O   . ASN A 1 74  ? 0.97048   -13.69863 -1.61044  1.000 33.28498 ? 120 ASN A O   1 
ATOM   490  C  CB  . ASN A 1 74  ? 2.13121   -11.58042 -3.66485  1.000 33.17485 ? 120 ASN A CB  1 
ATOM   491  C  CG  . ASN A 1 74  ? 3.42694   -10.91317 -4.05489  1.000 36.65726 ? 120 ASN A CG  1 
ATOM   492  O  OD1 . ASN A 1 74  ? 4.51138   -11.41343 -3.75860  1.000 42.30611 ? 120 ASN A OD1 1 
ATOM   493  N  ND2 . ASN A 1 74  ? 3.32008   -9.75898  -4.71679  1.000 31.14796 ? 120 ASN A ND2 1 
ATOM   494  N  N   . PHE A 1 75  ? -0.02880  -13.97478 -3.60845  1.000 32.02144 ? 121 PHE A N   1 
ATOM   495  C  CA  . PHE A 1 75  ? -1.35057  -14.26864 -3.07177  1.000 37.61000 ? 121 PHE A CA  1 
ATOM   496  C  C   . PHE A 1 75  ? -1.66350  -15.75783 -3.02865  1.000 34.60639 ? 121 PHE A C   1 
ATOM   497  O  O   . PHE A 1 75  ? -2.82316  -16.12702 -2.81833  1.000 35.25448 ? 121 PHE A O   1 
ATOM   498  C  CB  . PHE A 1 75  ? -2.41957  -13.54544 -3.89245  1.000 36.84460 ? 121 PHE A CB  1 
ATOM   499  C  CG  . PHE A 1 75  ? -2.31267  -12.04726 -3.84422  1.000 37.50172 ? 121 PHE A CG  1 
ATOM   500  C  CD1 . PHE A 1 75  ? -1.61950  -11.41898 -2.81810  1.000 34.16944 ? 121 PHE A CD1 1 
ATOM   501  C  CD2 . PHE A 1 75  ? -2.91076  -11.26680 -4.82227  1.000 37.83750 ? 121 PHE A CD2 1 
ATOM   502  C  CE1 . PHE A 1 75  ? -1.52036  -10.04743 -2.76953  1.000 34.43013 ? 121 PHE A CE1 1 
ATOM   503  C  CE2 . PHE A 1 75  ? -2.81792  -9.89115  -4.77713  1.000 37.95813 ? 121 PHE A CE2 1 
ATOM   504  C  CZ  . PHE A 1 75  ? -2.11549  -9.28253  -3.74980  1.000 35.93842 ? 121 PHE A CZ  1 
ATOM   505  N  N   . THR A 1 76  ? -0.66636  -16.61878 -3.23185  1.000 32.80800 ? 122 THR A N   1 
ATOM   506  C  CA  . THR A 1 76  ? -0.89235  -18.05874 -3.20196  1.000 35.47136 ? 122 THR A CA  1 
ATOM   507  C  C   . THR A 1 76  ? -0.85955  -18.62883 -1.79049  1.000 34.18593 ? 122 THR A C   1 
ATOM   508  O  O   . THR A 1 76  ? -1.24745  -19.78537 -1.59850  1.000 32.64320 ? 122 THR A O   1 
ATOM   509  C  CB  . THR A 1 76  ? 0.14911   -18.77194 -4.06532  1.000 34.47595 ? 122 THR A CB  1 
ATOM   510  O  OG1 . THR A 1 76  ? 1.45756   -18.51009 -3.54362  1.000 33.38671 ? 122 THR A OG1 1 
ATOM   511  C  CG2 . THR A 1 76  ? 0.07644   -18.28020 -5.50111  1.000 34.57780 ? 122 THR A CG2 1 
ATOM   512  N  N   . SER A 1 77  ? -0.42402  -17.83605 -0.81397  1.000 32.11069 ? 123 SER A N   1 
ATOM   513  C  CA  . SER A 1 77  ? -0.30676  -18.28616 0.56536   1.000 34.10479 ? 123 SER A CA  1 
ATOM   514  C  C   . SER A 1 77  ? -1.65650  -18.71094 1.13160   1.000 35.91988 ? 123 SER A C   1 
ATOM   515  O  O   . SER A 1 77  ? -2.68309  -18.05679 0.91556   1.000 31.19182 ? 123 SER A O   1 
ATOM   516  C  CB  . SER A 1 77  ? 0.28366   -17.16605 1.42539   1.000 35.52348 ? 123 SER A CB  1 
ATOM   517  O  OG  . SER A 1 77  ? 0.68618   -17.64725 2.69322   1.000 50.55088 ? 123 SER A OG  1 
ATOM   518  N  N   . THR A 1 78  ? -1.64577  -19.81712 1.87530   1.000 33.16363 ? 124 THR A N   1 
ATOM   519  C  CA  . THR A 1 78  ? -2.85673  -20.24262 2.56604   1.000 37.94344 ? 124 THR A CA  1 
ATOM   520  C  C   . THR A 1 78  ? -3.30444  -19.18435 3.56980   1.000 33.56573 ? 124 THR A C   1 
ATOM   521  O  O   . THR A 1 78  ? -4.50487  -18.94637 3.74178   1.000 33.26263 ? 124 THR A O   1 
ATOM   522  C  CB  . THR A 1 78  ? -2.61821  -21.59289 3.24818   1.000 36.40496 ? 124 THR A CB  1 
ATOM   523  O  OG1 . THR A 1 78  ? -3.68717  -21.87534 4.15944   1.000 45.01130 ? 124 THR A OG1 1 
ATOM   524  C  CG2 . THR A 1 78  ? -1.28618  -21.58462 4.00249   1.000 39.98356 ? 124 THR A CG2 1 
ATOM   525  N  N   . THR A 1 79  ? -2.34927  -18.51290 4.21666   1.000 31.55684 ? 125 THR A N   1 
ATOM   526  C  CA  . THR A 1 79  ? -2.70098  -17.47808 5.18184   1.000 32.46082 ? 125 THR A CA  1 
ATOM   527  C  C   . THR A 1 79  ? -3.20674  -16.21576 4.49438   1.000 32.03731 ? 125 THR A C   1 
ATOM   528  O  O   . THR A 1 79  ? -4.06834  -15.51978 5.04419   1.000 31.35712 ? 125 THR A O   1 
ATOM   529  C  CB  . THR A 1 79  ? -1.49886  -17.15911 6.07434   1.000 33.66882 ? 125 THR A CB  1 
ATOM   530  O  OG1 . THR A 1 79  ? -0.62563  -16.24707 5.39755   1.000 36.25081 ? 125 THR A OG1 1 
ATOM   531  C  CG2 . THR A 1 79  ? -0.73135  -18.43322 6.40841   1.000 33.34858 ? 125 THR A CG2 1 
ATOM   532  N  N   . VAL A 1 80  ? -2.69683  -15.90814 3.29683   1.000 29.10563 ? 126 VAL A N   1 
ATOM   533  C  CA  . VAL A 1 80  ? -3.18631  -14.74620 2.55965   1.000 29.88997 ? 126 VAL A CA  1 
ATOM   534  C  C   . VAL A 1 80  ? -4.60959  -14.98711 2.06786   1.000 28.44452 ? 126 VAL A C   1 
ATOM   535  O  O   . VAL A 1 80  ? -5.47290  -14.10634 2.16796   1.000 27.23947 ? 126 VAL A O   1 
ATOM   536  C  CB  . VAL A 1 80  ? -2.23373  -14.40308 1.39664   1.000 31.26095 ? 126 VAL A CB  1 
ATOM   537  C  CG1 . VAL A 1 80  ? -2.94026  -13.54617 0.34916   1.000 28.24751 ? 126 VAL A CG1 1 
ATOM   538  C  CG2 . VAL A 1 80  ? -1.00296  -13.68951 1.91273   1.000 27.36828 ? 126 VAL A CG2 1 
ATOM   539  N  N   . LYS A 1 81  ? -4.88044  -16.18115 1.53319   1.000 27.85146 ? 127 LYS A N   1 
ATOM   540  C  CA  . LYS A 1 81  ? -6.22712  -16.48336 1.05874   1.000 31.05430 ? 127 LYS A CA  1 
ATOM   541  C  C   . LYS A 1 81  ? -7.24442  -16.43214 2.19329   1.000 27.38901 ? 127 LYS A C   1 
ATOM   542  O  O   . LYS A 1 81  ? -8.39780  -16.04372 1.97716   1.000 27.94324 ? 127 LYS A O   1 
ATOM   543  C  CB  . LYS A 1 81  ? -6.25001  -17.85393 0.37850   1.000 32.46644 ? 127 LYS A CB  1 
ATOM   544  C  CG  . LYS A 1 81  ? -5.36114  -17.95184 -0.86218  1.000 35.71305 ? 127 LYS A CG  1 
ATOM   545  C  CD  . LYS A 1 81  ? -5.77590  -19.10553 -1.77341  1.000 38.33955 ? 127 LYS A CD  1 
ATOM   546  C  CE  . LYS A 1 81  ? -4.92366  -20.34497 -1.53700  1.000 40.27999 ? 127 LYS A CE  1 
ATOM   547  N  NZ  . LYS A 1 81  ? -5.41856  -21.52644 -2.30745  1.000 42.52053 ? 127 LYS A NZ  1 
ATOM   548  N  N   . ALA A 1 82  ? -6.83437  -16.80037 3.40754   1.000 28.04313 ? 128 ALA A N   1 
ATOM   549  C  CA  . ALA A 1 82  ? -7.75582  -16.76504 4.53738   1.000 28.01235 ? 128 ALA A CA  1 
ATOM   550  C  C   . ALA A 1 82  ? -8.08469  -15.33049 4.94072   1.000 27.84078 ? 128 ALA A C   1 
ATOM   551  O  O   . ALA A 1 82  ? -9.23773  -15.02265 5.26371   1.000 25.84280 ? 128 ALA A O   1 
ATOM   552  C  CB  . ALA A 1 82  ? -7.16854  -17.54231 5.71428   1.000 24.89858 ? 128 ALA A CB  1 
ATOM   553  N  N   . ALA A 1 83  ? -7.09562  -14.43893 4.91426   1.000 26.05734 ? 129 ALA A N   1 
ATOM   554  C  CA  . ALA A 1 83  ? -7.32470  -13.02846 5.23741   1.000 26.82712 ? 129 ALA A CA  1 
ATOM   555  C  C   . ALA A 1 83  ? -8.28132  -12.38573 4.23835   1.000 28.05393 ? 129 ALA A C   1 
ATOM   556  O  O   . ALA A 1 83  ? -9.17534  -11.62478 4.61513   1.000 25.55164 ? 129 ALA A O   1 
ATOM   557  C  CB  . ALA A 1 83  ? -6.00819  -12.26558 5.26990   1.000 26.57055 ? 129 ALA A CB  1 
HETATM 558  N  N   . CAF A 1 84  ? -8.08038  -12.69506 2.96167   1.000 27.19903 ? 130 CAF A N   1 
HETATM 559  C  CA  . CAF A 1 84  ? -8.96187  -12.22407 1.90703   1.000 29.29997 ? 130 CAF A CA  1 
HETATM 560  C  CB  . CAF A 1 84  ? -8.46386  -12.64866 0.53848   1.000 33.75930 ? 130 CAF A CB  1 
HETATM 561  C  C   . CAF A 1 84  ? -10.35348 -12.78648 2.08085   1.000 25.90130 ? 130 CAF A C   1 
HETATM 562  O  O   . CAF A 1 84  ? -11.36697 -12.07084 1.87226   1.000 27.44939 ? 130 CAF A O   1 
HETATM 563  S  SG  . CAF A 1 84  ? -7.00807  -11.67394 0.12192   1.000 31.11587 ? 130 CAF A SG  1 
HETATM 564  AS AS  . CAF A 1 84  ? -6.74118  -12.08605 -2.05926  1.000 43.08412 ? 130 CAF A AS  1 
HETATM 565  C  CE1 . CAF A 1 84  ? -8.48029  -12.32484 -2.92227  1.000 45.76222 ? 130 CAF A CE1 1 
HETATM 566  C  CE2 . CAF A 1 84  ? -5.75979  -10.59612 -2.86781  1.000 47.15494 ? 130 CAF A CE2 1 
HETATM 567  O  O1  . CAF A 1 84  ? -5.89554  -13.43963 -2.19040  1.000 39.71093 ? 130 CAF A O1  1 
ATOM   568  N  N   . TRP A 1 85  ? -10.41386 -14.06486 2.42781   1.000 28.55756 ? 131 TRP A N   1 
ATOM   569  C  CA  . TRP A 1 85  ? -11.68986 -14.72000 2.65796   1.000 28.92568 ? 131 TRP A CA  1 
ATOM   570  C  C   . TRP A 1 85  ? -12.42607 -14.01061 3.78635   1.000 27.61222 ? 131 TRP A C   1 
ATOM   571  O  O   . TRP A 1 85  ? -13.60348 -13.68056 3.65568   1.000 28.54826 ? 131 TRP A O   1 
ATOM   572  C  CB  . TRP A 1 85  ? -11.49200 -16.19990 2.99005   1.000 27.15942 ? 131 TRP A CB  1 
ATOM   573  C  CG  . TRP A 1 85  ? -12.71936 -16.84353 3.56230   1.000 32.91717 ? 131 TRP A CG  1 
ATOM   574  C  CD1 . TRP A 1 85  ? -13.77499 -17.35544 2.86637   1.000 30.19072 ? 131 TRP A CD1 1 
ATOM   575  C  CD2 . TRP A 1 85  ? -13.02545 -17.02905 4.95008   1.000 29.87447 ? 131 TRP A CD2 1 
ATOM   576  N  NE1 . TRP A 1 85  ? -14.71530 -17.85410 3.73255   1.000 30.78707 ? 131 TRP A NE1 1 
ATOM   577  C  CE2 . TRP A 1 85  ? -14.28148 -17.66524 5.01803   1.000 31.26771 ? 131 TRP A CE2 1 
ATOM   578  C  CE3 . TRP A 1 85  ? -12.35914 -16.72082 6.14135   1.000 30.53593 ? 131 TRP A CE3 1 
ATOM   579  C  CZ2 . TRP A 1 85  ? -14.88698 -17.99776 6.22977   1.000 32.13682 ? 131 TRP A CZ2 1 
ATOM   580  C  CZ3 . TRP A 1 85  ? -12.96032 -17.05513 7.34531   1.000 30.45198 ? 131 TRP A CZ3 1 
ATOM   581  C  CH2 . TRP A 1 85  ? -14.21117 -17.68673 7.37972   1.000 31.40970 ? 131 TRP A CH2 1 
ATOM   582  N  N   . TRP A 1 86  ? -11.71011 -13.75373 4.88542   1.000 27.22457 ? 132 TRP A N   1 
ATOM   583  C  CA  . TRP A 1 86  ? -12.34676 -13.17108 6.06195   1.000 25.10920 ? 132 TRP A CA  1 
ATOM   584  C  C   . TRP A 1 86  ? -12.80991 -11.74525 5.80153   1.000 25.84125 ? 132 TRP A C   1 
ATOM   585  O  O   . TRP A 1 86  ? -13.88543 -11.34695 6.25971   1.000 25.63499 ? 132 TRP A O   1 
ATOM   586  C  CB  . TRP A 1 86  ? -11.39299 -13.20638 7.25385   1.000 29.10343 ? 132 TRP A CB  1 
ATOM   587  C  CG  . TRP A 1 86  ? -12.05913 -12.86002 8.55126   1.000 27.52739 ? 132 TRP A CG  1 
ATOM   588  C  CD1 . TRP A 1 86  ? -12.66811 -13.72434 9.41464   1.000 29.95447 ? 132 TRP A CD1 1 
ATOM   589  C  CD2 . TRP A 1 86  ? -12.19418 -11.55445 9.12896   1.000 28.90195 ? 132 TRP A CD2 1 
ATOM   590  N  NE1 . TRP A 1 86  ? -13.16964 -13.03934 10.49438  1.000 32.21420 ? 132 TRP A NE1 1 
ATOM   591  C  CE2 . TRP A 1 86  ? -12.88909 -11.70651 10.34626  1.000 31.44979 ? 132 TRP A CE2 1 
ATOM   592  C  CE3 . TRP A 1 86  ? -11.78998 -10.27420 8.73941   1.000 28.06487 ? 132 TRP A CE3 1 
ATOM   593  C  CZ2 . TRP A 1 86  ? -13.18566 -10.62705 11.17825  1.000 28.10325 ? 132 TRP A CZ2 1 
ATOM   594  C  CZ3 . TRP A 1 86  ? -12.08687 -9.20514  9.56567   1.000 27.60763 ? 132 TRP A CZ3 1 
ATOM   595  C  CH2 . TRP A 1 86  ? -12.77856 -9.38912  10.77087  1.000 28.49493 ? 132 TRP A CH2 1 
ATOM   596  N  N   . ALA A 1 87  ? -12.01341 -10.95904 5.07974   1.000 26.47940 ? 133 ALA A N   1 
ATOM   597  C  CA  . ALA A 1 87  ? -12.36449 -9.57005  4.80589   1.000 26.13028 ? 133 ALA A CA  1 
ATOM   598  C  C   . ALA A 1 87  ? -13.27264 -9.40871  3.59390   1.000 28.17928 ? 133 ALA A C   1 
ATOM   599  O  O   . ALA A 1 87  ? -13.65453 -8.27615  3.27430   1.000 28.57054 ? 133 ALA A O   1 
ATOM   600  C  CB  . ALA A 1 87  ? -11.09513 -8.73504  4.61269   1.000 27.54500 ? 133 ALA A CB  1 
ATOM   601  N  N   . GLY A 1 88  ? -13.62820 -10.49959 2.91853   1.000 25.91096 ? 134 GLY A N   1 
ATOM   602  C  CA  . GLY A 1 88  ? -14.46223 -10.40522 1.73710   1.000 28.15728 ? 134 GLY A CA  1 
ATOM   603  C  C   . GLY A 1 88  ? -13.75974 -9.84992  0.52086   1.000 28.41339 ? 134 GLY A C   1 
ATOM   604  O  O   . GLY A 1 88  ? -14.40334 -9.21711  -0.32155  1.000 33.33789 ? 134 GLY A O   1 
ATOM   605  N  N   . ILE A 1 89  ? -12.45541 -10.07691 0.40087   1.000 30.98479 ? 135 ILE A N   1 
ATOM   606  C  CA  . ILE A 1 89  ? -11.65795 -9.52955  -0.69204  1.000 33.28667 ? 135 ILE A CA  1 
ATOM   607  C  C   . ILE A 1 89  ? -11.58842 -10.54670 -1.82190  1.000 33.36266 ? 135 ILE A C   1 
ATOM   608  O  O   . ILE A 1 89  ? -11.34514 -11.73546 -1.58574  1.000 31.25080 ? 135 ILE A O   1 
ATOM   609  C  CB  . ILE A 1 89  ? -10.24399 -9.15989  -0.20901  1.000 29.41379 ? 135 ILE A CB  1 
ATOM   610  C  CG1 . ILE A 1 89  ? -10.30074 -8.11008  0.90023   1.000 31.00597 ? 135 ILE A CG1 1 
ATOM   611  C  CG2 . ILE A 1 89  ? -9.39998  -8.65292  -1.36584  1.000 32.41742 ? 135 ILE A CG2 1 
ATOM   612  C  CD1 . ILE A 1 89  ? -8.93899  -7.78593  1.49061   1.000 22.69819 ? 135 ILE A CD1 1 
ATOM   613  N  N   . LYS A 1 90  ? -11.78464 -10.08280 -3.05158  1.000 37.02678 ? 136 LYS A N   1 
ATOM   614  C  CA  . LYS A 1 90  ? -11.56149 -10.90327 -4.23332  1.000 41.54829 ? 136 LYS A CA  1 
ATOM   615  C  C   . LYS A 1 90  ? -10.30769 -10.43356 -4.96042  1.000 42.01909 ? 136 LYS A C   1 
ATOM   616  O  O   . LYS A 1 90  ? -9.76367  -9.35933  -4.69313  1.000 40.00619 ? 136 LYS A O   1 
ATOM   617  C  CB  . LYS A 1 90  ? -12.77282 -10.86495 -5.17318  1.000 42.79231 ? 136 LYS A CB  1 
ATOM   618  C  CG  . LYS A 1 90  ? -14.10479 -11.11314 -4.48698  1.000 48.94739 ? 136 LYS A CG  1 
ATOM   619  C  CD  . LYS A 1 90  ? -15.21436 -10.28197 -5.11950  1.000 52.08235 ? 136 LYS A CD  1 
ATOM   620  C  CE  . LYS A 1 90  ? -16.09537 -9.63604  -4.06035  1.000 52.41050 ? 136 LYS A CE  1 
ATOM   621  N  NZ  . LYS A 1 90  ? -15.40242 -8.50482  -3.37235  1.000 51.03179 ? 136 LYS A NZ  1 
ATOM   622  N  N   . GLN A 1 91  ? -9.82979  -11.26797 -5.87509  1.000 45.42234 ? 137 GLN A N   1 
ATOM   623  C  CA  . GLN A 1 91  ? -8.70641  -10.89359 -6.71896  1.000 47.96759 ? 137 GLN A CA  1 
ATOM   624  C  C   . GLN A 1 91  ? -9.22061  -10.12167 -7.92754  1.000 54.91475 ? 137 GLN A C   1 
ATOM   625  O  O   . GLN A 1 91  ? -10.23155 -10.49194 -8.53384  1.000 50.66226 ? 137 GLN A O   1 
ATOM   626  C  CB  . GLN A 1 91  ? -7.91675  -12.12607 -7.16314  1.000 49.74896 ? 137 GLN A CB  1 
ATOM   627  C  CG  . GLN A 1 91  ? -6.54444  -11.80774 -7.73906  1.000 51.30568 ? 137 GLN A CG  1 
ATOM   628  C  CD  . GLN A 1 91  ? -5.46870  -12.77719 -7.27161  1.000 53.81100 ? 137 GLN A CD  1 
ATOM   629  O  OE1 . GLN A 1 91  ? -5.71723  -13.64556 -6.43395  1.000 60.15407 ? 137 GLN A OE1 1 
ATOM   630  N  NE2 . GLN A 1 91  ? -4.26342  -12.62855 -7.81147  1.000 44.88662 ? 137 GLN A NE2 1 
ATOM   631  N  N   . GLU A 1 92  ? -8.53357  -9.03092  -8.25520  1.000 54.67007 ? 138 GLU A N   1 
ATOM   632  C  CA  . GLU A 1 92  ? -8.93566  -8.17485  -9.36566  1.000 59.60883 ? 138 GLU A CA  1 
ATOM   633  C  C   . GLU A 1 92  ? -8.53320  -8.79360  -10.70183 1.000 54.75464 ? 138 GLU A C   1 
ATOM   634  O  O   . GLU A 1 92  ? -7.86019  -9.82338  -10.73937 1.000 52.35203 ? 138 GLU A O   1 
ATOM   635  C  CB  . GLU A 1 92  ? -8.32202  -6.77811  -9.21678  1.000 47.46473 ? 138 GLU A CB  1 
ATOM   636  C  CG  . GLU A 1 92  ? -8.40297  -5.92084  -10.47613 1.000 50.31876 ? 138 GLU A CG  1 
ATOM   637  C  CD  . GLU A 1 92  ? -9.83204  -5.70444  -10.95154 1.000 53.60335 ? 138 GLU A CD  1 
ATOM   638  O  OE1 . GLU A 1 92  ? -10.69903 -5.36774  -10.11592 1.000 52.78713 ? 138 GLU A OE1 1 
ATOM   639  O  OE2 . GLU A 1 92  ? -10.08937 -5.87261  -12.16277 1.000 56.75716 ? 138 GLU A OE2 1 
ATOM   640  N  N   . SER A 1 107 ? 5.11327   4.53008   -12.96648 1.000 75.34787 ? 153 SER A N   1 
ATOM   641  C  CA  . SER A 1 107 ? 4.90781   3.63258   -11.83521 1.000 70.06883 ? 153 SER A CA  1 
ATOM   642  C  C   . SER A 1 107 ? 4.99264   4.41205   -10.52591 1.000 71.06277 ? 153 SER A C   1 
ATOM   643  O  O   . SER A 1 107 ? 5.32101   5.59814   -10.52066 1.000 69.34739 ? 153 SER A O   1 
ATOM   644  C  CB  . SER A 1 107 ? 5.93079   2.49303   -11.85569 1.000 69.74146 ? 153 SER A CB  1 
ATOM   645  O  OG  . SER A 1 107 ? 6.26904   2.07024   -10.54536 1.000 67.03949 ? 153 SER A OG  1 
ATOM   646  N  N   . MET A 1 108 ? 4.68565   3.74589   -9.41420  1.000 72.77477 ? 154 MET A N   1 
ATOM   647  C  CA  . MET A 1 108 ? 4.63464   4.40576   -8.11706  1.000 68.30110 ? 154 MET A CA  1 
ATOM   648  C  C   . MET A 1 108 ? 5.76880   4.02138   -7.18262  1.000 64.19727 ? 154 MET A C   1 
ATOM   649  O  O   . MET A 1 108 ? 6.18631   4.85226   -6.37367  1.000 60.73343 ? 154 MET A O   1 
ATOM   650  C  CB  . MET A 1 108 ? 3.30106   4.11101   -7.42282  1.000 67.94680 ? 154 MET A CB  1 
ATOM   651  C  CG  . MET A 1 108 ? 2.85574   5.21082   -6.48488  1.000 63.60214 ? 154 MET A CG  1 
ATOM   652  S  SD  . MET A 1 108 ? 1.07848   5.50751   -6.55783  1.000 77.87201 ? 154 MET A SD  1 
ATOM   653  C  CE  . MET A 1 108 ? 0.98540   6.80510   -7.79355  1.000 58.96370 ? 154 MET A CE  1 
ATOM   654  N  N   . ASN A 1 109 ? 6.27807   2.78901   -7.26810  1.000 64.13232 ? 155 ASN A N   1 
ATOM   655  C  CA  . ASN A 1 109 ? 7.41961   2.41424   -6.43978  1.000 63.65334 ? 155 ASN A CA  1 
ATOM   656  C  C   . ASN A 1 109 ? 8.63998   3.27031   -6.75361  1.000 60.23366 ? 155 ASN A C   1 
ATOM   657  O  O   . ASN A 1 109 ? 9.50279   3.46207   -5.88836  1.000 57.16320 ? 155 ASN A O   1 
ATOM   658  C  CB  . ASN A 1 109 ? 7.74061   0.92929   -6.61806  1.000 61.26676 ? 155 ASN A CB  1 
ATOM   659  C  CG  . ASN A 1 109 ? 6.64970   0.02679   -6.06688  1.000 58.86925 ? 155 ASN A CG  1 
ATOM   660  O  OD1 . ASN A 1 109 ? 5.53969   0.47755   -5.77875  1.000 57.84137 ? 155 ASN A OD1 1 
ATOM   661  N  ND2 . ASN A 1 109 ? 6.96621   -1.25407  -5.90707  1.000 54.80017 ? 155 ASN A ND2 1 
ATOM   662  N  N   . LYS A 1 110 ? 8.72843   3.79617   -7.97863  1.000 62.43236 ? 156 LYS A N   1 
ATOM   663  C  CA  . LYS A 1 110 ? 9.79297   4.74103   -8.29783  1.000 60.61745 ? 156 LYS A CA  1 
ATOM   664  C  C   . LYS A 1 110 ? 9.51927   6.10731   -7.67568  1.000 57.49659 ? 156 LYS A C   1 
ATOM   665  O  O   . LYS A 1 110 ? 10.44196  6.76437   -7.17935  1.000 54.55642 ? 156 LYS A O   1 
ATOM   666  C  CB  . LYS A 1 110 ? 9.96497   4.85342   -9.81674  1.000 63.47457 ? 156 LYS A CB  1 
ATOM   667  C  CG  . LYS A 1 110 ? 8.75043   5.39631   -10.57270 1.000 66.38478 ? 156 LYS A CG  1 
ATOM   668  C  CD  . LYS A 1 110 ? 8.92760   6.87063   -10.93067 1.000 65.09779 ? 156 LYS A CD  1 
ATOM   669  C  CE  . LYS A 1 110 ? 7.71602   7.41775   -11.66742 1.000 64.15364 ? 156 LYS A CE  1 
ATOM   670  N  NZ  . LYS A 1 110 ? 7.45998   8.84646   -11.32636 1.000 68.03258 ? 156 LYS A NZ  1 
ATOM   671  N  N   . GLU A 1 111 ? 8.25643   6.54642   -7.68084  1.000 59.16104 ? 157 GLU A N   1 
ATOM   672  C  CA  . GLU A 1 111 ? 7.91907   7.83595   -7.08555  1.000 58.60559 ? 157 GLU A CA  1 
ATOM   673  C  C   . GLU A 1 111 ? 8.06888   7.79934   -5.56961  1.000 56.52229 ? 157 GLU A C   1 
ATOM   674  O  O   . GLU A 1 111 ? 8.52946   8.77305   -4.96090  1.000 50.99952 ? 157 GLU A O   1 
ATOM   675  C  CB  . GLU A 1 111 ? 6.49762   8.24073   -7.47704  1.000 60.85976 ? 157 GLU A CB  1 
ATOM   676  C  CG  . GLU A 1 111 ? 5.99630   9.50978   -6.79359  1.000 60.29636 ? 157 GLU A CG  1 
ATOM   677  C  CD  . GLU A 1 111 ? 6.32040   10.76980  -7.57796  1.000 65.22025 ? 157 GLU A CD  1 
ATOM   678  O  OE1 . GLU A 1 111 ? 5.47152   11.68482  -7.61223  1.000 64.98340 ? 157 GLU A OE1 1 
ATOM   679  O  OE2 . GLU A 1 111 ? 7.42243   10.84849  -8.16058  1.000 71.45941 ? 157 GLU A OE2 1 
ATOM   680  N  N   . LEU A 1 112 ? 7.68748   6.68397   -4.94288  1.000 53.20169 ? 158 LEU A N   1 
ATOM   681  C  CA  . LEU A 1 112 ? 7.84912   6.56369   -3.49885  1.000 49.74279 ? 158 LEU A CA  1 
ATOM   682  C  C   . LEU A 1 112 ? 9.32024   6.48431   -3.11668  1.000 46.74770 ? 158 LEU A C   1 
ATOM   683  O  O   . LEU A 1 112 ? 9.74676   7.12368   -2.14963  1.000 43.64092 ? 158 LEU A O   1 
ATOM   684  C  CB  . LEU A 1 112 ? 7.09044   5.34312   -2.97741  1.000 48.58523 ? 158 LEU A CB  1 
ATOM   685  C  CG  . LEU A 1 112 ? 6.82251   5.32108   -1.46865  1.000 45.07968 ? 158 LEU A CG  1 
ATOM   686  C  CD1 . LEU A 1 112 ? 5.87690   6.44917   -1.06232  1.000 39.45166 ? 158 LEU A CD1 1 
ATOM   687  C  CD2 . LEU A 1 112 ? 6.26709   3.96878   -1.03894  1.000 37.60670 ? 158 LEU A CD2 1 
ATOM   688  N  N   . LYS A 1 113 ? 10.11260  5.70879   -3.86343  1.000 47.32442 ? 159 LYS A N   1 
ATOM   689  C  CA  . LYS A 1 113 ? 11.54674  5.65182   -3.59432  1.000 50.01415 ? 159 LYS A CA  1 
ATOM   690  C  C   . LYS A 1 113 ? 12.20681  7.01136   -3.78096  1.000 44.97013 ? 159 LYS A C   1 
ATOM   691  O  O   . LYS A 1 113 ? 13.16112  7.34094   -3.06653  1.000 41.69851 ? 159 LYS A O   1 
ATOM   692  C  CB  . LYS A 1 113 ? 12.21575  4.61793   -4.49807  1.000 51.13077 ? 159 LYS A CB  1 
ATOM   693  C  CG  . LYS A 1 113 ? 12.34435  3.24331   -3.87848  1.000 49.78507 ? 159 LYS A CG  1 
ATOM   694  C  CD  . LYS A 1 113 ? 13.28684  2.37231   -4.68583  1.000 56.09785 ? 159 LYS A CD  1 
ATOM   695  C  CE  . LYS A 1 113 ? 13.08309  0.90602   -4.36427  1.000 49.98385 ? 159 LYS A CE  1 
ATOM   696  N  NZ  . LYS A 1 113 ? 12.76424  0.11676   -5.58706  1.000 60.96940 ? 159 LYS A NZ  1 
ATOM   697  N  N   . LYS A 1 114 ? 11.71834  7.80925   -4.73395  1.000 45.23037 ? 160 LYS A N   1 
ATOM   698  C  CA  . LYS A 1 114 ? 12.27647  9.14082   -4.94212  1.000 45.48637 ? 160 LYS A CA  1 
ATOM   699  C  C   . LYS A 1 114 ? 12.02051  10.03264  -3.73420  1.000 43.11302 ? 160 LYS A C   1 
ATOM   700  O  O   . LYS A 1 114 ? 12.93310  10.70893  -3.24595  1.000 40.70022 ? 160 LYS A O   1 
ATOM   701  C  CB  . LYS A 1 114 ? 11.69105  9.76660   -6.20862  1.000 47.82676 ? 160 LYS A CB  1 
ATOM   702  C  CG  . LYS A 1 114 ? 12.38438  11.05413  -6.63586  1.000 53.69428 ? 160 LYS A CG  1 
ATOM   703  C  CD  . LYS A 1 114 ? 11.61762  11.77068  -7.74249  1.000 51.68919 ? 160 LYS A CD  1 
ATOM   704  C  CE  . LYS A 1 114 ? 10.20576  12.13260  -7.30705  1.000 61.43570 ? 160 LYS A CE  1 
ATOM   705  N  NZ  . LYS A 1 114 ? 9.81889   13.50307  -7.75299  1.000 55.78192 ? 160 LYS A NZ  1 
ATOM   706  N  N   . ILE A 1 115 ? 10.78168  10.04177  -3.23348  1.000 41.88394 ? 161 ILE A N   1 
ATOM   707  C  CA  . ILE A 1 115 ? 10.46867  10.84728  -2.05698  1.000 41.20966 ? 161 ILE A CA  1 
ATOM   708  C  C   . ILE A 1 115 ? 11.21248  10.32103  -0.83587  1.000 38.33732 ? 161 ILE A C   1 
ATOM   709  O  O   . ILE A 1 115 ? 11.69217  11.10110  -0.00336  1.000 37.00662 ? 161 ILE A O   1 
ATOM   710  C  CB  . ILE A 1 115 ? 8.94862   10.89340  -1.82005  1.000 38.12688 ? 161 ILE A CB  1 
ATOM   711  C  CG1 . ILE A 1 115 ? 8.22371   11.37124  -3.07848  1.000 42.13950 ? 161 ILE A CG1 1 
ATOM   712  C  CG2 . ILE A 1 115 ? 8.62379   11.81800  -0.66216  1.000 36.24993 ? 161 ILE A CG2 1 
ATOM   713  C  CD1 . ILE A 1 115 ? 6.74346   11.04447  -3.08946  1.000 42.17043 ? 161 ILE A CD1 1 
ATOM   714  N  N   . ILE A 1 116 ? 11.33357  8.99482   -0.71394  1.000 36.02808 ? 162 ILE A N   1 
ATOM   715  C  CA  . ILE A 1 116 ? 12.08299  8.42121   0.40075   1.000 38.56937 ? 162 ILE A CA  1 
ATOM   716  C  C   . ILE A 1 116 ? 13.51034  8.95353   0.40765   1.000 39.39087 ? 162 ILE A C   1 
ATOM   717  O  O   . ILE A 1 116 ? 14.03543  9.34697   1.45557   1.000 37.77084 ? 162 ILE A O   1 
ATOM   718  C  CB  . ILE A 1 116 ? 12.05310  6.88083   0.34494   1.000 38.11452 ? 162 ILE A CB  1 
ATOM   719  C  CG1 . ILE A 1 116 ? 10.65894  6.35145   0.68388   1.000 36.04873 ? 162 ILE A CG1 1 
ATOM   720  C  CG2 . ILE A 1 116 ? 13.05725  6.29519   1.32394   1.000 36.55722 ? 162 ILE A CG2 1 
ATOM   721  C  CD1 . ILE A 1 116 ? 10.53093  4.84815   0.56362   1.000 35.98337 ? 162 ILE A CD1 1 
ATOM   722  N  N   . GLY A 1 117 ? 14.15274  8.99612   -0.76236  1.000 40.66970 ? 163 GLY A N   1 
ATOM   723  C  CA  . GLY A 1 117 ? 15.51730  9.49667   -0.82401  1.000 40.38758 ? 163 GLY A CA  1 
ATOM   724  C  C   . GLY A 1 117 ? 15.62371  10.95977  -0.43824  1.000 41.18265 ? 163 GLY A C   1 
ATOM   725  O  O   . GLY A 1 117 ? 16.60333  11.37886  0.18517   1.000 42.86001 ? 163 GLY A O   1 
ATOM   726  N  N   . GLN A 1 118 ? 14.61162  11.75526  -0.79350  1.000 38.49881 ? 164 GLN A N   1 
ATOM   727  C  CA  . GLN A 1 118 ? 14.62625  13.17454  -0.45218  1.000 43.00459 ? 164 GLN A CA  1 
ATOM   728  C  C   . GLN A 1 118 ? 14.56797  13.38535  1.05720   1.000 44.01508 ? 164 GLN A C   1 
ATOM   729  O  O   . GLN A 1 118 ? 15.29052  14.22874  1.60092   1.000 46.52365 ? 164 GLN A O   1 
ATOM   730  C  CB  . GLN A 1 118 ? 13.46417  13.88911  -1.14425  1.000 43.82968 ? 164 GLN A CB  1 
ATOM   731  C  CG  . GLN A 1 118 ? 13.61354  14.00203  -2.65821  1.000 44.86765 ? 164 GLN A CG  1 
ATOM   732  C  CD  . GLN A 1 118 ? 12.27718  14.11396  -3.37359  1.000 45.17846 ? 164 GLN A CD  1 
ATOM   733  O  OE1 . GLN A 1 118 ? 11.21730  14.05279  -2.74925  1.000 43.29688 ? 164 GLN A OE1 1 
ATOM   734  N  NE2 . GLN A 1 118 ? 12.32306  14.27714  -4.69079  1.000 41.31081 ? 164 GLN A NE2 1 
ATOM   735  N  N   . VAL A 1 119 ? 13.72428  12.62037  1.75367   1.000 42.06183 ? 165 VAL A N   1 
ATOM   736  C  CA  . VAL A 1 119 ? 13.55520  12.76512  3.19506   1.000 43.67293 ? 165 VAL A CA  1 
ATOM   737  C  C   . VAL A 1 119 ? 14.36304  11.73415  3.97463   1.000 43.84970 ? 165 VAL A C   1 
ATOM   738  O  O   . VAL A 1 119 ? 14.20395  11.62761  5.19471   1.000 44.45146 ? 165 VAL A O   1 
ATOM   739  C  CB  . VAL A 1 119 ? 12.07027  12.69689  3.59062   1.000 42.13635 ? 165 VAL A CB  1 
ATOM   740  C  CG1 . VAL A 1 119 ? 11.25986  13.69221  2.78083   1.000 41.36002 ? 165 VAL A CG1 1 
ATOM   741  C  CG2 . VAL A 1 119 ? 11.52972  11.28469  3.40466   1.000 37.41701 ? 165 VAL A CG2 1 
ATOM   742  N  N   . ARG A 1 120 ? 15.23621  10.97821  3.30182   1.000 40.62505 ? 166 ARG A N   1 
ATOM   743  C  CA  . ARG A 1 120 ? 15.93082  9.87688   3.96710   1.000 43.29734 ? 166 ARG A CA  1 
ATOM   744  C  C   . ARG A 1 120 ? 16.79809  10.36868  5.11981   1.000 45.79913 ? 166 ARG A C   1 
ATOM   745  O  O   . ARG A 1 120 ? 16.91373  9.69402   6.15037   1.000 44.31609 ? 166 ARG A O   1 
ATOM   746  C  CB  . ARG A 1 120 ? 16.77937  9.10259   2.95880   1.000 42.97439 ? 166 ARG A CB  1 
ATOM   747  C  CG  . ARG A 1 120 ? 17.32140  7.78688   3.49252   1.000 40.85307 ? 166 ARG A CG  1 
ATOM   748  C  CD  . ARG A 1 120 ? 16.22088  6.95670   4.14084   1.000 39.00748 ? 166 ARG A CD  1 
ATOM   749  N  NE  . ARG A 1 120 ? 16.76005  5.80642   4.86163   1.000 37.86884 ? 166 ARG A NE  1 
ATOM   750  C  CZ  . ARG A 1 120 ? 16.98330  5.78452   6.17250   1.000 36.52996 ? 166 ARG A CZ  1 
ATOM   751  N  NH1 . ARG A 1 120 ? 16.70989  6.84893   6.91316   1.000 36.19360 ? 166 ARG A NH1 1 
ATOM   752  N  NH2 . ARG A 1 120 ? 17.47764  4.69893   6.74369   1.000 34.08574 ? 166 ARG A NH2 1 
ATOM   753  N  N   . ASP A 1 121 ? 17.41588  11.54144  4.96562   1.000 47.86175 ? 167 ASP A N   1 
ATOM   754  C  CA  . ASP A 1 121 ? 18.29018  12.07116  6.00524   1.000 50.14208 ? 167 ASP A CA  1 
ATOM   755  C  C   . ASP A 1 121 ? 17.51936  12.55739  7.22447   1.000 51.78341 ? 167 ASP A C   1 
ATOM   756  O  O   . ASP A 1 121 ? 18.09640  12.63808  8.31484   1.000 52.11271 ? 167 ASP A O   1 
ATOM   757  C  CB  . ASP A 1 121 ? 19.13341  13.21615  5.44535   1.000 54.76464 ? 167 ASP A CB  1 
ATOM   758  C  CG  . ASP A 1 121 ? 18.32561  14.48282  5.24080   1.000 54.69468 ? 167 ASP A CG  1 
ATOM   759  O  OD1 . ASP A 1 121 ? 18.61703  15.49030  5.91816   1.000 59.72237 ? 167 ASP A OD1 1 
ATOM   760  O  OD2 . ASP A 1 121 ? 17.39389  14.46870  4.40763   1.000 54.12752 ? 167 ASP A OD2 1 
ATOM   761  N  N   . GLN A 1 122 ? 16.23464  12.87946  7.06768   1.000 48.43714 ? 168 GLN A N   1 
ATOM   762  C  CA  . GLN A 1 122 ? 15.43449  13.41738  8.16105   1.000 47.12213 ? 168 GLN A CA  1 
ATOM   763  C  C   . GLN A 1 122 ? 15.12480  12.39161  9.24283   1.000 43.75680 ? 168 GLN A C   1 
ATOM   764  O  O   . GLN A 1 122 ? 14.45459  12.73991  10.22215  1.000 42.23504 ? 168 GLN A O   1 
ATOM   765  C  CB  . GLN A 1 122 ? 14.12410  13.99183  7.61684   1.000 47.36622 ? 168 GLN A CB  1 
ATOM   766  C  CG  . GLN A 1 122 ? 14.29831  15.13530  6.63172   1.000 50.72452 ? 168 GLN A CG  1 
ATOM   767  C  CD  . GLN A 1 122 ? 13.15707  16.13452  6.69589   1.000 58.15705 ? 168 GLN A CD  1 
ATOM   768  O  OE1 . GLN A 1 122 ? 12.85910  16.68765  7.75542   1.000 52.58105 ? 168 GLN A OE1 1 
ATOM   769  N  NE2 . GLN A 1 122 ? 12.51034  16.36953  5.55898   1.000 57.26585 ? 168 GLN A NE2 1 
ATOM   770  N  N   . ALA A 1 123 ? 15.58369  11.15069  9.10823   1.000 42.44327 ? 169 ALA A N   1 
ATOM   771  C  CA  . ALA A 1 123 ? 15.22210  10.12022  10.06714  1.000 40.07710 ? 169 ALA A CA  1 
ATOM   772  C  C   . ALA A 1 123 ? 16.29478  9.04580   10.09061  1.000 39.43446 ? 169 ALA A C   1 
ATOM   773  O  O   . ALA A 1 123 ? 17.00940  8.83841   9.10633   1.000 39.31986 ? 169 ALA A O   1 
ATOM   774  C  CB  . ALA A 1 123 ? 13.86305  9.49749   9.73313   1.000 36.21549 ? 169 ALA A CB  1 
ATOM   775  N  N   . GLU A 1 124 ? 16.39642  8.36233   11.23146  1.000 35.27956 ? 170 GLU A N   1 
ATOM   776  C  CA  . GLU A 1 124 ? 17.34377  7.26164   11.35385  1.000 38.78475 ? 170 GLU A CA  1 
ATOM   777  C  C   . GLU A 1 124 ? 16.81889  6.00244   10.67734  1.000 38.66905 ? 170 GLU A C   1 
ATOM   778  O  O   . GLU A 1 124 ? 17.50566  5.40523   9.84138   1.000 37.51386 ? 170 GLU A O   1 
ATOM   779  C  CB  . GLU A 1 124 ? 17.64550  6.98470   12.82628  1.000 40.09613 ? 170 GLU A CB  1 
ATOM   780  C  CG  . GLU A 1 124 ? 18.71886  5.92853   13.03583  1.000 42.82675 ? 170 GLU A CG  1 
ATOM   781  C  CD  . GLU A 1 124 ? 18.59914  5.23386   14.37409  1.000 44.72883 ? 170 GLU A CD  1 
ATOM   782  O  OE1 . GLU A 1 124 ? 19.00399  4.05460   14.47312  1.000 47.03601 ? 170 GLU A OE1 1 
ATOM   783  O  OE2 . GLU A 1 124 ? 18.09866  5.86788   15.32700  1.000 45.47817 ? 170 GLU A OE2 1 
ATOM   784  N  N   . HIS A 1 125 ? 15.60097  5.59150   11.02079  1.000 37.83474 ? 171 HIS A N   1 
ATOM   785  C  CA  . HIS A 1 125 ? 15.05084  4.33807   10.52255  1.000 34.07600 ? 171 HIS A CA  1 
ATOM   786  C  C   . HIS A 1 125 ? 14.40261  4.52429   9.15686   1.000 35.06125 ? 171 HIS A C   1 
ATOM   787  O  O   . HIS A 1 125 ? 13.77359  5.55106   8.87914   1.000 31.95914 ? 171 HIS A O   1 
ATOM   788  C  CB  . HIS A 1 125 ? 14.02986  3.77530   11.51178  1.000 34.77390 ? 171 HIS A CB  1 
ATOM   789  C  CG  . HIS A 1 125 ? 14.59846  3.49187   12.86797  1.000 38.72705 ? 171 HIS A CG  1 
ATOM   790  N  ND1 . HIS A 1 125 ? 15.64814  2.62187   13.06792  1.000 41.62420 ? 171 HIS A ND1 1 
ATOM   791  C  CD2 . HIS A 1 125 ? 14.27009  3.97239   14.09029  1.000 38.70237 ? 171 HIS A CD2 1 
ATOM   792  C  CE1 . HIS A 1 125 ? 15.93901  2.57383   14.35573  1.000 42.54482 ? 171 HIS A CE1 1 
ATOM   793  N  NE2 . HIS A 1 125 ? 15.11716  3.38374   14.99772  1.000 44.81855 ? 171 HIS A NE2 1 
ATOM   794  N  N   . LEU A 1 126 ? 14.56225  3.51352   8.30111   1.000 34.28426 ? 172 LEU A N   1 
ATOM   795  C  CA  . LEU A 1 126 ? 13.91681  3.54400   6.99502   1.000 32.56206 ? 172 LEU A CA  1 
ATOM   796  C  C   . LEU A 1 126 ? 12.40099  3.60486   7.13625   1.000 30.46695 ? 172 LEU A C   1 
ATOM   797  O  O   . LEU A 1 126 ? 11.72239  4.27238   6.34581   1.000 28.24817 ? 172 LEU A O   1 
ATOM   798  C  CB  . LEU A 1 126 ? 14.34093  2.32050   6.17927   1.000 35.29179 ? 172 LEU A CB  1 
ATOM   799  C  CG  . LEU A 1 126 ? 13.59433  2.00632   4.88021   1.000 33.65262 ? 172 LEU A CG  1 
ATOM   800  C  CD1 . LEU A 1 126 ? 13.67783  3.16163   3.89662   1.000 32.38260 ? 172 LEU A CD1 1 
ATOM   801  C  CD2 . LEU A 1 126 ? 14.13650  0.72947   4.25154   1.000 35.19649 ? 172 LEU A CD2 1 
ATOM   802  N  N   . LYS A 1 127 ? 11.85123  2.92609   8.14854   1.000 30.09045 ? 173 LYS A N   1 
ATOM   803  C  CA  . LYS A 1 127 ? 10.40047  2.89018   8.29911   1.000 28.37474 ? 173 LYS A CA  1 
ATOM   804  C  C   . LYS A 1 127 ? 9.84307   4.28231   8.56947   1.000 28.63937 ? 173 LYS A C   1 
ATOM   805  O  O   . LYS A 1 127 ? 8.76986   4.63296   8.06604   1.000 24.09385 ? 173 LYS A O   1 
ATOM   806  C  CB  . LYS A 1 127 ? 10.00030  1.90480   9.40260   1.000 29.24674 ? 173 LYS A CB  1 
ATOM   807  C  CG  . LYS A 1 127 ? 10.38967  2.30749   10.81282  1.000 30.43011 ? 173 LYS A CG  1 
ATOM   808  C  CD  . LYS A 1 127 ? 9.82623   1.33099   11.83127  1.000 31.60121 ? 173 LYS A CD  1 
ATOM   809  C  CE  . LYS A 1 127 ? 9.80383   1.94775   13.22291  1.000 35.29333 ? 173 LYS A CE  1 
ATOM   810  N  NZ  . LYS A 1 127 ? 9.45625   0.95403   14.27669  1.000 39.65783 ? 173 LYS A NZ  1 
ATOM   811  N  N   . THR A 1 128 ? 10.57587  5.10194   9.33308   1.000 28.39612 ? 174 THR A N   1 
ATOM   812  C  CA  . THR A 1 128 ? 10.16210  6.48541   9.54862   1.000 24.83921 ? 174 THR A CA  1 
ATOM   813  C  C   . THR A 1 128 ? 10.13576  7.25767   8.23712   1.000 24.91997 ? 174 THR A C   1 
ATOM   814  O  O   . THR A 1 128 ? 9.16233   7.95776   7.93678   1.000 26.75198 ? 174 THR A O   1 
ATOM   815  C  CB  . THR A 1 128 ? 11.09502  7.17098   10.54953  1.000 26.57462 ? 174 THR A CB  1 
ATOM   816  O  OG1 . THR A 1 128 ? 11.15259  6.40162   11.75331  1.000 29.48945 ? 174 THR A OG1 1 
ATOM   817  C  CG2 . THR A 1 128 ? 10.59411  8.57617   10.87482  1.000 27.25119 ? 174 THR A CG2 1 
ATOM   818  N  N   . ALA A 1 129 ? 11.20706  7.14424   7.44252   1.000 26.37751 ? 175 ALA A N   1 
ATOM   819  C  CA  . ALA A 1 129 ? 11.26724  7.85468   6.16817   1.000 27.96725 ? 175 ALA A CA  1 
ATOM   820  C  C   . ALA A 1 129 ? 10.14235  7.41920   5.23975   1.000 25.33991 ? 175 ALA A C   1 
ATOM   821  O  O   . ALA A 1 129 ? 9.57320   8.24434   4.51397   1.000 29.00741 ? 175 ALA A O   1 
ATOM   822  C  CB  . ALA A 1 129 ? 12.62750  7.63554   5.50165   1.000 29.80450 ? 175 ALA A CB  1 
ATOM   823  N  N   . VAL A 1 130 ? 9.80597   6.12651   5.25171   1.000 24.63106 ? 176 VAL A N   1 
ATOM   824  C  CA  . VAL A 1 130 ? 8.70749   5.63071   4.42276   1.000 24.54105 ? 176 VAL A CA  1 
ATOM   825  C  C   . VAL A 1 130 ? 7.41118   6.35203   4.77399   1.000 24.16635 ? 176 VAL A C   1 
ATOM   826  O  O   . VAL A 1 130 ? 6.68273   6.82450   3.89320   1.000 24.64075 ? 176 VAL A O   1 
ATOM   827  C  CB  . VAL A 1 130 ? 8.56003   4.10505   4.57842   1.000 26.78391 ? 176 VAL A CB  1 
ATOM   828  C  CG1 . VAL A 1 130 ? 7.25023   3.62909   3.94934   1.000 26.74893 ? 176 VAL A CG1 1 
ATOM   829  C  CG2 . VAL A 1 130 ? 9.76529   3.37618   3.97622   1.000 23.11979 ? 176 VAL A CG2 1 
ATOM   830  N  N   . GLN A 1 131 ? 7.10451   6.44834   6.07119   1.000 23.85111 ? 177 GLN A N   1 
ATOM   831  C  CA  . GLN A 1 131 ? 5.88231   7.12677   6.48795   1.000 25.77155 ? 177 GLN A CA  1 
ATOM   832  C  C   . GLN A 1 131 ? 5.91197   8.60120   6.10957   1.000 23.47621 ? 177 GLN A C   1 
ATOM   833  O  O   . GLN A 1 131 ? 4.87955   9.17513   5.74215   1.000 26.36841 ? 177 GLN A O   1 
ATOM   834  C  CB  . GLN A 1 131 ? 5.67490   6.95467   7.99259   1.000 24.84418 ? 177 GLN A CB  1 
ATOM   835  C  CG  . GLN A 1 131 ? 5.47313   5.50942   8.41019   1.000 24.60492 ? 177 GLN A CG  1 
ATOM   836  C  CD  . GLN A 1 131 ? 4.57994   4.73643   7.44345   1.000 26.48520 ? 177 GLN A CD  1 
ATOM   837  O  OE1 . GLN A 1 131 ? 3.50531   5.19942   7.06419   1.000 26.71486 ? 177 GLN A OE1 1 
ATOM   838  N  NE2 . GLN A 1 131 ? 5.02323   3.55087   7.05112   1.000 28.93303 ? 177 GLN A NE2 1 
ATOM   839  N  N   . MET A 1 132 ? 7.08549   9.23248   6.19471   1.000 27.99014 ? 178 MET A N   1 
ATOM   840  C  CA  . MET A 1 132 ? 7.21746   10.61227  5.73327   1.000 27.19805 ? 178 MET A CA  1 
ATOM   841  C  C   . MET A 1 132 ? 6.90366   10.71786  4.24504   1.000 25.55983 ? 178 MET A C   1 
ATOM   842  O  O   . MET A 1 132 ? 6.16346   11.61060  3.81308   1.000 26.25754 ? 178 MET A O   1 
ATOM   843  C  CB  . MET A 1 132 ? 8.62595   11.13287  6.02958   1.000 27.21016 ? 178 MET A CB  1 
ATOM   844  C  CG  . MET A 1 132 ? 8.89331   11.43606  7.50247   1.000 28.11377 ? 178 MET A CG  1 
ATOM   845  S  SD  . MET A 1 132 ? 10.60856  11.91814  7.82346   1.000 33.10092 ? 178 MET A SD  1 
ATOM   846  C  CE  . MET A 1 132 ? 10.38967  13.20670  9.04288   1.000 36.11073 ? 178 MET A CE  1 
ATOM   847  N  N   . ALA A 1 133 ? 7.45072   9.79942   3.44450   1.000 26.95428 ? 179 ALA A N   1 
ATOM   848  C  CA  . ALA A 1 133 ? 7.17980   9.81187   2.01058   1.000 24.61802 ? 179 ALA A CA  1 
ATOM   849  C  C   . ALA A 1 133 ? 5.70869   9.53427   1.72066   1.000 24.41225 ? 179 ALA A C   1 
ATOM   850  O  O   . ALA A 1 133 ? 5.13469   10.10310  0.78395   1.000 26.23499 ? 179 ALA A O   1 
ATOM   851  C  CB  . ALA A 1 133 ? 8.06859   8.79230   1.29990   1.000 29.20231 ? 179 ALA A CB  1 
ATOM   852  N  N   . VAL A 1 134 ? 5.08173   8.65873   2.51056   1.000 22.86285 ? 180 VAL A N   1 
ATOM   853  C  CA  . VAL A 1 134 ? 3.64993   8.41653   2.35288   1.000 27.06058 ? 180 VAL A CA  1 
ATOM   854  C  C   . VAL A 1 134 ? 2.87015   9.69176   2.64663   1.000 23.47333 ? 180 VAL A C   1 
ATOM   855  O  O   . VAL A 1 134 ? 1.98993   10.09547  1.87627   1.000 22.18135 ? 180 VAL A O   1 
ATOM   856  C  CB  . VAL A 1 134 ? 3.19587   7.25349   3.25459   1.000 25.57104 ? 180 VAL A CB  1 
ATOM   857  C  CG1 . VAL A 1 134 ? 1.67546   7.23250   3.37394   1.000 23.29743 ? 180 VAL A CG1 1 
ATOM   858  C  CG2 . VAL A 1 134 ? 3.71608   5.92217   2.71101   1.000 27.74905 ? 180 VAL A CG2 1 
ATOM   859  N  N   . PHE A 1 135 ? 3.18884   10.34280  3.76891   1.000 25.22674 ? 181 PHE A N   1 
ATOM   860  C  CA  . PHE A 1 135 ? 2.57623   11.62231  4.11418   1.000 27.97502 ? 181 PHE A CA  1 
ATOM   861  C  C   . PHE A 1 135 ? 2.68882   12.60378  2.95478   1.000 25.12531 ? 181 PHE A C   1 
ATOM   862  O  O   . PHE A 1 135 ? 1.68769   13.15074  2.47867   1.000 28.50520 ? 181 PHE A O   1 
ATOM   863  C  CB  . PHE A 1 135 ? 3.24464   12.18583  5.37627   1.000 23.31127 ? 181 PHE A CB  1 
ATOM   864  C  CG  . PHE A 1 135 ? 2.67712   13.50784  5.84491   1.000 27.35041 ? 181 PHE A CG  1 
ATOM   865  C  CD1 . PHE A 1 135 ? 3.03650   14.70083  5.23021   1.000 26.53410 ? 181 PHE A CD1 1 
ATOM   866  C  CD2 . PHE A 1 135 ? 1.80791   13.55664  6.92572   1.000 29.42092 ? 181 PHE A CD2 1 
ATOM   867  C  CE1 . PHE A 1 135 ? 2.52524   15.91513  5.67257   1.000 28.81456 ? 181 PHE A CE1 1 
ATOM   868  C  CE2 . PHE A 1 135 ? 1.29537   14.76609  7.37466   1.000 29.79069 ? 181 PHE A CE2 1 
ATOM   869  C  CZ  . PHE A 1 135 ? 1.65471   15.94575  6.74760   1.000 27.43416 ? 181 PHE A CZ  1 
ATOM   870  N  N   . ILE A 1 136 ? 3.91654   12.82764  2.48623   1.000 25.71544 ? 182 ILE A N   1 
ATOM   871  C  CA  . ILE A 1 136 ? 4.14947   13.79370  1.41649   1.000 26.88008 ? 182 ILE A CA  1 
ATOM   872  C  C   . ILE A 1 136 ? 3.35804   13.41284  0.17224   1.000 30.19746 ? 182 ILE A C   1 
ATOM   873  O  O   . ILE A 1 136 ? 2.65178   14.24359  -0.41081  1.000 27.13409 ? 182 ILE A O   1 
ATOM   874  C  CB  . ILE A 1 136 ? 5.65629   13.90648  1.12458   1.000 30.48827 ? 182 ILE A CB  1 
ATOM   875  C  CG1 . ILE A 1 136 ? 6.34536   14.67595  2.25419   1.000 30.12031 ? 182 ILE A CG1 1 
ATOM   876  C  CG2 . ILE A 1 136 ? 5.90540   14.57615  -0.22136  1.000 29.92634 ? 182 ILE A CG2 1 
ATOM   877  C  CD1 . ILE A 1 136 ? 7.79016   14.29239  2.45142   1.000 31.69976 ? 182 ILE A CD1 1 
ATOM   878  N  N   . HIS A 1 137 ? 3.43570   12.14149  -0.23448  1.000 29.37524 ? 183 HIS A N   1 
ATOM   879  C  CA  . HIS A 1 137 ? 2.76677   11.72527  -1.46348  1.000 28.31193 ? 183 HIS A CA  1 
ATOM   880  C  C   . HIS A 1 137 ? 1.26126   11.94038  -1.37770  1.000 29.84352 ? 183 HIS A C   1 
ATOM   881  O  O   . HIS A 1 137 ? 0.64711   12.48232  -2.30440  1.000 33.45077 ? 183 HIS A O   1 
ATOM   882  C  CB  . HIS A 1 137 ? 3.06514   10.25876  -1.77722  1.000 30.24235 ? 183 HIS A CB  1 
ATOM   883  C  CG  . HIS A 1 137 ? 2.18084   9.69835   -2.84585  1.000 29.84942 ? 183 HIS A CG  1 
ATOM   884  N  ND1 . HIS A 1 137 ? 2.48701   9.78816   -4.18782  1.000 33.48630 ? 183 HIS A ND1 1 
ATOM   885  C  CD2 . HIS A 1 137 ? 0.97610   9.08454   -2.77714  1.000 31.14048 ? 183 HIS A CD2 1 
ATOM   886  C  CE1 . HIS A 1 137 ? 1.52228   9.23107   -4.89615  1.000 36.31310 ? 183 HIS A CE1 1 
ATOM   887  N  NE2 . HIS A 1 137 ? 0.59179   8.79683   -4.06400  1.000 35.84980 ? 183 HIS A NE2 1 
ATOM   888  N  N   . ASN A 1 138 ? 0.64444   11.51302  -0.27198  1.000 29.12237 ? 184 ASN A N   1 
ATOM   889  C  CA  . ASN A 1 138 ? -0.81019  11.56709  -0.17009  1.000 28.11543 ? 184 ASN A CA  1 
ATOM   890  C  C   . ASN A 1 138 ? -1.34330  12.99077  -0.05915  1.000 35.04650 ? 184 ASN A C   1 
ATOM   891  O  O   . ASN A 1 138 ? -2.50387  13.23006  -0.40970  1.000 33.62505 ? 184 ASN A O   1 
ATOM   892  C  CB  . ASN A 1 138 ? -1.28435  10.73593  1.02544   1.000 27.97951 ? 184 ASN A CB  1 
ATOM   893  C  CG  . ASN A 1 138 ? -1.21516  9.23270   0.75604   1.000 30.38551 ? 184 ASN A CG  1 
ATOM   894  O  OD1 . ASN A 1 138 ? -1.19391  8.79617   -0.39781  1.000 28.03099 ? 184 ASN A OD1 1 
ATOM   895  N  ND2 . ASN A 1 138 ? -1.18172  8.43914   1.82158   1.000 23.67462 ? 184 ASN A ND2 1 
ATOM   896  N  N   . HIS A 1 139 ? -0.53039  13.93911  0.40971   1.000 31.47754 ? 185 HIS A N   1 
ATOM   897  C  CA  . HIS A 1 139 ? -0.97585  15.31514  0.58752   1.000 37.73574 ? 185 HIS A CA  1 
ATOM   898  C  C   . HIS A 1 139 ? -0.44223  16.27420  -0.47026  1.000 40.42716 ? 185 HIS A C   1 
ATOM   899  O  O   . HIS A 1 139 ? -0.91517  17.41340  -0.53854  1.000 45.89030 ? 185 HIS A O   1 
ATOM   900  C  CB  . HIS A 1 139 ? -0.58607  15.82119  1.98620   1.000 35.47571 ? 185 HIS A CB  1 
ATOM   901  C  CG  . HIS A 1 139 ? -1.22536  15.05056  3.10216   1.000 36.59639 ? 185 HIS A CG  1 
ATOM   902  N  ND1 . HIS A 1 139 ? -2.48852  14.51165  3.00394   1.000 37.34808 ? 185 HIS A ND1 1 
ATOM   903  C  CD2 . HIS A 1 139 ? -0.76799  14.72197  4.33391   1.000 36.85842 ? 185 HIS A CD2 1 
ATOM   904  C  CE1 . HIS A 1 139 ? -2.78847  13.88719  4.13136   1.000 41.08738 ? 185 HIS A CE1 1 
ATOM   905  N  NE2 . HIS A 1 139 ? -1.76198  14.00042  4.95284   1.000 50.60786 ? 185 HIS A NE2 1 
ATOM   906  N  N   . LYS A 1 140 ? 0.51473   15.84915  -1.29340  1.000 39.31139 ? 186 LYS A N   1 
ATOM   907  C  CA  . LYS A 1 140 ? 0.98037   16.67233  -2.40301  1.000 44.48528 ? 186 LYS A CA  1 
ATOM   908  C  C   . LYS A 1 140 ? -0.13636  16.86206  -3.42455  1.000 51.54060 ? 186 LYS A C   1 
ATOM   909  O  O   . LYS A 1 140 ? -0.82168  15.90415  -3.79763  1.000 47.72641 ? 186 LYS A O   1 
ATOM   910  C  CB  . LYS A 1 140 ? 2.19791   16.02750  -3.06362  1.000 42.97970 ? 186 LYS A CB  1 
ATOM   911  C  CG  . LYS A 1 140 ? 2.95102   16.93630  -4.02212  1.000 50.44886 ? 186 LYS A CG  1 
ATOM   912  C  CD  . LYS A 1 140 ? 4.13412   16.21206  -4.65147  1.000 50.34894 ? 186 LYS A CD  1 
ATOM   913  C  CE  . LYS A 1 140 ? 5.39242   16.35513  -3.79882  1.000 51.89278 ? 186 LYS A CE  1 
ATOM   914  N  NZ  . LYS A 1 140 ? 6.35805   15.23427  -4.00675  1.000 47.45446 ? 186 LYS A NZ  1 
ATOM   915  N  N   . ARG A 1 141 ? -0.31524  18.09888  -3.88102  1.000 60.05734 ? 187 ARG A N   1 
ATOM   916  C  CA  . ARG A 1 141 ? -1.39657  18.42497  -4.80801  1.000 60.58694 ? 187 ARG A CA  1 
ATOM   917  C  C   . ARG A 1 141 ? -1.07912  17.97523  -6.23108  1.000 56.02640 ? 187 ARG A C   1 
ATOM   918  O  O   . ARG A 1 141 ? -0.39574  18.67615  -6.97504  1.000 56.68629 ? 187 ARG A O   1 
ATOM   919  C  CB  . ARG A 1 141 ? -1.68132  19.92735  -4.78518  1.000 65.36326 ? 187 ARG A CB  1 
ATOM   920  C  CG  . ARG A 1 141 ? -2.64173  20.35778  -3.68836  1.000 63.50915 ? 187 ARG A CG  1 
ATOM   921  C  CD  . ARG A 1 141 ? -1.89756  20.68776  -2.40390  1.000 63.85334 ? 187 ARG A CD  1 
ATOM   922  N  NE  . ARG A 1 141 ? -2.78965  20.70952  -1.24774  1.000 73.10700 ? 187 ARG A NE  1 
ATOM   923  C  CZ  . ARG A 1 141 ? -3.44567  21.78793  -0.82979  1.000 67.97771 ? 187 ARG A CZ  1 
ATOM   924  N  NH1 . ARG A 1 141 ? -3.30850  22.93966  -1.47450  1.000 60.54531 ? 187 ARG A NH1 1 
ATOM   925  N  NH2 . ARG A 1 141 ? -4.23795  21.71563  0.23333   1.000 58.83595 ? 187 ARG A NH2 1 
ATOM   926  N  N   . GLY A 1 147 ? -7.00217  20.70633  -8.75731  1.000 71.62028 ? 193 GLY A N   1 
ATOM   927  C  CA  . GLY A 1 147 ? -5.69563  20.24059  -8.32806  1.000 73.28533 ? 193 GLY A CA  1 
ATOM   928  C  C   . GLY A 1 147 ? -5.68046  19.70276  -6.90958  1.000 71.11755 ? 193 GLY A C   1 
ATOM   929  O  O   . GLY A 1 147 ? -5.08897  20.30383  -6.01088  1.000 72.58813 ? 193 GLY A O   1 
ATOM   930  N  N   . TYR A 1 148 ? -6.32854  18.56031  -6.70987  1.000 66.74234 ? 194 TYR A N   1 
ATOM   931  C  CA  . TYR A 1 148 ? -6.43143  17.95282  -5.39319  1.000 66.20243 ? 194 TYR A CA  1 
ATOM   932  C  C   . TYR A 1 148 ? -5.27169  16.98797  -5.14525  1.000 55.07760 ? 194 TYR A C   1 
ATOM   933  O  O   . TYR A 1 148 ? -4.49903  16.65051  -6.04570  1.000 54.47054 ? 194 TYR A O   1 
ATOM   934  C  CB  . TYR A 1 148 ? -7.77266  17.23274  -5.24512  1.000 60.15390 ? 194 TYR A CB  1 
ATOM   935  C  CG  . TYR A 1 148 ? -8.95569  18.17006  -5.18450  1.000 65.81215 ? 194 TYR A CG  1 
ATOM   936  C  CD1 . TYR A 1 148 ? -9.05466  19.12746  -4.18293  1.000 66.29994 ? 194 TYR A CD1 1 
ATOM   937  C  CD2 . TYR A 1 148 ? -9.97036  18.10277  -6.13088  1.000 70.25553 ? 194 TYR A CD2 1 
ATOM   938  C  CE1 . TYR A 1 148 ? -10.13130 19.98942  -4.12274  1.000 72.31883 ? 194 TYR A CE1 1 
ATOM   939  C  CE2 . TYR A 1 148 ? -11.05204 18.96042  -6.07982  1.000 69.25273 ? 194 TYR A CE2 1 
ATOM   940  C  CZ  . TYR A 1 148 ? -11.12724 19.90219  -5.07326  1.000 75.49775 ? 194 TYR A CZ  1 
ATOM   941  O  OH  . TYR A 1 148 ? -12.20117 20.76086  -5.01410  1.000 79.33952 ? 194 TYR A OH  1 
ATOM   942  N  N   . SER A 1 149 ? -5.15473  16.54774  -3.89594  1.000 50.76217 ? 195 SER A N   1 
ATOM   943  C  CA  . SER A 1 149 ? -4.12882  15.59400  -3.50705  1.000 45.81540 ? 195 SER A CA  1 
ATOM   944  C  C   . SER A 1 149 ? -4.67839  14.16984  -3.55549  1.000 42.90873 ? 195 SER A C   1 
ATOM   945  O  O   . SER A 1 149 ? -5.88364  13.94036  -3.68728  1.000 42.39452 ? 195 SER A O   1 
ATOM   946  C  CB  . SER A 1 149 ? -3.59930  15.91787  -2.10936  1.000 44.58779 ? 195 SER A CB  1 
ATOM   947  O  OG  . SER A 1 149 ? -4.52970  15.53441  -1.11224  1.000 40.34379 ? 195 SER A OG  1 
ATOM   948  N  N   . ALA A 1 150 ? -3.76909  13.19866  -3.44951  1.000 40.77343 ? 196 ALA A N   1 
ATOM   949  C  CA  . ALA A 1 150 ? -4.19493  11.80373  -3.46393  1.000 38.31707 ? 196 ALA A CA  1 
ATOM   950  C  C   . ALA A 1 150 ? -5.11902  11.50080  -2.29077  1.000 36.78137 ? 196 ALA A C   1 
ATOM   951  O  O   . ALA A 1 150 ? -6.15290  10.84468  -2.46171  1.000 36.89066 ? 196 ALA A O   1 
ATOM   952  C  CB  . ALA A 1 150 ? -2.97702  10.87959  -3.45659  1.000 34.73205 ? 196 ALA A CB  1 
ATOM   953  N  N   . GLY A 1 151 ? -4.77319  11.98424  -1.09307  1.000 35.69160 ? 197 GLY A N   1 
ATOM   954  C  CA  . GLY A 1 151 ? -5.64702  11.78989  0.05219   1.000 35.99512 ? 197 GLY A CA  1 
ATOM   955  C  C   . GLY A 1 151 ? -6.99121  12.47032  -0.10973  1.000 40.29895 ? 197 GLY A C   1 
ATOM   956  O  O   . GLY A 1 151 ? -8.00910  11.97844  0.38892   1.000 34.51663 ? 197 GLY A O   1 
ATOM   957  N  N   . GLU A 1 152 ? -7.02048  13.60065  -0.81694  1.000 40.44987 ? 198 GLU A N   1 
ATOM   958  C  CA  . GLU A 1 152 ? -8.27398  14.32363  -0.98619  1.000 40.64041 ? 198 GLU A CA  1 
ATOM   959  C  C   . GLU A 1 152 ? -9.21692  13.58694  -1.92749  1.000 39.51924 ? 198 GLU A C   1 
ATOM   960  O  O   . GLU A 1 152 ? -10.41886 13.48516  -1.65603  1.000 38.42847 ? 198 GLU A O   1 
ATOM   961  C  CB  . GLU A 1 152 ? -7.99943  15.73614  -1.49851  1.000 44.38259 ? 198 GLU A CB  1 
ATOM   962  C  CG  . GLU A 1 152 ? -7.95245  16.78810  -0.41050  1.000 44.65360 ? 198 GLU A CG  1 
ATOM   963  C  CD  . GLU A 1 152 ? -7.25861  18.05249  -0.86644  1.000 48.72642 ? 198 GLU A CD  1 
ATOM   964  O  OE1 . GLU A 1 152 ? -6.72753  18.06120  -1.99685  1.000 50.34697 ? 198 GLU A OE1 1 
ATOM   965  O  OE2 . GLU A 1 152 ? -7.23840  19.03380  -0.09359  1.000 49.82514 ? 198 GLU A OE2 1 
ATOM   966  N  N   . ARG A 1 153 ? -8.69973  13.05943  -3.03642  1.000 38.83417 ? 199 ARG A N   1 
ATOM   967  C  CA  . ARG A 1 153 ? -9.60016  12.44808  -4.00346  1.000 40.84531 ? 199 ARG A CA  1 
ATOM   968  C  C   . ARG A 1 153 ? -10.00101 11.02175  -3.63704  1.000 38.63385 ? 199 ARG A C   1 
ATOM   969  O  O   . ARG A 1 153 ? -11.02720 10.54709  -4.13325  1.000 39.27294 ? 199 ARG A O   1 
ATOM   970  C  CB  . ARG A 1 153 ? -8.99448  12.49385  -5.41252  1.000 45.52219 ? 199 ARG A CB  1 
ATOM   971  C  CG  . ARG A 1 153 ? -7.68956  11.74540  -5.60462  1.000 47.13000 ? 199 ARG A CG  1 
ATOM   972  C  CD  . ARG A 1 153 ? -6.98098  12.21886  -6.87407  1.000 42.40872 ? 199 ARG A CD  1 
ATOM   973  N  NE  . ARG A 1 153 ? -5.63874  11.65305  -7.00971  1.000 43.83634 ? 199 ARG A NE  1 
ATOM   974  C  CZ  . ARG A 1 153 ? -4.51319  12.35332  -6.89378  1.000 47.90094 ? 199 ARG A CZ  1 
ATOM   975  N  NH1 . ARG A 1 153 ? -4.56474  13.65319  -6.64379  1.000 48.85183 ? 199 ARG A NH1 1 
ATOM   976  N  NH2 . ARG A 1 153 ? -3.33437  11.75623  -7.02961  1.000 41.88422 ? 199 ARG A NH2 1 
ATOM   977  N  N   . ILE A 1 154 ? -9.25854  10.33146  -2.76501  1.000 36.76747 ? 200 ILE A N   1 
ATOM   978  C  CA  . ILE A 1 154 ? -9.72980  9.01159   -2.35234  1.000 37.76778 ? 200 ILE A CA  1 
ATOM   979  C  C   . ILE A 1 154 ? -10.97267 9.13860   -1.47880  1.000 37.35348 ? 200 ILE A C   1 
ATOM   980  O  O   . ILE A 1 154 ? -11.94318 8.39641   -1.65821  1.000 38.45685 ? 200 ILE A O   1 
ATOM   981  C  CB  . ILE A 1 154 ? -8.62772  8.18950   -1.65496  1.000 34.79209 ? 200 ILE A CB  1 
ATOM   982  C  CG1 . ILE A 1 154 ? -9.18583  6.80291   -1.30526  1.000 33.32510 ? 200 ILE A CG1 1 
ATOM   983  C  CG2 . ILE A 1 154 ? -8.09737  8.88989   -0.40474  1.000 33.92984 ? 200 ILE A CG2 1 
ATOM   984  C  CD1 . ILE A 1 154 ? -8.18742  5.86212   -0.67455  1.000 32.28549 ? 200 ILE A CD1 1 
ATOM   985  N  N   . VAL A 1 155 ? -10.98496 10.09181  -0.54201  1.000 36.40065 ? 201 VAL A N   1 
ATOM   986  C  CA  . VAL A 1 155 ? -12.17250 10.24063  0.29330   1.000 40.16021 ? 201 VAL A CA  1 
ATOM   987  C  C   . VAL A 1 155 ? -13.34803 10.74843  -0.53409  1.000 41.21654 ? 201 VAL A C   1 
ATOM   988  O  O   . VAL A 1 155 ? -14.50232 10.41332  -0.25010  1.000 40.45673 ? 201 VAL A O   1 
ATOM   989  C  CB  . VAL A 1 155 ? -11.89372 11.15276  1.50430   1.000 39.08062 ? 201 VAL A CB  1 
ATOM   990  C  CG1 . VAL A 1 155 ? -10.71465 10.63361  2.30787   1.000 37.69501 ? 201 VAL A CG1 1 
ATOM   991  C  CG2 . VAL A 1 155 ? -11.65448 12.58644  1.06879   1.000 40.19597 ? 201 VAL A CG2 1 
ATOM   992  N  N   . ASP A 1 156 ? -13.08581 11.54524  -1.57254  1.000 41.39293 ? 202 ASP A N   1 
ATOM   993  C  CA  . ASP A 1 156 ? -14.16810 11.96328  -2.45595  1.000 44.22029 ? 202 ASP A CA  1 
ATOM   994  C  C   . ASP A 1 156 ? -14.70459 10.78305  -3.25558  1.000 44.56607 ? 202 ASP A C   1 
ATOM   995  O  O   . ASP A 1 156 ? -15.92266 10.60579  -3.36958  1.000 45.61387 ? 202 ASP A O   1 
ATOM   996  C  CB  . ASP A 1 156 ? -13.68913 13.07539  -3.38774  1.000 47.67231 ? 202 ASP A CB  1 
ATOM   997  C  CG  . ASP A 1 156 ? -14.80167 13.61399  -4.27137  1.000 61.95375 ? 202 ASP A CG  1 
ATOM   998  O  OD1 . ASP A 1 156 ? -15.92231 13.83156  -3.75759  1.000 51.77897 ? 202 ASP A OD1 1 
ATOM   999  O  OD2 . ASP A 1 156 ? -14.55356 13.82271  -5.47917  1.000 43.97661 ? 202 ASP A OD2 1 
ATOM   1000 N  N   . ILE A 1 157 ? -13.80843 9.95708   -3.79997  1.000 43.35753 ? 203 ILE A N   1 
ATOM   1001 C  CA  . ILE A 1 157 ? -14.23294 8.79476   -4.57617  1.000 42.99798 ? 203 ILE A CA  1 
ATOM   1002 C  C   . ILE A 1 157 ? -15.08286 7.86602   -3.71783  1.000 44.40463 ? 203 ILE A C   1 
ATOM   1003 O  O   . ILE A 1 157 ? -16.15727 7.41588   -4.13380  1.000 45.96671 ? 203 ILE A O   1 
ATOM   1004 C  CB  . ILE A 1 157 ? -13.00828 8.06670   -5.16028  1.000 40.67320 ? 203 ILE A CB  1 
ATOM   1005 C  CG1 . ILE A 1 157 ? -12.46771 8.81933   -6.37528  1.000 39.68333 ? 203 ILE A CG1 1 
ATOM   1006 C  CG2 . ILE A 1 157 ? -13.35614 6.63606   -5.53567  1.000 41.18361 ? 203 ILE A CG2 1 
ATOM   1007 C  CD1 . ILE A 1 157 ? -11.05003 8.44664   -6.73834  1.000 37.84739 ? 203 ILE A CD1 1 
ATOM   1008 N  N   . ILE A 1 158 ? -14.62145 7.57905   -2.49781  1.000 43.21734 ? 204 ILE A N   1 
ATOM   1009 C  CA  . ILE A 1 158 ? -15.36374 6.67888   -1.62295  1.000 42.82577 ? 204 ILE A CA  1 
ATOM   1010 C  C   . ILE A 1 158 ? -16.66575 7.32222   -1.16289  1.000 45.25065 ? 204 ILE A C   1 
ATOM   1011 O  O   . ILE A 1 158 ? -17.68002 6.63325   -0.99854  1.000 47.70257 ? 204 ILE A O   1 
ATOM   1012 C  CB  . ILE A 1 158 ? -14.49338 6.24967   -0.42662  1.000 41.27011 ? 204 ILE A CB  1 
ATOM   1013 C  CG1 . ILE A 1 158 ? -13.13208 5.73187   -0.90078  1.000 39.57038 ? 204 ILE A CG1 1 
ATOM   1014 C  CG2 . ILE A 1 158 ? -15.20337 5.18691   0.39877   1.000 40.15617 ? 204 ILE A CG2 1 
ATOM   1015 C  CD1 . ILE A 1 158 ? -13.17530 4.37280   -1.55536  1.000 40.38808 ? 204 ILE A CD1 1 
ATOM   1016 N  N   . ALA A 1 159 ? -16.67255 8.64212   -0.95938  1.000 44.91379 ? 205 ALA A N   1 
ATOM   1017 C  CA  . ALA A 1 159 ? -17.88454 9.30970   -0.49045  1.000 45.53187 ? 205 ALA A CA  1 
ATOM   1018 C  C   . ALA A 1 159 ? -18.97443 9.29259   -1.55551  1.000 48.14161 ? 205 ALA A C   1 
ATOM   1019 O  O   . ALA A 1 159 ? -20.10569 8.86757   -1.29071  1.000 47.24235 ? 205 ALA A O   1 
ATOM   1020 C  CB  . ALA A 1 159 ? -17.57143 10.74328  -0.06766  1.000 41.99300 ? 205 ALA A CB  1 
ATOM   1021 N  N   . THR A 1 160 ? -18.65380 9.76129   -2.76662  1.000 48.93670 ? 206 THR A N   1 
ATOM   1022 C  CA  . THR A 1 160 ? -19.63247 9.75034   -3.84987  1.000 50.77330 ? 206 THR A CA  1 
ATOM   1023 C  C   . THR A 1 160 ? -20.13202 8.34078   -4.13789  1.000 53.14034 ? 206 THR A C   1 
ATOM   1024 O  O   . THR A 1 160 ? -21.28929 8.15982   -4.53235  1.000 56.15846 ? 206 THR A O   1 
ATOM   1025 C  CB  . THR A 1 160 ? -19.03306 10.36760  -5.11770  1.000 51.23352 ? 206 THR A CB  1 
ATOM   1026 O  OG1 . THR A 1 160 ? -17.99508 9.51872   -5.62551  1.000 57.52457 ? 206 THR A OG1 1 
ATOM   1027 C  CG2 . THR A 1 160 ? -18.46285 11.74877  -4.83329  1.000 50.24812 ? 206 THR A CG2 1 
ATOM   1028 N  N   . ASP A 1 161 ? -19.28576 7.33697   -3.93982  1.000 52.95895 ? 207 ASP A N   1 
ATOM   1029 C  CA  . ASP A 1 161 ? -19.67264 5.95147   -4.16182  1.000 56.05717 ? 207 ASP A CA  1 
ATOM   1030 C  C   . ASP A 1 161 ? -20.17497 5.31773   -2.86787  1.000 57.15595 ? 207 ASP A C   1 
ATOM   1031 O  O   . ASP A 1 161 ? -20.96105 5.91846   -2.13513  1.000 56.62859 ? 207 ASP A O   1 
ATOM   1032 C  CB  . ASP A 1 161 ? -18.49448 5.15643   -4.72681  1.000 56.97482 ? 207 ASP A CB  1 
ATOM   1033 C  CG  . ASP A 1 161 ? -18.76359 3.66696   -4.77252  1.000 64.03922 ? 207 ASP A CG  1 
ATOM   1034 O  OD1 . ASP A 1 161 ? -18.54106 2.98944   -3.74651  1.000 62.17156 ? 207 ASP A OD1 1 
ATOM   1035 O  OD2 . ASP A 1 161 ? -19.19076 3.17117   -5.83802  1.000 68.03042 ? 207 ASP A OD2 1 
HETATM 1036 C  CAA . WBV B 2 .   ? -0.02104  -16.63924 12.49755  1.000 36.52348 ? 301 WBV A CAA 1 
HETATM 1037 C  CAB . WBV B 2 .   ? -5.02820  -18.81493 8.29568   1.000 31.88494 ? 301 WBV A CAB 1 
HETATM 1038 C  CAC . WBV B 2 .   ? -3.58032  -21.32330 7.78781   1.000 37.90679 ? 301 WBV A CAC 1 
HETATM 1039 C  CAD . WBV B 2 .   ? -1.06025  -25.41112 12.20560  1.000 63.05842 ? 301 WBV A CAD 1 
HETATM 1040 C  CAE . WBV B 2 .   ? -0.82850  -14.09088 9.50507   1.000 33.33500 ? 301 WBV A CAE 1 
HETATM 1041 C  CAF . WBV B 2 .   ? -2.56286  -12.53801 10.40237  1.000 29.98312 ? 301 WBV A CAF 1 
HETATM 1042 C  CAG . WBV B 2 .   ? -0.16069  -12.29652 11.05525  1.000 32.52111 ? 301 WBV A CAG 1 
HETATM 1043 C  CAK . WBV B 2 .   ? -5.73439  -14.70962 8.50359   1.000 30.58154 ? 301 WBV A CAK 1 
HETATM 1044 C  CAL . WBV B 2 .   ? -6.74585  -15.29426 10.60147  1.000 31.45115 ? 301 WBV A CAL 1 
HETATM 1045 C  CAM . WBV B 2 .   ? -4.60934  -15.43970 8.84631   1.000 31.52897 ? 301 WBV A CAM 1 
HETATM 1046 C  CAN . WBV B 2 .   ? -5.62010  -16.03329 10.93997  1.000 32.69318 ? 301 WBV A CAN 1 
HETATM 1047 C  CAO . WBV B 2 .   ? -2.22973  -22.01421 11.59432  1.000 52.29686 ? 301 WBV A CAO 1 
HETATM 1048 C  CAP . WBV B 2 .   ? -0.76714  -23.43478 10.63255  1.000 53.50632 ? 301 WBV A CAP 1 
HETATM 1049 C  CAQ . WBV B 2 .   ? -0.94855  -21.14519 9.46332   1.000 43.67631 ? 301 WBV A CAQ 1 
HETATM 1050 C  CAU . WBV B 2 .   ? -3.02791  -15.15119 13.32320  1.000 33.28737 ? 301 WBV A CAU 1 
HETATM 1051 C  CAV . WBV B 2 .   ? -6.79949  -14.63779 9.38146   1.000 30.06708 ? 301 WBV A CAV 1 
HETATM 1052 C  CAW . WBV B 2 .   ? -1.13349  -17.11563 11.56192  1.000 35.87323 ? 301 WBV A CAW 1 
HETATM 1053 C  CAX . WBV B 2 .   ? -1.29991  -22.18166 10.53113  1.000 51.81834 ? 301 WBV A CAX 1 
HETATM 1054 C  CAY . WBV B 2 .   ? -3.67701  -19.07044 8.96445   1.000 36.50796 ? 301 WBV A CAY 1 
HETATM 1055 C  CAZ . WBV B 2 .   ? -3.10051  -20.19390 8.69499   1.000 38.57306 ? 301 WBV A CAZ 1 
HETATM 1056 C  CBA . WBV B 2 .   ? -4.54699  -16.09971 10.06236  1.000 31.10185 ? 301 WBV A CBA 1 
HETATM 1057 C  CBB . WBV B 2 .   ? -3.28449  -16.90172 10.39312  1.000 33.82089 ? 301 WBV A CBB 1 
HETATM 1058 C  CBC . WBV B 2 .   ? -2.32715  -16.33819 11.26838  1.000 32.00961 ? 301 WBV A CBC 1 
HETATM 1059 C  CBD . WBV B 2 .   ? -1.88438  -18.83700 10.16873  1.000 38.03556 ? 301 WBV A CBD 1 
HETATM 1060 C  CBE . WBV B 2 .   ? -3.09708  -18.11857 9.83270   1.000 35.60132 ? 301 WBV A CBE 1 
HETATM 1061 C  CBF . WBV B 2 .   ? -2.57436  -14.95091 11.87860  1.000 33.04155 ? 301 WBV A CBF 1 
HETATM 1062 C  CBI . WBV B 2 .   ? -1.27199  -13.28994 10.72714  1.000 32.77615 ? 301 WBV A CBI 1 
HETATM 1063 N  NAR . WBV B 2 .   ? -2.25079  -23.16632 12.32492  1.000 56.24172 ? 301 WBV A NAR 1 
HETATM 1064 N  NAS . WBV B 2 .   ? -1.00952  -18.32850 10.97178  1.000 37.12633 ? 301 WBV A NAS 1 
HETATM 1065 N  NBG . WBV B 2 .   ? -1.34802  -24.06517 11.74330  1.000 57.99023 ? 301 WBV A NBG 1 
HETATM 1066 N  NBH . WBV B 2 .   ? -1.96699  -20.11245 9.41807   1.000 38.79562 ? 301 WBV A NBH 1 
HETATM 1067 O  OAH . WBV B 2 .   ? -2.70990  -14.31696 14.21089  1.000 28.08542 ? 301 WBV A OAH 1 
HETATM 1068 O  OAI . WBV B 2 .   ? -3.71701  -16.16288 13.61504  1.000 34.95621 ? 301 WBV A OAI 1 
HETATM 1069 O  OAT . WBV B 2 .   ? -1.44750  -14.11515 11.84987  1.000 32.22911 ? 301 WBV A OAT 1 
HETATM 1070 CL CLA . WBV B 2 .   ? -8.23997  -13.69528 8.92489   1.000 33.10220 ? 301 WBV A CLA 1 
HETATM 1071 O  O   . HOH C 3 .   ? 12.33623  -5.43598  6.00957   1.000 39.70458 ? 401 HOH A O   1 
HETATM 1072 O  O   . HOH C 3 .   ? -0.94991  13.55390  -3.97557  1.000 37.74845 ? 402 HOH A O   1 
HETATM 1073 O  O   . HOH C 3 .   ? -0.25302  1.08992   6.31993   1.000 39.89638 ? 403 HOH A O   1 
HETATM 1074 O  O   . HOH C 3 .   ? 2.36561   -4.23983  8.36437   1.000 36.84720 ? 404 HOH A O   1 
HETATM 1075 O  O   . HOH C 3 .   ? 9.20512   2.26133   16.39323  1.000 38.37175 ? 405 HOH A O   1 
HETATM 1076 O  O   . HOH C 3 .   ? 18.37028  4.38410   1.45651   1.000 39.04911 ? 406 HOH A O   1 
HETATM 1077 O  O   . HOH C 3 .   ? -12.57882 -5.75874  2.53155   1.000 28.00292 ? 407 HOH A O   1 
HETATM 1078 O  O   . HOH C 3 .   ? 2.56520   -6.89804  7.51086   1.000 31.83801 ? 408 HOH A O   1 
HETATM 1079 O  O   . HOH C 3 .   ? 7.24146   2.28565   7.47280   1.000 29.85400 ? 409 HOH A O   1 
HETATM 1080 O  O   . HOH C 3 .   ? -4.43437  -17.36065 -4.44096  1.000 42.95167 ? 410 HOH A O   1 
HETATM 1081 O  O   . HOH C 3 .   ? 17.82671  0.14193   7.01477   1.000 39.72605 ? 411 HOH A O   1 
HETATM 1082 O  O   . HOH C 3 .   ? -9.42320  2.00426   -6.76252  1.000 33.57631 ? 412 HOH A O   1 
HETATM 1083 O  O   . HOH C 3 .   ? 15.38982  6.33007   -1.98286  1.000 41.09792 ? 413 HOH A O   1 
HETATM 1084 O  O   . HOH C 3 .   ? 2.70608   -12.63572 0.14410   1.000 31.07439 ? 414 HOH A O   1 
HETATM 1085 O  O   . HOH C 3 .   ? 6.99564   -0.12274  14.15232  1.000 38.63401 ? 415 HOH A O   1 
HETATM 1086 O  O   . HOH C 3 .   ? 1.88242   -1.44325  -5.41347  1.000 32.96921 ? 416 HOH A O   1 
HETATM 1087 O  O   . HOH C 3 .   ? -8.40516  -3.88023  10.19601  1.000 22.05368 ? 417 HOH A O   1 
HETATM 1088 O  O   . HOH C 3 .   ? 15.01118  3.72256   17.71065  1.000 42.83012 ? 418 HOH A O   1 
HETATM 1089 O  O   . HOH C 3 .   ? -13.08588 -3.40001  3.60985   1.000 26.24965 ? 419 HOH A O   1 
HETATM 1090 O  O   . HOH C 3 .   ? 3.97883   -13.20421 11.40621  1.000 43.63701 ? 420 HOH A O   1 
HETATM 1091 O  O   . HOH C 3 .   ? 0.79921   -20.11438 12.16724  1.000 42.31192 ? 421 HOH A O   1 
HETATM 1092 O  O   . HOH C 3 .   ? 17.39768  4.85647   18.18666  1.000 45.36488 ? 422 HOH A O   1 
HETATM 1093 O  O   . HOH C 3 .   ? 15.87011  0.32865   -5.73934  1.000 41.21451 ? 423 HOH A O   1 
HETATM 1094 O  O   . HOH C 3 .   ? 13.45323  0.69756   9.67794   1.000 32.81968 ? 424 HOH A O   1 
HETATM 1095 O  O   . HOH C 3 .   ? 4.87250   -4.04493  9.52056   1.000 44.81415 ? 425 HOH A O   1 
HETATM 1096 O  O   . HOH C 3 .   ? 4.57168   -17.69344 3.03097   1.000 41.78082 ? 426 HOH A O   1 
HETATM 1097 O  O   . HOH C 3 .   ? 16.68131  6.51035   0.15444   1.000 47.14335 ? 427 HOH A O   1 
HETATM 1098 O  O   . HOH C 3 .   ? 2.10746   20.77173  -3.00151  1.000 50.83840 ? 428 HOH A O   1 
HETATM 1099 O  O   . HOH C 3 .   ? 13.08210  -4.75746  8.72707   1.000 45.87371 ? 429 HOH A O   1 
# 
